data_3LVH
#
_entry.id   3LVH
#
_cell.length_a   229.711
_cell.length_b   229.711
_cell.length_c   512.269
_cell.angle_alpha   90.000
_cell.angle_beta   90.000
_cell.angle_gamma   90.000
#
_symmetry.space_group_name_H-M   'P 42 21 2'
#
loop_
_entity.id
_entity.type
_entity.pdbx_description
1 polymer 'Clathrin heavy chain 1'
2 polymer 'Clathrin light chain B'
#
loop_
_entity_poly.entity_id
_entity_poly.type
_entity_poly.pdbx_seq_one_letter_code
_entity_poly.pdbx_strand_id
1 'polypeptide(L)'
;MGSSHHHHHHSSGLVPRGSHMLKFDVNTSAVQVLIEHIGNLDRAYEFAERCNEPAVWSQLAKAQLQKGMVKEAIDSYIKA
DDPSSYMEVVQAANTSGNWEELVKYLQMARKKARESYVETELIFALAKTNRLAELEEFINGPNNAHIQQVGDRCYDEKMY
DAAKLLYNNVSNFGRLASTLVHLGEYQAAVDGARKANSTRTWKEVCFACVDGKEFRLAQMCGLHIVVHADELEELINYYQ
DRGYFEELITMLEAALGLERAHMGMFTELAILYSKFKPQKMREHLELFWSRVNIPKVLRAAEQAHLWAELVFLYDKYEEY
DNAIITMMNHPTDAWKEGQFKDIITKVANVELYYRAIQFYLEFKPLLLNDLLMVLSPRLDHTRAVNYFSKVKQLPLVKPY
LRSVQNHNNKSVNESLNNLFITEEDYQALRTSIDAYDNFDNISLAQRLEKHELIEFRRIAAYLFKGNNRWKQSVELCKKD
SLYKDAMQYASESKDTELAEELLQWFLQEEKRECFGACLFTCYDLLRPDVVLETAWRHNIMDFAMPYFIQVMKEYLTKVD
KLDASESLRKEEEQATETQPIVYGQPQLMLTAGPSVAVPPQAPFGYGYTAPAYGQPQPGFGYSM
;
A,B,C
2 'polypeptide(L)'
;MADDFGFFSSSESGAPEAAEEDPAAAFLAQQESEIAGIENDEGFGAPAGSQGGLAQPGPASGASEDMGATVNGDVFQEAN
GPADGYAAIAQADRLTQEPESIRKWREEQRKRLQELDAASKVMEQEWREKAKKDLEEWNQRQSEQVEKNKINNRIADKAF
YQQPDADII(UNK)(UNK)(UNK)(UNK)(UNK)(UNK)(UNK)(UNK)(UNK)(UNK)(UNK)(UNK)(UNK)(UNK)
(UNK)(UNK)(UNK)(UNK)(UNK)(UNK)(UNK)(UNK)(UNK)(UNK)(UNK)(UNK)(UNK)(UNK)(UNK)(UNK)
(UNK)(UNK)(UNK)(UNK)(UNK)(UNK)
;
D,E,F
#
# COMPACT_ATOMS: atom_id res chain seq x y z
N VAL A 26 -119.45 20.52 -152.21
CA VAL A 26 -118.43 21.11 -151.35
C VAL A 26 -117.08 20.42 -151.54
N ASN A 27 -116.23 21.01 -152.37
CA ASN A 27 -114.91 20.45 -152.64
C ASN A 27 -114.10 20.22 -151.36
N THR A 28 -114.69 20.56 -150.23
CA THR A 28 -114.01 20.44 -148.94
C THR A 28 -114.17 19.02 -148.37
N SER A 29 -114.31 18.05 -149.25
CA SER A 29 -114.46 16.66 -148.84
C SER A 29 -114.17 15.65 -149.95
N ALA A 30 -114.54 16.01 -151.17
CA ALA A 30 -114.31 15.15 -152.33
C ALA A 30 -112.84 14.78 -152.39
N VAL A 31 -112.03 15.45 -151.58
CA VAL A 31 -110.60 15.20 -151.55
C VAL A 31 -109.97 14.41 -150.40
N GLN A 32 -110.19 14.88 -149.18
CA GLN A 32 -109.76 14.16 -147.99
C GLN A 32 -110.27 12.72 -147.99
N VAL A 33 -111.20 12.44 -148.89
CA VAL A 33 -111.78 11.11 -148.99
C VAL A 33 -111.22 10.36 -150.21
N LEU A 34 -109.99 10.68 -150.57
CA LEU A 34 -109.33 10.02 -151.69
C LEU A 34 -108.40 8.91 -151.20
N ILE A 35 -108.85 8.16 -150.20
CA ILE A 35 -108.07 7.06 -149.64
C ILE A 35 -107.11 6.53 -150.72
N GLU A 36 -106.06 5.86 -150.27
CA GLU A 36 -105.12 5.24 -151.20
C GLU A 36 -105.88 4.41 -152.23
N HIS A 37 -107.15 4.11 -151.92
CA HIS A 37 -107.99 3.33 -152.81
C HIS A 37 -108.94 4.23 -153.58
N ILE A 38 -109.17 5.43 -153.05
CA ILE A 38 -110.06 6.39 -153.70
C ILE A 38 -109.28 7.50 -154.38
N GLY A 39 -107.95 7.44 -154.24
CA GLY A 39 -107.08 8.43 -154.85
C GLY A 39 -105.78 7.82 -155.35
N ASN A 40 -105.58 7.87 -156.66
CA ASN A 40 -104.37 7.32 -157.26
C ASN A 40 -103.72 8.27 -158.27
N LEU A 41 -102.46 8.61 -158.03
CA LEU A 41 -101.73 9.52 -158.89
C LEU A 41 -102.30 10.85 -159.36
N ASP A 42 -102.15 11.14 -160.65
CA ASP A 42 -102.65 12.35 -161.24
C ASP A 42 -104.16 12.40 -161.08
N ARG A 43 -104.64 12.10 -159.89
CA ARG A 43 -106.07 12.18 -159.58
C ARG A 43 -106.08 12.80 -158.17
N ALA A 44 -105.44 12.10 -157.23
CA ALA A 44 -105.55 12.39 -155.80
C ALA A 44 -105.30 13.87 -155.52
N TYR A 45 -104.33 14.45 -156.23
CA TYR A 45 -104.00 15.85 -156.05
C TYR A 45 -104.65 16.72 -157.12
N GLU A 46 -105.62 16.15 -157.82
CA GLU A 46 -106.32 16.87 -158.88
C GLU A 46 -107.64 17.45 -158.37
N PHE A 47 -108.08 16.97 -157.22
CA PHE A 47 -109.33 17.44 -156.62
C PHE A 47 -109.10 17.95 -155.20
N ALA A 48 -107.94 18.55 -154.97
CA ALA A 48 -107.60 19.08 -153.66
C ALA A 48 -107.48 20.60 -153.69
N GLU A 49 -107.25 21.15 -154.88
CA GLU A 49 -107.13 22.59 -155.05
C GLU A 49 -108.49 23.28 -154.98
N ARG A 50 -109.54 22.49 -155.12
CA ARG A 50 -110.91 23.02 -155.07
C ARG A 50 -111.38 23.18 -153.62
N CYS A 51 -110.92 22.29 -152.76
CA CYS A 51 -111.30 22.34 -151.34
C CYS A 51 -110.32 23.18 -150.54
N ASN A 52 -110.52 23.22 -149.23
CA ASN A 52 -109.66 23.98 -148.33
C ASN A 52 -109.06 23.12 -147.23
N GLU A 53 -109.89 22.76 -146.25
CA GLU A 53 -109.43 21.94 -145.15
C GLU A 53 -110.04 20.92 -144.19
N PRO A 54 -111.18 20.35 -144.59
CA PRO A 54 -112.31 19.82 -143.83
C PRO A 54 -112.00 18.46 -143.20
N ALA A 55 -111.74 18.45 -141.90
CA ALA A 55 -111.44 17.20 -141.20
C ALA A 55 -110.08 16.63 -141.64
N VAL A 56 -109.74 15.47 -141.12
CA VAL A 56 -108.47 14.81 -141.46
C VAL A 56 -107.06 15.36 -141.32
N TRP A 57 -106.67 15.67 -140.09
CA TRP A 57 -105.51 16.52 -139.78
C TRP A 57 -104.38 15.68 -139.18
N SER A 58 -104.74 14.60 -138.50
CA SER A 58 -103.75 13.72 -137.88
C SER A 58 -103.40 12.56 -138.80
N GLN A 59 -104.34 12.19 -139.65
CA GLN A 59 -104.13 11.09 -140.60
C GLN A 59 -103.57 11.60 -141.92
N LEU A 60 -103.80 12.87 -142.20
CA LEU A 60 -103.31 13.50 -143.43
C LEU A 60 -101.83 13.83 -143.32
N ALA A 61 -101.37 14.08 -142.11
CA ALA A 61 -99.96 14.41 -141.88
C ALA A 61 -99.09 13.17 -141.93
N LYS A 62 -99.69 12.02 -141.66
CA LYS A 62 -98.96 10.75 -141.68
C LYS A 62 -98.85 10.20 -143.10
N ALA A 63 -99.82 10.55 -143.94
CA ALA A 63 -99.82 10.10 -145.33
C ALA A 63 -99.12 11.09 -146.23
N GLN A 64 -99.19 12.37 -145.88
CA GLN A 64 -98.54 13.42 -146.66
C GLN A 64 -97.09 13.61 -146.24
N LEU A 65 -96.67 12.86 -145.23
CA LEU A 65 -95.29 12.94 -144.74
C LEU A 65 -94.49 11.72 -145.15
N GLN A 66 -95.19 10.67 -145.57
CA GLN A 66 -94.53 9.43 -145.98
C GLN A 66 -94.63 9.25 -147.50
N LYS A 67 -95.44 10.08 -148.14
CA LYS A 67 -95.62 10.01 -149.58
C LYS A 67 -95.40 11.36 -150.23
N GLY A 68 -94.15 11.64 -150.62
CA GLY A 68 -93.81 12.90 -151.26
C GLY A 68 -93.53 14.00 -150.25
N MET A 69 -93.25 15.20 -150.75
CA MET A 69 -92.97 16.33 -149.89
C MET A 69 -93.92 17.49 -150.17
N VAL A 70 -94.88 17.69 -149.26
CA VAL A 70 -95.86 18.76 -149.42
C VAL A 70 -96.06 19.51 -148.11
N LYS A 71 -96.23 18.76 -147.03
CA LYS A 71 -96.44 19.35 -145.71
C LYS A 71 -96.45 20.85 -145.45
N GLU A 72 -95.44 21.55 -145.96
CA GLU A 72 -95.43 23.00 -146.06
C GLU A 72 -96.74 23.52 -146.65
N ALA A 73 -97.30 22.76 -147.59
CA ALA A 73 -98.55 23.14 -148.23
C ALA A 73 -99.73 22.45 -147.57
N ILE A 74 -99.59 21.15 -147.31
CA ILE A 74 -100.64 20.38 -146.67
C ILE A 74 -100.72 20.68 -145.18
N ASP A 75 -99.79 21.48 -144.70
CA ASP A 75 -99.74 21.85 -143.29
C ASP A 75 -99.93 23.36 -143.10
N SER A 76 -100.22 24.05 -144.20
CA SER A 76 -100.43 25.49 -144.16
C SER A 76 -101.78 25.87 -144.76
N TYR A 77 -102.68 24.90 -144.84
CA TYR A 77 -104.01 25.13 -145.40
C TYR A 77 -105.04 24.22 -144.74
N ILE A 78 -104.69 23.65 -143.59
CA ILE A 78 -105.58 22.76 -142.87
C ILE A 78 -105.57 23.05 -141.37
N LYS A 79 -104.68 23.96 -140.96
CA LYS A 79 -104.56 24.32 -139.56
C LYS A 79 -105.68 25.36 -139.68
N ALA A 80 -106.92 24.87 -139.65
CA ALA A 80 -108.13 25.60 -139.31
C ALA A 80 -108.79 25.03 -138.05
N ASP A 81 -109.70 24.08 -138.26
CA ASP A 81 -110.40 23.45 -137.14
C ASP A 81 -109.42 23.00 -136.06
N ASP A 82 -108.64 21.97 -136.37
CA ASP A 82 -107.66 21.45 -135.42
C ASP A 82 -106.90 20.27 -136.01
N PRO A 83 -105.69 20.04 -135.50
CA PRO A 83 -104.86 18.93 -135.98
C PRO A 83 -104.55 17.92 -134.87
N SER A 84 -103.60 17.04 -135.11
CA SER A 84 -103.21 16.03 -134.14
C SER A 84 -101.94 15.37 -134.65
N SER A 85 -101.55 14.27 -134.01
CA SER A 85 -100.24 13.66 -134.19
C SER A 85 -99.43 14.20 -133.01
N TYR A 86 -98.50 14.17 -132.57
CA TYR A 86 -97.18 14.08 -131.98
C TYR A 86 -95.83 13.97 -132.66
N MET A 87 -95.08 12.91 -132.34
CA MET A 87 -93.76 12.69 -132.92
C MET A 87 -93.77 12.95 -134.42
N GLU A 88 -94.82 12.49 -135.09
CA GLU A 88 -94.95 12.65 -136.53
C GLU A 88 -94.89 13.98 -137.29
N VAL A 89 -95.82 14.88 -136.96
CA VAL A 89 -95.76 16.28 -137.34
C VAL A 89 -94.57 16.98 -136.70
N VAL A 90 -94.41 16.80 -135.39
CA VAL A 90 -93.31 17.42 -134.65
C VAL A 90 -91.99 17.27 -135.41
N GLN A 91 -91.46 16.05 -135.45
CA GLN A 91 -90.21 15.78 -136.13
C GLN A 91 -90.24 16.29 -137.57
N ALA A 92 -91.29 15.94 -138.29
CA ALA A 92 -91.44 16.34 -139.69
C ALA A 92 -91.06 17.80 -139.87
N ALA A 93 -91.67 18.68 -139.08
CA ALA A 93 -91.40 20.11 -139.16
C ALA A 93 -90.05 20.45 -138.55
N ASN A 94 -89.04 20.59 -139.41
CA ASN A 94 -87.69 20.93 -138.97
C ASN A 94 -86.68 20.89 -140.11
N THR A 95 -86.66 19.79 -140.84
CA THR A 95 -85.74 19.63 -141.96
C THR A 95 -86.12 20.54 -143.12
N SER A 96 -87.37 20.46 -143.56
CA SER A 96 -87.85 21.28 -144.67
C SER A 96 -87.70 22.76 -144.35
N GLY A 97 -87.25 23.06 -143.14
CA GLY A 97 -87.05 24.43 -142.71
C GLY A 97 -88.35 25.11 -142.30
N ASN A 98 -89.31 24.29 -141.86
CA ASN A 98 -90.61 24.80 -141.43
C ASN A 98 -90.49 25.10 -139.94
N TRP A 99 -89.66 26.07 -139.59
CA TRP A 99 -89.54 26.53 -138.21
C TRP A 99 -90.44 27.73 -137.96
N GLU A 100 -89.98 28.91 -138.36
CA GLU A 100 -90.75 30.14 -138.18
C GLU A 100 -92.28 30.24 -138.24
N GLU A 101 -92.90 29.42 -139.07
CA GLU A 101 -94.32 29.10 -139.02
C GLU A 101 -94.59 27.92 -138.09
N LEU A 102 -93.62 27.02 -137.99
CA LEU A 102 -93.75 25.85 -137.14
C LEU A 102 -93.98 26.26 -135.68
N VAL A 103 -93.11 27.13 -135.17
CA VAL A 103 -93.21 27.60 -133.80
C VAL A 103 -94.57 28.26 -133.54
N LYS A 104 -95.11 28.89 -134.58
CA LYS A 104 -96.40 29.56 -134.47
C LYS A 104 -97.54 28.54 -134.49
N TYR A 105 -97.35 27.45 -135.23
CA TYR A 105 -98.35 26.41 -135.34
C TYR A 105 -98.73 25.87 -133.96
N LEU A 106 -97.82 25.98 -133.02
CA LEU A 106 -98.05 25.51 -131.66
C LEU A 106 -98.74 26.58 -130.81
N GLN A 107 -98.48 27.84 -131.15
CA GLN A 107 -99.07 28.96 -130.42
C GLN A 107 -100.54 28.68 -130.08
N MET A 108 -101.22 27.98 -130.99
CA MET A 108 -102.63 27.65 -130.79
C MET A 108 -102.78 26.28 -130.14
N ALA A 109 -101.77 25.86 -129.39
CA ALA A 109 -101.79 24.57 -128.72
C ALA A 109 -101.76 24.74 -127.20
N ARG A 110 -101.11 25.80 -126.74
CA ARG A 110 -101.01 26.08 -125.31
C ARG A 110 -102.35 26.51 -124.74
N LYS A 111 -102.97 27.50 -125.36
CA LYS A 111 -104.26 28.01 -124.92
C LYS A 111 -105.23 26.88 -124.56
N LYS A 112 -105.09 25.75 -125.25
CA LYS A 112 -106.08 24.73 -125.57
C LYS A 112 -105.54 23.34 -125.29
N ALA A 113 -104.23 23.16 -125.44
CA ALA A 113 -103.58 21.88 -125.19
C ALA A 113 -102.26 22.06 -124.45
N ARG A 114 -101.87 23.31 -124.25
CA ARG A 114 -100.63 23.62 -123.55
C ARG A 114 -100.09 22.40 -122.82
N GLU A 115 -99.08 21.76 -123.41
CA GLU A 115 -98.47 20.57 -122.82
C GLU A 115 -97.04 20.38 -123.32
N SER A 116 -96.33 19.43 -122.71
CA SER A 116 -94.96 19.14 -123.09
C SER A 116 -94.34 18.72 -124.42
N TYR A 117 -94.68 17.52 -124.87
CA TYR A 117 -94.56 17.06 -126.26
C TYR A 117 -95.21 18.00 -127.29
N VAL A 118 -96.12 18.86 -126.84
CA VAL A 118 -96.78 19.85 -127.68
C VAL A 118 -96.53 21.32 -127.30
N GLU A 119 -96.46 21.63 -126.00
CA GLU A 119 -95.92 22.89 -125.50
C GLU A 119 -94.42 22.72 -125.22
N THR A 120 -94.02 21.63 -124.56
CA THR A 120 -92.59 21.40 -124.31
C THR A 120 -91.97 21.41 -125.69
N GLU A 121 -92.83 21.24 -126.69
CA GLU A 121 -92.40 21.26 -128.08
C GLU A 121 -92.35 22.72 -128.51
N LEU A 122 -93.32 23.51 -128.07
CA LEU A 122 -93.32 24.92 -128.41
C LEU A 122 -92.03 25.47 -127.82
N ILE A 123 -91.75 25.08 -126.58
CA ILE A 123 -90.53 25.50 -125.89
C ILE A 123 -89.36 25.08 -126.76
N PHE A 124 -89.22 23.77 -126.94
CA PHE A 124 -88.17 23.19 -127.76
C PHE A 124 -88.08 23.99 -129.06
N ALA A 125 -89.21 24.08 -129.75
CA ALA A 125 -89.31 24.81 -131.00
C ALA A 125 -88.87 26.25 -130.82
N LEU A 126 -89.47 26.93 -129.83
CA LEU A 126 -89.11 28.32 -129.56
C LEU A 126 -87.62 28.42 -129.33
N ALA A 127 -87.07 27.51 -128.53
CA ALA A 127 -85.64 27.49 -128.23
C ALA A 127 -84.90 27.70 -129.55
N LYS A 128 -85.40 27.06 -130.60
CA LYS A 128 -84.80 27.17 -131.92
C LYS A 128 -85.48 28.06 -132.95
N THR A 129 -86.14 29.11 -132.47
CA THR A 129 -87.02 29.94 -133.29
C THR A 129 -86.90 31.45 -133.18
N ASN A 130 -87.30 32.00 -132.05
CA ASN A 130 -87.22 33.43 -131.80
C ASN A 130 -86.97 33.60 -130.30
N ARG A 131 -86.72 34.84 -129.88
CA ARG A 131 -86.02 35.23 -128.66
C ARG A 131 -86.68 36.44 -128.01
N LEU A 132 -87.24 37.32 -128.84
CA LEU A 132 -87.91 38.56 -128.33
C LEU A 132 -88.92 38.72 -127.24
N ALA A 133 -90.10 38.10 -127.41
CA ALA A 133 -91.07 37.84 -126.35
C ALA A 133 -90.92 36.37 -125.88
N GLU A 134 -89.83 35.73 -126.30
CA GLU A 134 -89.56 34.34 -125.94
C GLU A 134 -89.00 34.23 -124.52
N LEU A 135 -89.32 35.20 -123.67
CA LEU A 135 -88.87 35.19 -122.29
C LEU A 135 -89.81 36.02 -121.44
N GLU A 136 -90.97 36.35 -122.00
CA GLU A 136 -91.97 37.14 -121.30
C GLU A 136 -93.16 36.25 -120.96
N GLU A 137 -93.39 35.24 -121.78
CA GLU A 137 -94.51 34.31 -121.57
C GLU A 137 -94.04 32.98 -121.01
N PHE A 138 -92.74 32.70 -121.10
CA PHE A 138 -92.21 31.46 -120.55
C PHE A 138 -92.39 31.50 -119.03
N ILE A 139 -93.09 32.53 -118.57
CA ILE A 139 -93.27 32.77 -117.15
C ILE A 139 -94.75 32.80 -116.79
N ASN A 140 -95.60 32.94 -117.81
CA ASN A 140 -97.05 33.00 -117.59
C ASN A 140 -97.76 31.75 -118.11
N GLY A 141 -97.47 31.40 -119.36
CA GLY A 141 -98.08 30.23 -119.98
C GLY A 141 -97.08 29.13 -120.24
N PRO A 142 -96.48 28.62 -119.17
CA PRO A 142 -95.48 27.55 -119.29
C PRO A 142 -95.87 26.33 -118.46
N ASN A 143 -95.75 26.43 -117.14
CA ASN A 143 -96.08 25.33 -116.24
C ASN A 143 -95.83 23.97 -116.89
N ASN A 144 -96.88 23.17 -116.99
CA ASN A 144 -96.78 21.83 -117.58
C ASN A 144 -96.03 21.64 -118.88
N ALA A 145 -95.15 20.64 -118.91
CA ALA A 145 -94.17 20.46 -119.98
C ALA A 145 -93.55 19.23 -119.33
N HIS A 146 -92.86 18.74 -119.32
CA HIS A 146 -91.84 18.05 -118.55
C HIS A 146 -90.68 18.98 -118.23
N ILE A 147 -90.64 19.49 -117.01
CA ILE A 147 -89.57 20.39 -116.58
C ILE A 147 -88.22 19.73 -116.36
N GLN A 148 -88.15 18.42 -116.57
CA GLN A 148 -86.90 17.71 -116.40
C GLN A 148 -85.89 17.78 -117.55
N GLN A 149 -86.29 17.35 -118.75
CA GLN A 149 -85.48 17.55 -119.94
C GLN A 149 -85.19 19.03 -120.15
N VAL A 150 -86.02 19.88 -119.54
CA VAL A 150 -85.84 21.32 -119.63
C VAL A 150 -84.42 21.62 -119.15
N GLY A 151 -84.19 21.42 -117.86
CA GLY A 151 -82.88 21.67 -117.30
C GLY A 151 -81.77 21.02 -118.09
N ASP A 152 -81.96 19.75 -118.45
CA ASP A 152 -80.96 19.01 -119.20
C ASP A 152 -80.67 19.65 -120.54
N ARG A 153 -81.74 19.86 -121.33
CA ARG A 153 -81.59 20.47 -122.64
C ARG A 153 -81.09 21.90 -122.48
N CYS A 154 -81.61 22.61 -121.50
CA CYS A 154 -81.20 23.98 -121.24
C CYS A 154 -79.71 23.95 -120.90
N TYR A 155 -79.30 22.90 -120.19
CA TYR A 155 -77.90 22.73 -119.81
C TYR A 155 -77.12 22.38 -121.06
N ASP A 156 -77.79 21.73 -122.01
CA ASP A 156 -77.16 21.35 -123.26
C ASP A 156 -77.16 22.55 -124.20
N GLU A 157 -78.12 23.45 -123.97
CA GLU A 157 -78.26 24.65 -124.77
C GLU A 157 -78.27 25.83 -123.81
N LYS A 158 -77.08 26.29 -123.46
CA LYS A 158 -76.92 27.38 -122.49
C LYS A 158 -77.16 28.83 -122.91
N MET A 159 -78.06 29.46 -122.18
CA MET A 159 -78.45 30.86 -122.34
C MET A 159 -78.68 30.83 -120.83
N TYR A 160 -77.95 31.68 -120.14
CA TYR A 160 -78.16 32.05 -118.73
C TYR A 160 -79.34 32.93 -118.33
N ASP A 161 -79.91 33.67 -119.26
CA ASP A 161 -81.02 34.57 -118.93
C ASP A 161 -82.30 33.89 -118.46
N ALA A 162 -82.34 32.56 -118.47
CA ALA A 162 -83.53 31.85 -118.03
C ALA A 162 -83.25 30.70 -117.08
N ALA A 163 -81.99 30.57 -116.66
CA ALA A 163 -81.61 29.51 -115.73
C ALA A 163 -81.95 29.88 -114.29
N LYS A 164 -82.76 30.91 -114.14
CA LYS A 164 -83.11 31.48 -112.84
C LYS A 164 -84.61 31.52 -113.07
N LEU A 165 -85.03 32.40 -113.98
CA LEU A 165 -86.44 32.77 -114.14
C LEU A 165 -87.22 31.48 -114.29
N LEU A 166 -86.49 30.36 -114.30
CA LEU A 166 -87.06 29.03 -114.42
C LEU A 166 -86.51 28.16 -113.31
N TYR A 167 -85.22 28.30 -113.02
CA TYR A 167 -84.58 27.56 -111.95
C TYR A 167 -85.18 27.97 -110.61
N ASN A 168 -85.85 29.12 -110.61
CA ASN A 168 -86.50 29.63 -109.41
C ASN A 168 -87.95 29.17 -109.44
N ASN A 169 -88.18 28.11 -110.21
CA ASN A 169 -89.48 27.49 -110.40
C ASN A 169 -89.14 26.05 -110.74
N VAL A 170 -87.88 25.68 -110.51
CA VAL A 170 -87.39 24.37 -110.89
C VAL A 170 -86.24 23.93 -109.98
N SER A 171 -85.39 23.05 -110.49
CA SER A 171 -84.25 22.54 -109.73
C SER A 171 -82.93 22.84 -110.43
N ASN A 172 -81.99 21.91 -110.33
CA ASN A 172 -80.68 22.07 -110.95
C ASN A 172 -79.35 22.65 -111.42
N PHE A 173 -78.64 23.31 -110.50
CA PHE A 173 -77.86 24.46 -110.07
C PHE A 173 -76.40 24.33 -110.52
N GLY A 174 -75.80 23.19 -110.25
CA GLY A 174 -74.41 22.95 -110.61
C GLY A 174 -74.40 22.96 -112.12
N ARG A 175 -75.49 22.47 -112.68
CA ARG A 175 -75.70 22.41 -114.11
C ARG A 175 -76.12 23.82 -114.54
N LEU A 176 -75.74 24.80 -113.72
CA LEU A 176 -76.03 26.20 -113.95
C LEU A 176 -74.73 26.97 -113.83
N ALA A 177 -73.89 26.57 -112.89
CA ALA A 177 -72.60 27.20 -112.66
C ALA A 177 -71.48 26.61 -113.49
N SER A 178 -71.84 25.96 -114.61
CA SER A 178 -70.87 25.21 -115.40
C SER A 178 -71.15 25.58 -116.86
N THR A 179 -72.28 25.14 -117.40
CA THR A 179 -72.61 25.46 -118.78
C THR A 179 -72.98 26.86 -119.26
N LEU A 180 -71.96 27.55 -119.78
CA LEU A 180 -72.00 28.91 -120.31
C LEU A 180 -70.81 29.35 -119.47
N VAL A 181 -70.27 30.52 -119.77
CA VAL A 181 -69.12 31.03 -119.06
C VAL A 181 -69.64 32.45 -118.88
N HIS A 182 -68.76 33.35 -118.45
CA HIS A 182 -69.14 34.72 -118.15
C HIS A 182 -69.84 34.37 -116.84
N LEU A 183 -69.84 33.05 -116.59
CA LEU A 183 -70.48 32.42 -115.46
C LEU A 183 -71.93 32.82 -115.56
N GLY A 184 -72.64 32.74 -114.46
CA GLY A 184 -74.01 33.19 -114.47
C GLY A 184 -73.77 34.62 -114.03
N GLU A 185 -72.47 34.91 -113.93
CA GLU A 185 -71.94 36.19 -113.50
C GLU A 185 -71.96 36.31 -111.99
N TYR A 186 -71.97 37.55 -111.53
CA TYR A 186 -72.14 37.86 -110.12
C TYR A 186 -73.65 37.74 -109.85
N GLN A 187 -74.34 37.10 -110.79
CA GLN A 187 -75.77 36.89 -110.72
C GLN A 187 -76.14 35.44 -110.38
N ALA A 188 -75.17 34.66 -109.90
CA ALA A 188 -75.41 33.26 -109.57
C ALA A 188 -74.99 32.84 -108.17
N ALA A 189 -74.42 33.77 -107.41
CA ALA A 189 -73.80 33.47 -106.14
C ALA A 189 -74.77 33.78 -105.01
N VAL A 190 -75.40 34.96 -105.10
CA VAL A 190 -76.36 35.40 -104.10
C VAL A 190 -77.50 34.39 -103.91
N ASP A 191 -77.45 33.32 -104.71
CA ASP A 191 -78.53 32.34 -104.82
C ASP A 191 -77.92 30.98 -105.14
N GLY A 192 -76.61 30.88 -104.97
CA GLY A 192 -75.91 29.63 -105.25
C GLY A 192 -75.38 28.91 -104.02
N ALA A 193 -74.22 29.32 -103.55
CA ALA A 193 -73.62 28.71 -102.37
C ALA A 193 -74.50 28.94 -101.15
N ARG A 194 -75.59 29.67 -101.34
CA ARG A 194 -76.52 29.97 -100.26
C ARG A 194 -77.09 28.69 -99.66
N LYS A 195 -77.43 27.73 -100.51
CA LYS A 195 -77.98 26.45 -100.06
C LYS A 195 -76.89 25.42 -99.91
N ALA A 196 -75.64 25.83 -100.14
CA ALA A 196 -74.50 24.93 -100.03
C ALA A 196 -74.53 23.49 -100.55
N ASN A 197 -74.52 23.34 -101.86
CA ASN A 197 -74.77 22.07 -102.53
C ASN A 197 -73.60 21.10 -102.39
N SER A 198 -73.70 19.96 -103.05
CA SER A 198 -72.65 18.95 -103.00
C SER A 198 -71.33 19.51 -103.53
N THR A 199 -70.31 19.48 -102.68
CA THR A 199 -68.99 19.94 -103.10
C THR A 199 -68.56 19.62 -104.53
N ARG A 200 -68.06 20.62 -105.25
CA ARG A 200 -67.85 20.54 -106.69
C ARG A 200 -68.84 21.39 -107.49
N THR A 201 -68.45 21.78 -108.70
CA THR A 201 -68.89 22.96 -109.44
C THR A 201 -68.18 24.19 -108.90
N TRP A 202 -67.60 24.05 -107.72
CA TRP A 202 -66.83 25.12 -107.10
C TRP A 202 -65.34 24.92 -107.39
N LYS A 203 -64.89 23.67 -107.26
CA LYS A 203 -63.50 23.34 -107.59
C LYS A 203 -63.25 23.88 -108.98
N GLU A 204 -64.31 24.45 -109.57
CA GLU A 204 -64.29 24.96 -110.93
C GLU A 204 -64.37 26.49 -110.95
N VAL A 205 -65.49 27.01 -110.47
CA VAL A 205 -65.76 28.45 -110.43
C VAL A 205 -64.99 29.69 -110.01
N CYS A 206 -64.54 29.72 -108.76
CA CYS A 206 -63.45 30.55 -108.25
C CYS A 206 -62.10 30.01 -108.71
N PHE A 207 -62.05 28.73 -109.08
CA PHE A 207 -60.80 28.19 -109.60
C PHE A 207 -60.61 29.03 -110.83
N ALA A 208 -61.50 28.82 -111.81
CA ALA A 208 -61.49 29.50 -113.09
C ALA A 208 -61.52 31.03 -112.96
N CYS A 209 -61.58 31.52 -111.73
CA CYS A 209 -61.71 32.96 -111.49
C CYS A 209 -60.42 33.75 -111.33
N VAL A 210 -59.59 33.35 -110.36
CA VAL A 210 -58.28 33.96 -110.14
C VAL A 210 -57.33 34.22 -111.30
N ASP A 211 -57.28 33.27 -112.24
CA ASP A 211 -56.58 33.46 -113.50
C ASP A 211 -57.25 34.52 -114.36
N GLY A 212 -58.56 34.38 -114.56
CA GLY A 212 -59.32 35.33 -115.35
C GLY A 212 -60.42 36.00 -114.55
N LYS A 213 -60.68 37.26 -114.85
CA LYS A 213 -61.71 38.02 -114.16
C LYS A 213 -61.10 38.53 -112.86
N GLU A 214 -60.27 39.56 -112.97
CA GLU A 214 -59.68 40.20 -111.79
C GLU A 214 -60.61 41.25 -111.20
N PHE A 215 -61.91 40.97 -111.22
CA PHE A 215 -62.90 41.89 -110.68
C PHE A 215 -62.89 41.61 -109.18
N ARG A 216 -62.22 40.51 -108.83
CA ARG A 216 -62.11 40.05 -107.45
C ARG A 216 -63.50 39.51 -107.11
N LEU A 217 -64.11 38.85 -108.10
CA LEU A 217 -65.38 38.17 -107.92
C LEU A 217 -65.25 36.82 -107.23
N ALA A 218 -64.05 36.50 -106.78
CA ALA A 218 -63.80 35.19 -106.19
C ALA A 218 -63.29 35.32 -104.76
N GLN A 219 -63.75 36.38 -104.11
CA GLN A 219 -63.42 36.64 -102.71
C GLN A 219 -64.77 36.72 -102.04
N MET A 220 -65.76 37.08 -102.84
CA MET A 220 -67.13 37.16 -102.38
C MET A 220 -67.55 35.70 -102.46
N CYS A 221 -67.28 35.10 -103.60
CA CYS A 221 -67.61 33.70 -103.86
C CYS A 221 -66.69 32.84 -103.00
N GLY A 222 -65.75 33.48 -102.31
CA GLY A 222 -64.83 32.77 -101.45
C GLY A 222 -65.54 32.24 -100.22
N LEU A 223 -65.68 33.08 -99.20
CA LEU A 223 -66.38 32.68 -97.98
C LEU A 223 -67.73 32.15 -98.39
N HIS A 224 -68.10 32.49 -99.62
CA HIS A 224 -69.37 32.09 -100.20
C HIS A 224 -69.54 30.59 -100.44
N ILE A 225 -68.71 30.05 -101.33
CA ILE A 225 -68.69 28.61 -101.59
C ILE A 225 -68.14 27.81 -100.42
N VAL A 226 -67.28 28.42 -99.62
CA VAL A 226 -66.69 27.75 -98.46
C VAL A 226 -67.77 27.32 -97.47
N VAL A 227 -68.46 28.30 -96.90
CA VAL A 227 -69.52 28.04 -95.93
C VAL A 227 -69.65 26.54 -95.66
N HIS A 228 -68.66 25.97 -94.98
CA HIS A 228 -68.67 24.55 -94.66
C HIS A 228 -68.09 24.30 -93.27
N ALA A 229 -68.63 23.30 -92.58
CA ALA A 229 -68.16 22.96 -91.24
C ALA A 229 -67.16 21.81 -91.08
N ASP A 230 -67.50 20.65 -91.64
CA ASP A 230 -66.59 19.52 -91.72
C ASP A 230 -65.79 19.57 -93.02
N GLU A 231 -66.01 20.62 -93.82
CA GLU A 231 -65.29 20.78 -95.08
C GLU A 231 -63.98 21.55 -94.88
N LEU A 232 -63.35 21.93 -95.99
CA LEU A 232 -62.11 22.71 -95.95
C LEU A 232 -60.89 21.95 -96.45
N GLU A 233 -61.10 20.73 -96.92
CA GLU A 233 -60.00 19.93 -97.47
C GLU A 233 -59.99 20.05 -98.99
N GLU A 234 -61.17 19.93 -99.58
CA GLU A 234 -61.37 20.12 -101.01
C GLU A 234 -61.10 21.58 -101.30
N LEU A 235 -61.20 22.40 -100.25
CA LEU A 235 -61.02 23.84 -100.32
C LEU A 235 -59.56 24.31 -100.34
N ILE A 236 -58.61 23.41 -100.64
CA ILE A 236 -57.21 23.82 -100.66
C ILE A 236 -56.37 23.30 -101.83
N ASN A 237 -56.92 23.39 -103.03
CA ASN A 237 -56.25 22.97 -104.27
C ASN A 237 -57.01 23.83 -105.26
N TYR A 238 -57.75 24.77 -104.69
CA TYR A 238 -58.61 25.65 -105.42
C TYR A 238 -58.38 27.11 -105.03
N TYR A 239 -57.57 27.30 -103.99
CA TYR A 239 -57.23 28.63 -103.49
C TYR A 239 -55.71 28.76 -103.44
N GLN A 240 -55.02 27.84 -104.09
CA GLN A 240 -53.56 27.85 -104.08
C GLN A 240 -52.94 27.91 -105.47
N ASP A 241 -53.03 26.81 -106.21
CA ASP A 241 -52.46 26.73 -107.56
C ASP A 241 -52.60 28.01 -108.37
N ARG A 242 -53.69 28.74 -108.15
CA ARG A 242 -53.91 29.99 -108.88
C ARG A 242 -53.47 31.23 -108.10
N GLY A 243 -52.65 31.02 -107.08
CA GLY A 243 -52.15 32.12 -106.28
C GLY A 243 -53.19 33.08 -105.74
N TYR A 244 -53.82 32.71 -104.62
CA TYR A 244 -54.85 33.55 -104.01
C TYR A 244 -54.48 33.99 -102.60
N PHE A 245 -53.90 33.07 -101.82
CA PHE A 245 -53.44 33.38 -100.47
C PHE A 245 -54.12 34.64 -99.94
N GLU A 246 -53.32 35.65 -99.62
CA GLU A 246 -53.85 36.90 -99.10
C GLU A 246 -55.34 36.71 -98.83
N GLU A 247 -56.14 36.84 -99.89
CA GLU A 247 -57.58 36.74 -99.77
C GLU A 247 -57.98 35.46 -99.01
N LEU A 248 -57.14 34.45 -99.12
CA LEU A 248 -57.39 33.18 -98.44
C LEU A 248 -56.92 33.24 -96.99
N ILE A 249 -55.80 33.91 -96.75
CA ILE A 249 -55.26 34.06 -95.41
C ILE A 249 -55.98 35.18 -94.66
N THR A 250 -57.10 35.62 -95.22
CA THR A 250 -57.88 36.70 -94.62
C THR A 250 -59.37 36.32 -94.51
N MET A 251 -59.72 35.13 -94.99
CA MET A 251 -61.09 34.66 -94.93
C MET A 251 -61.29 33.91 -93.62
N LEU A 252 -60.40 32.95 -93.38
CA LEU A 252 -60.44 32.16 -92.15
C LEU A 252 -60.49 33.16 -91.02
N GLU A 253 -59.99 34.36 -91.31
CA GLU A 253 -59.97 35.46 -90.37
C GLU A 253 -61.34 35.69 -89.75
N ALA A 254 -62.36 35.05 -90.29
CA ALA A 254 -63.71 35.22 -89.77
C ALA A 254 -64.36 33.89 -89.45
N ALA A 255 -64.23 32.95 -90.38
CA ALA A 255 -64.81 31.62 -90.23
C ALA A 255 -64.46 30.97 -88.89
N LEU A 256 -63.32 31.36 -88.32
CA LEU A 256 -62.86 30.81 -87.05
C LEU A 256 -63.59 31.40 -85.85
N GLY A 257 -64.26 32.53 -86.04
CA GLY A 257 -64.98 33.17 -84.95
C GLY A 257 -66.44 32.78 -84.92
N LEU A 258 -66.90 32.17 -86.01
CA LEU A 258 -68.29 31.74 -86.12
C LEU A 258 -68.66 30.82 -84.97
N GLU A 259 -69.95 30.59 -84.78
CA GLU A 259 -70.44 29.72 -83.72
C GLU A 259 -70.01 28.28 -83.94
N ARG A 260 -69.45 28.01 -85.12
CA ARG A 260 -69.32 26.69 -85.71
C ARG A 260 -67.90 26.36 -86.14
N ALA A 261 -66.93 26.88 -85.39
CA ALA A 261 -65.51 26.74 -85.73
C ALA A 261 -64.96 25.40 -85.25
N HIS A 262 -64.15 24.76 -86.10
CA HIS A 262 -63.56 23.47 -85.76
C HIS A 262 -62.04 23.51 -85.63
N MET A 263 -61.42 22.34 -85.77
CA MET A 263 -59.97 22.20 -85.65
C MET A 263 -59.20 22.51 -86.94
N GLY A 264 -59.61 21.88 -88.03
CA GLY A 264 -58.95 22.08 -89.30
C GLY A 264 -58.57 23.51 -89.63
N MET A 265 -59.47 24.43 -89.34
CA MET A 265 -59.25 25.86 -89.60
C MET A 265 -57.88 26.32 -89.11
N PHE A 266 -57.75 26.44 -87.80
CA PHE A 266 -56.51 26.89 -87.17
C PHE A 266 -55.30 26.21 -87.79
N THR A 267 -55.42 24.90 -87.99
CA THR A 267 -54.35 24.10 -88.57
C THR A 267 -53.91 24.63 -89.93
N GLU A 268 -54.78 24.46 -90.93
CA GLU A 268 -54.48 24.92 -92.29
C GLU A 268 -54.04 26.38 -92.26
N LEU A 269 -54.68 27.16 -91.40
CA LEU A 269 -54.35 28.58 -91.26
C LEU A 269 -52.87 28.74 -91.04
N ALA A 270 -52.27 27.80 -90.32
CA ALA A 270 -50.84 27.81 -90.03
C ALA A 270 -50.02 27.53 -91.28
N ILE A 271 -50.48 26.59 -92.09
CA ILE A 271 -49.77 26.24 -93.32
C ILE A 271 -49.49 27.50 -94.12
N LEU A 272 -50.25 28.55 -93.83
CA LEU A 272 -50.08 29.84 -94.49
C LEU A 272 -49.12 30.70 -93.69
N TYR A 273 -49.44 30.91 -92.42
CA TYR A 273 -48.60 31.70 -91.52
C TYR A 273 -47.16 31.18 -91.53
N SER A 274 -46.99 29.93 -91.94
CA SER A 274 -45.69 29.29 -91.99
C SER A 274 -44.37 29.42 -92.76
N LYS A 275 -44.44 29.12 -94.06
CA LYS A 275 -43.50 29.52 -95.10
C LYS A 275 -44.60 30.40 -95.69
N PHE A 276 -44.73 31.62 -95.19
CA PHE A 276 -45.11 32.91 -95.76
C PHE A 276 -44.93 34.03 -94.73
N LYS A 277 -46.03 34.52 -94.18
CA LYS A 277 -45.96 35.59 -93.18
C LYS A 277 -45.37 35.09 -91.86
N PRO A 278 -44.09 35.39 -91.61
CA PRO A 278 -43.45 34.94 -90.36
C PRO A 278 -44.13 35.62 -89.17
N GLN A 279 -43.55 36.75 -88.76
CA GLN A 279 -44.05 37.57 -87.66
C GLN A 279 -45.30 37.04 -86.95
N LYS A 280 -46.46 37.33 -87.52
CA LYS A 280 -47.75 36.92 -86.95
C LYS A 280 -47.85 35.44 -86.64
N MET A 281 -47.19 34.61 -87.45
CA MET A 281 -47.20 33.16 -87.25
C MET A 281 -47.12 32.76 -85.78
N ARG A 282 -46.30 33.45 -84.99
CA ARG A 282 -46.20 33.13 -83.58
C ARG A 282 -47.48 33.61 -82.90
N GLU A 283 -47.83 34.85 -83.21
CA GLU A 283 -49.04 35.50 -82.69
C GLU A 283 -50.14 34.47 -82.56
N HIS A 284 -50.37 33.73 -83.65
CA HIS A 284 -51.40 32.70 -83.73
C HIS A 284 -51.29 31.52 -82.77
N LEU A 285 -50.24 30.73 -82.94
CA LEU A 285 -49.94 29.59 -82.07
C LEU A 285 -50.14 29.89 -80.60
N GLU A 286 -49.40 30.87 -80.09
CA GLU A 286 -49.48 31.27 -78.69
C GLU A 286 -50.93 31.34 -78.25
N LEU A 287 -51.83 31.57 -79.20
CA LEU A 287 -53.26 31.67 -78.93
C LEU A 287 -53.96 30.34 -79.14
N PHE A 288 -53.84 29.83 -80.36
CA PHE A 288 -54.50 28.59 -80.75
C PHE A 288 -53.53 27.42 -80.85
N TRP A 289 -53.26 26.79 -79.72
CA TRP A 289 -52.35 25.64 -79.68
C TRP A 289 -53.11 24.35 -79.38
N SER A 290 -54.20 24.46 -78.61
CA SER A 290 -55.01 23.31 -78.26
C SER A 290 -55.80 22.84 -79.48
N ARG A 291 -56.57 23.75 -80.05
CA ARG A 291 -57.40 23.46 -81.22
C ARG A 291 -56.54 23.42 -82.48
N VAL A 292 -55.77 22.35 -82.65
CA VAL A 292 -54.90 22.22 -83.82
C VAL A 292 -54.08 20.94 -83.83
N ASN A 293 -53.62 20.56 -85.02
CA ASN A 293 -52.78 19.38 -85.21
C ASN A 293 -51.34 19.79 -84.86
N ILE A 294 -50.44 18.82 -84.77
CA ILE A 294 -49.06 19.14 -84.44
C ILE A 294 -48.01 18.38 -85.26
N PRO A 295 -48.22 17.08 -85.51
CA PRO A 295 -47.22 16.34 -86.30
C PRO A 295 -47.10 16.88 -87.72
N LYS A 296 -48.25 17.02 -88.39
CA LYS A 296 -48.29 17.55 -89.75
C LYS A 296 -47.70 18.95 -89.80
N VAL A 297 -48.11 19.79 -88.86
CA VAL A 297 -47.64 21.17 -88.80
C VAL A 297 -46.11 21.27 -88.84
N LEU A 298 -45.43 20.32 -88.21
CA LEU A 298 -43.99 20.32 -88.18
C LEU A 298 -43.33 20.21 -89.55
N ARG A 299 -44.07 19.74 -90.54
CA ARG A 299 -43.52 19.63 -91.89
C ARG A 299 -44.06 20.82 -92.67
N ALA A 300 -44.49 21.81 -91.91
CA ALA A 300 -45.02 23.08 -92.40
C ALA A 300 -44.28 24.05 -91.49
N ALA A 301 -43.65 23.48 -90.46
CA ALA A 301 -42.86 24.20 -89.48
C ALA A 301 -41.40 24.03 -89.86
N GLU A 302 -40.94 22.79 -89.96
CA GLU A 302 -39.56 22.55 -90.37
C GLU A 302 -39.50 22.94 -91.85
N GLN A 303 -40.69 23.19 -92.39
CA GLN A 303 -40.87 23.62 -93.78
C GLN A 303 -40.93 25.14 -93.73
N ALA A 304 -40.65 25.67 -92.54
CA ALA A 304 -40.64 27.11 -92.27
C ALA A 304 -39.77 26.69 -91.09
N HIS A 305 -38.56 27.26 -91.03
CA HIS A 305 -37.68 27.36 -89.86
C HIS A 305 -37.98 28.50 -88.87
N LEU A 306 -39.26 28.63 -88.52
CA LEU A 306 -39.68 29.67 -87.58
C LEU A 306 -39.34 29.27 -86.14
N TRP A 307 -38.14 28.74 -85.96
CA TRP A 307 -37.68 28.32 -84.64
C TRP A 307 -38.03 28.93 -83.28
N ALA A 308 -38.23 30.25 -83.28
CA ALA A 308 -38.95 30.99 -82.25
C ALA A 308 -40.26 30.31 -81.90
N GLU A 309 -41.11 30.13 -82.91
CA GLU A 309 -42.41 29.49 -82.71
C GLU A 309 -42.29 27.98 -82.85
N LEU A 310 -41.51 27.54 -83.82
CA LEU A 310 -41.30 26.11 -84.06
C LEU A 310 -40.87 25.40 -82.78
N VAL A 311 -40.14 26.12 -81.93
CA VAL A 311 -39.67 25.57 -80.67
C VAL A 311 -40.80 25.46 -79.65
N PHE A 312 -41.53 26.57 -79.48
CA PHE A 312 -42.65 26.60 -78.54
C PHE A 312 -43.59 25.42 -78.77
N LEU A 313 -43.78 25.07 -80.05
CA LEU A 313 -44.63 23.94 -80.41
C LEU A 313 -44.11 22.72 -79.66
N TYR A 314 -42.87 22.34 -79.93
CA TYR A 314 -42.25 21.19 -79.28
C TYR A 314 -42.47 21.29 -77.77
N ASP A 315 -42.21 22.47 -77.23
CA ASP A 315 -42.37 22.73 -75.80
C ASP A 315 -43.69 22.19 -75.26
N LYS A 316 -44.79 22.84 -75.61
CA LYS A 316 -46.10 22.42 -75.16
C LYS A 316 -46.36 20.99 -75.62
N TYR A 317 -45.81 20.64 -76.78
CA TYR A 317 -45.96 19.30 -77.33
C TYR A 317 -45.29 18.37 -76.34
N GLU A 318 -44.39 18.94 -75.54
CA GLU A 318 -43.65 18.21 -74.53
C GLU A 318 -42.50 17.42 -75.15
N GLU A 319 -42.16 17.78 -76.39
CA GLU A 319 -41.08 17.11 -77.10
C GLU A 319 -39.78 17.89 -76.88
N TYR A 320 -39.55 18.29 -75.64
CA TYR A 320 -38.32 18.99 -75.28
C TYR A 320 -36.92 18.66 -75.80
N ASP A 321 -36.60 17.37 -75.84
CA ASP A 321 -35.47 16.83 -76.59
C ASP A 321 -35.26 17.58 -77.89
N ASN A 322 -36.36 17.87 -78.60
CA ASN A 322 -36.29 18.57 -79.88
C ASN A 322 -36.37 20.08 -79.69
N ALA A 323 -37.26 20.52 -78.80
CA ALA A 323 -37.41 21.95 -78.52
C ALA A 323 -36.06 22.48 -78.09
N ILE A 324 -35.40 21.75 -77.20
CA ILE A 324 -34.08 22.13 -76.69
C ILE A 324 -33.09 22.20 -77.84
N ILE A 325 -33.15 21.22 -78.73
CA ILE A 325 -32.26 21.17 -79.89
C ILE A 325 -32.43 22.41 -80.76
N THR A 326 -33.64 22.96 -80.78
CA THR A 326 -33.92 24.14 -81.58
C THR A 326 -33.13 25.36 -81.13
N MET A 327 -32.30 25.18 -80.10
CA MET A 327 -31.48 26.25 -79.58
C MET A 327 -30.02 25.84 -79.65
N MET A 328 -29.74 24.89 -80.54
CA MET A 328 -28.38 24.39 -80.74
C MET A 328 -27.82 24.87 -82.07
N ASN A 329 -28.68 24.88 -83.08
CA ASN A 329 -28.30 25.33 -84.42
C ASN A 329 -29.19 26.52 -84.75
N HIS A 330 -29.84 27.06 -83.72
CA HIS A 330 -30.73 28.20 -83.91
C HIS A 330 -30.69 29.10 -82.69
N PRO A 331 -29.49 29.53 -82.28
CA PRO A 331 -29.29 30.42 -81.12
C PRO A 331 -30.14 31.68 -81.11
N THR A 332 -29.63 32.72 -81.77
CA THR A 332 -30.32 34.01 -81.85
C THR A 332 -31.84 33.94 -81.88
N ASP A 333 -32.39 32.88 -82.45
CA ASP A 333 -33.68 32.76 -83.13
C ASP A 333 -34.81 32.42 -82.16
N ALA A 334 -34.57 31.47 -81.27
CA ALA A 334 -35.58 31.05 -80.31
C ALA A 334 -35.08 31.06 -78.88
N TRP A 335 -33.77 30.90 -78.71
CA TRP A 335 -33.16 30.88 -77.39
C TRP A 335 -33.70 32.03 -76.53
N LYS A 336 -33.72 31.80 -75.22
CA LYS A 336 -34.21 32.81 -74.28
C LYS A 336 -33.56 32.64 -72.91
N GLU A 337 -32.27 32.91 -72.83
CA GLU A 337 -31.52 32.80 -71.58
C GLU A 337 -32.00 31.58 -70.78
N GLY A 338 -32.91 31.81 -69.83
CA GLY A 338 -33.43 30.75 -69.00
C GLY A 338 -34.46 29.90 -69.71
N GLN A 339 -35.03 30.44 -70.79
CA GLN A 339 -36.04 29.73 -71.56
C GLN A 339 -35.55 28.33 -71.87
N PHE A 340 -34.23 28.18 -71.97
CA PHE A 340 -33.60 26.90 -72.26
C PHE A 340 -33.42 26.11 -70.95
N LYS A 341 -33.47 26.83 -69.84
CA LYS A 341 -33.29 26.23 -68.52
C LYS A 341 -34.42 25.35 -67.98
N ASP A 342 -35.65 25.58 -68.43
CA ASP A 342 -36.78 24.80 -67.91
C ASP A 342 -37.28 23.67 -68.80
N ILE A 343 -36.56 23.37 -69.88
CA ILE A 343 -36.97 22.30 -70.79
C ILE A 343 -36.17 21.04 -70.50
N ILE A 344 -34.85 21.20 -70.50
CA ILE A 344 -33.91 20.10 -70.28
C ILE A 344 -34.30 19.13 -69.17
N THR A 345 -34.73 19.66 -68.02
CA THR A 345 -35.11 18.84 -66.88
C THR A 345 -36.19 17.81 -67.18
N LYS A 346 -36.99 18.07 -68.21
CA LYS A 346 -38.07 17.14 -68.56
C LYS A 346 -37.73 16.21 -69.72
N VAL A 347 -36.44 15.93 -69.90
CA VAL A 347 -35.99 15.03 -70.95
C VAL A 347 -35.52 13.73 -70.31
N ALA A 348 -35.59 12.63 -71.07
CA ALA A 348 -35.17 11.33 -70.55
C ALA A 348 -33.73 11.00 -70.92
N ASN A 349 -33.21 11.69 -71.93
CA ASN A 349 -31.84 11.47 -72.38
C ASN A 349 -30.93 12.57 -71.83
N VAL A 350 -29.94 12.17 -71.04
CA VAL A 350 -29.01 13.11 -70.42
C VAL A 350 -27.86 13.53 -71.34
N GLU A 351 -27.75 12.87 -72.48
CA GLU A 351 -26.68 13.15 -73.43
C GLU A 351 -26.74 14.59 -73.92
N LEU A 352 -27.90 15.01 -74.39
CA LEU A 352 -28.10 16.37 -74.90
C LEU A 352 -27.40 17.39 -74.02
N TYR A 353 -27.52 17.22 -72.71
CA TYR A 353 -26.92 18.13 -71.74
C TYR A 353 -25.45 18.38 -72.05
N TYR A 354 -24.63 17.34 -71.90
CA TYR A 354 -23.19 17.44 -72.14
C TYR A 354 -22.78 18.21 -73.40
N ARG A 355 -23.36 17.87 -74.54
CA ARG A 355 -23.11 18.63 -75.76
C ARG A 355 -23.67 20.03 -75.52
N ALA A 356 -24.72 20.11 -74.72
CA ALA A 356 -25.34 21.39 -74.38
C ALA A 356 -24.35 22.29 -73.68
N ILE A 357 -23.74 21.79 -72.61
CA ILE A 357 -22.73 22.54 -71.87
C ILE A 357 -22.05 23.41 -72.92
N GLN A 358 -21.91 22.86 -74.13
CA GLN A 358 -21.10 23.46 -75.18
C GLN A 358 -21.64 24.83 -75.57
N PHE A 359 -22.89 24.85 -76.02
CA PHE A 359 -23.55 26.10 -76.40
C PHE A 359 -23.51 27.09 -75.25
N TYR A 360 -23.35 26.59 -74.03
CA TYR A 360 -23.29 27.42 -72.84
C TYR A 360 -21.88 27.40 -72.24
N LEU A 361 -21.47 26.24 -71.74
CA LEU A 361 -20.15 26.08 -71.14
C LEU A 361 -19.05 26.28 -72.16
N GLU A 362 -19.19 25.62 -73.32
CA GLU A 362 -18.20 25.75 -74.38
C GLU A 362 -17.73 27.18 -74.54
N PHE A 363 -18.68 28.08 -74.78
CA PHE A 363 -18.35 29.50 -74.93
C PHE A 363 -19.17 30.36 -73.97
N LYS A 364 -20.33 29.84 -73.55
CA LYS A 364 -21.21 30.56 -72.64
C LYS A 364 -20.69 30.50 -71.21
N PRO A 365 -19.99 31.55 -70.80
CA PRO A 365 -19.45 31.62 -69.44
C PRO A 365 -20.43 31.93 -68.30
N LEU A 366 -20.19 33.04 -67.61
CA LEU A 366 -21.08 33.46 -66.54
C LEU A 366 -22.52 33.14 -66.90
N LEU A 367 -23.19 32.38 -66.03
CA LEU A 367 -24.55 31.94 -66.28
C LEU A 367 -24.66 30.74 -67.22
N LEU A 368 -23.57 29.98 -67.31
CA LEU A 368 -23.43 28.55 -67.59
C LEU A 368 -23.42 27.77 -66.29
N ASN A 369 -22.71 28.30 -65.30
CA ASN A 369 -22.66 27.69 -63.98
C ASN A 369 -24.04 27.70 -63.33
N ASP A 370 -24.75 28.81 -63.47
CA ASP A 370 -26.10 28.89 -62.92
C ASP A 370 -26.84 27.80 -63.69
N LEU A 371 -26.28 27.49 -64.86
CA LEU A 371 -26.80 26.46 -65.74
C LEU A 371 -26.54 25.11 -65.09
N LEU A 372 -25.44 25.03 -64.35
CA LEU A 372 -25.05 23.79 -63.67
C LEU A 372 -25.95 23.53 -62.48
N MET A 373 -26.65 24.56 -62.02
CA MET A 373 -27.55 24.44 -60.88
C MET A 373 -28.78 23.58 -60.56
N VAL A 374 -29.88 23.84 -61.25
CA VAL A 374 -31.00 22.94 -61.51
C VAL A 374 -30.75 21.47 -61.84
N LEU A 375 -29.97 21.23 -62.88
CA LEU A 375 -29.47 19.89 -63.20
C LEU A 375 -28.86 18.94 -62.18
N SER A 376 -27.99 19.48 -61.33
CA SER A 376 -27.54 18.81 -60.11
C SER A 376 -27.91 17.34 -60.11
N PRO A 377 -29.06 17.03 -59.50
CA PRO A 377 -29.53 15.66 -59.42
C PRO A 377 -29.68 15.01 -60.79
N ARG A 378 -29.04 13.86 -60.98
CA ARG A 378 -29.10 13.15 -62.25
C ARG A 378 -28.21 13.74 -63.33
N LEU A 379 -26.97 14.08 -62.96
CA LEU A 379 -25.64 14.05 -63.52
C LEU A 379 -24.74 13.07 -62.78
N ASP A 380 -23.62 12.70 -63.40
CA ASP A 380 -22.68 11.76 -62.80
C ASP A 380 -21.43 12.49 -62.32
N HIS A 381 -21.37 13.79 -62.56
CA HIS A 381 -20.23 14.59 -62.14
C HIS A 381 -18.92 14.03 -62.68
N THR A 382 -18.72 12.73 -62.50
CA THR A 382 -17.51 12.06 -62.96
C THR A 382 -17.26 12.34 -64.45
N ARG A 383 -18.34 12.53 -65.20
CA ARG A 383 -18.23 12.79 -66.64
C ARG A 383 -18.41 14.27 -66.95
N ALA A 384 -17.87 15.12 -66.08
CA ALA A 384 -17.95 16.56 -66.27
C ALA A 384 -16.61 17.24 -66.00
N VAL A 385 -16.17 17.18 -64.75
CA VAL A 385 -14.91 17.79 -64.35
C VAL A 385 -13.84 17.41 -65.37
N ASN A 386 -13.97 16.23 -65.97
CA ASN A 386 -13.01 15.77 -66.96
C ASN A 386 -12.97 16.67 -68.19
N TYR A 387 -14.15 17.16 -68.58
CA TYR A 387 -14.26 18.04 -69.75
C TYR A 387 -13.77 19.44 -69.41
N PHE A 388 -13.74 19.76 -68.13
CA PHE A 388 -13.30 21.08 -67.66
C PHE A 388 -11.78 21.14 -67.57
N SER A 389 -11.19 20.19 -66.84
CA SER A 389 -9.75 20.14 -66.68
C SER A 389 -8.82 20.22 -67.89
N LYS A 390 -9.10 19.40 -68.90
CA LYS A 390 -8.48 19.50 -70.22
C LYS A 390 -9.07 20.66 -71.01
N VAL A 391 -9.58 21.66 -70.30
CA VAL A 391 -10.19 22.82 -70.94
C VAL A 391 -9.48 24.12 -70.52
N LYS A 392 -8.74 24.05 -69.43
CA LYS A 392 -8.03 25.23 -68.91
C LYS A 392 -9.04 26.27 -68.47
N GLN A 393 -10.26 25.83 -68.23
CA GLN A 393 -11.33 26.73 -67.80
C GLN A 393 -12.15 26.41 -66.55
N LEU A 394 -11.76 25.33 -65.89
CA LEU A 394 -12.51 24.56 -64.92
C LEU A 394 -12.95 25.40 -63.73
N PRO A 395 -12.14 26.40 -63.33
CA PRO A 395 -12.48 27.26 -62.19
C PRO A 395 -13.82 27.98 -62.25
N LEU A 396 -14.39 28.14 -63.43
CA LEU A 396 -15.69 28.81 -63.51
C LEU A 396 -16.56 27.98 -62.59
N VAL A 397 -16.41 26.67 -62.67
CA VAL A 397 -17.17 25.73 -61.87
C VAL A 397 -16.83 25.86 -60.38
N LYS A 398 -15.98 26.81 -60.04
CA LYS A 398 -15.59 27.04 -58.65
C LYS A 398 -16.83 26.94 -57.77
N PRO A 399 -17.83 27.81 -58.00
CA PRO A 399 -19.04 27.77 -57.18
C PRO A 399 -19.87 26.53 -57.50
N TYR A 400 -19.70 26.02 -58.73
CA TYR A 400 -20.39 24.81 -59.15
C TYR A 400 -19.97 23.71 -58.19
N LEU A 401 -18.84 23.94 -57.53
CA LEU A 401 -18.29 22.99 -56.58
C LEU A 401 -18.69 23.38 -55.15
N ARG A 402 -19.39 24.51 -55.03
CA ARG A 402 -19.86 24.99 -53.72
C ARG A 402 -20.93 24.31 -52.90
N SER A 403 -22.17 24.36 -53.40
CA SER A 403 -23.27 23.55 -52.89
C SER A 403 -23.02 22.07 -53.13
N VAL A 404 -22.14 21.77 -54.09
CA VAL A 404 -21.81 20.39 -54.42
C VAL A 404 -20.53 20.28 -53.61
N GLN A 405 -19.76 19.21 -53.84
CA GLN A 405 -18.79 18.60 -52.96
C GLN A 405 -19.38 18.04 -51.67
N ASN A 406 -20.50 17.35 -51.80
CA ASN A 406 -21.17 16.76 -50.64
C ASN A 406 -21.08 15.37 -51.25
N HIS A 407 -20.99 15.31 -52.58
CA HIS A 407 -20.90 14.04 -53.29
C HIS A 407 -19.61 13.31 -52.95
N ASN A 408 -18.73 13.98 -52.21
CA ASN A 408 -17.45 13.41 -51.82
C ASN A 408 -16.62 12.96 -53.02
N ASN A 409 -17.15 13.19 -54.21
CA ASN A 409 -16.47 12.83 -55.44
C ASN A 409 -15.02 13.29 -55.59
N LYS A 410 -14.23 12.51 -56.32
CA LYS A 410 -12.77 12.66 -56.35
C LYS A 410 -12.37 13.87 -57.19
N SER A 411 -12.87 13.94 -58.41
CA SER A 411 -12.56 15.05 -59.31
C SER A 411 -12.75 16.36 -58.58
N VAL A 412 -13.71 16.37 -57.65
CA VAL A 412 -13.98 17.55 -56.85
C VAL A 412 -12.97 18.12 -55.87
N ASN A 413 -12.63 17.34 -54.86
CA ASN A 413 -11.47 17.52 -53.99
C ASN A 413 -10.19 17.59 -54.81
N GLU A 414 -9.89 16.50 -55.52
CA GLU A 414 -8.69 16.40 -56.34
C GLU A 414 -8.05 17.42 -57.28
N SER A 415 -8.88 18.12 -58.05
CA SER A 415 -8.59 19.40 -58.68
C SER A 415 -8.96 20.53 -57.74
N LEU A 416 -10.06 20.34 -57.01
CA LEU A 416 -10.54 21.34 -56.05
C LEU A 416 -9.35 21.79 -55.20
N ASN A 417 -8.57 20.83 -54.73
CA ASN A 417 -7.39 21.11 -53.93
C ASN A 417 -6.42 21.84 -54.84
N ASN A 418 -6.15 21.22 -55.99
CA ASN A 418 -5.26 21.78 -57.00
C ASN A 418 -5.62 23.25 -57.18
N LEU A 419 -6.90 23.55 -57.01
CA LEU A 419 -7.38 24.92 -57.13
C LEU A 419 -6.93 25.73 -55.93
N PHE A 420 -7.39 25.33 -54.75
CA PHE A 420 -7.03 26.01 -53.52
C PHE A 420 -5.53 26.11 -53.34
N ILE A 421 -4.78 25.29 -54.09
CA ILE A 421 -3.33 25.30 -54.02
C ILE A 421 -2.61 26.39 -54.77
N THR A 422 -2.84 26.45 -56.09
CA THR A 422 -2.30 27.52 -56.92
C THR A 422 -2.99 28.84 -56.62
N GLU A 423 -4.22 28.77 -56.10
CA GLU A 423 -4.98 29.98 -55.79
C GLU A 423 -4.58 30.55 -54.43
N GLU A 424 -3.94 29.72 -53.62
CA GLU A 424 -3.47 30.11 -52.29
C GLU A 424 -4.53 30.05 -51.20
N ASP A 425 -5.63 29.37 -51.48
CA ASP A 425 -6.71 29.27 -50.48
C ASP A 425 -6.39 28.18 -49.46
N TYR A 426 -6.48 28.55 -48.18
CA TYR A 426 -6.22 27.62 -47.10
C TYR A 426 -7.44 27.45 -46.20
N GLN A 427 -8.17 28.53 -45.96
CA GLN A 427 -9.40 28.47 -45.16
C GLN A 427 -10.32 27.44 -45.80
N ALA A 428 -10.68 27.69 -47.05
CA ALA A 428 -11.56 26.78 -47.78
C ALA A 428 -10.86 25.43 -47.90
N LEU A 429 -9.74 25.39 -48.61
CA LEU A 429 -9.00 24.15 -48.79
C LEU A 429 -8.98 23.29 -47.54
N ARG A 430 -8.70 23.91 -46.40
CA ARG A 430 -8.66 23.19 -45.13
C ARG A 430 -10.04 22.62 -44.85
N THR A 431 -11.06 23.46 -44.93
CA THR A 431 -12.44 23.06 -44.69
C THR A 431 -12.95 22.25 -45.87
N SER A 432 -12.35 22.49 -47.04
CA SER A 432 -12.70 21.79 -48.26
C SER A 432 -12.37 20.31 -48.08
N ILE A 433 -11.67 20.02 -46.99
CA ILE A 433 -11.27 18.66 -46.68
C ILE A 433 -11.48 18.36 -45.19
N ASP A 434 -12.09 19.29 -44.47
CA ASP A 434 -12.34 19.09 -43.04
C ASP A 434 -13.44 18.06 -42.81
N ALA A 435 -13.91 17.43 -43.90
CA ALA A 435 -14.97 16.43 -43.79
C ALA A 435 -14.73 15.39 -44.89
N TYR A 436 -14.94 15.79 -46.13
CA TYR A 436 -14.86 14.90 -47.29
C TYR A 436 -13.43 14.41 -47.48
N ASP A 437 -13.18 13.15 -47.14
CA ASP A 437 -11.85 12.56 -47.26
C ASP A 437 -11.48 11.75 -48.51
N ASN A 438 -12.16 12.06 -49.62
CA ASN A 438 -12.06 11.25 -50.83
C ASN A 438 -11.02 11.86 -51.76
N PHE A 439 -9.78 11.39 -51.66
CA PHE A 439 -8.72 11.93 -52.50
C PHE A 439 -7.41 11.17 -52.39
N ASP A 440 -6.39 11.63 -53.10
CA ASP A 440 -5.09 11.00 -53.08
C ASP A 440 -4.21 11.58 -51.98
N ASN A 441 -4.36 11.06 -50.77
CA ASN A 441 -3.58 11.53 -49.62
C ASN A 441 -2.13 11.14 -49.91
N ILE A 442 -1.48 11.89 -50.79
CA ILE A 442 -0.06 11.72 -51.06
C ILE A 442 0.47 12.84 -51.95
N SER A 443 0.64 12.54 -53.24
CA SER A 443 1.14 13.51 -54.19
C SER A 443 0.62 14.91 -53.88
N LEU A 444 -0.63 14.99 -53.46
CA LEU A 444 -1.25 16.27 -53.13
C LEU A 444 -0.32 17.12 -52.26
N ALA A 445 0.21 16.52 -51.20
CA ALA A 445 1.10 17.23 -50.30
C ALA A 445 2.51 17.37 -50.91
N GLN A 446 2.71 16.71 -52.04
CA GLN A 446 4.01 16.75 -52.72
C GLN A 446 4.22 18.10 -53.39
N ARG A 447 3.17 18.65 -53.97
CA ARG A 447 3.24 19.94 -54.66
C ARG A 447 3.25 21.07 -53.63
N LEU A 448 2.71 20.80 -52.45
CA LEU A 448 2.64 21.79 -51.39
C LEU A 448 4.02 22.01 -50.76
N GLU A 449 4.74 20.93 -50.52
CA GLU A 449 6.07 21.00 -49.93
C GLU A 449 6.99 21.84 -50.82
N LYS A 450 6.79 21.74 -52.13
CA LYS A 450 7.59 22.48 -53.09
C LYS A 450 7.36 23.98 -53.04
N HIS A 451 6.59 24.43 -52.05
CA HIS A 451 6.25 25.85 -51.95
C HIS A 451 7.26 26.63 -51.14
N GLU A 452 7.04 27.94 -51.09
CA GLU A 452 7.89 28.85 -50.33
C GLU A 452 7.02 29.35 -49.20
N LEU A 453 5.76 29.59 -49.52
CA LEU A 453 4.78 30.08 -48.55
C LEU A 453 4.32 28.92 -47.69
N ILE A 454 4.96 28.77 -46.54
CA ILE A 454 4.66 27.69 -45.60
C ILE A 454 3.19 27.36 -45.36
N GLU A 455 2.28 28.26 -45.69
CA GLU A 455 0.85 27.98 -45.48
C GLU A 455 0.54 26.54 -45.84
N PHE A 456 0.95 26.13 -47.03
CA PHE A 456 0.72 24.77 -47.49
C PHE A 456 1.87 23.85 -47.11
N ARG A 457 3.03 24.44 -46.81
CA ARG A 457 4.19 23.66 -46.39
C ARG A 457 3.92 23.34 -44.92
N ARG A 458 2.89 24.00 -44.39
CA ARG A 458 2.47 23.86 -43.01
C ARG A 458 1.34 22.85 -42.96
N ILE A 459 0.52 22.86 -44.01
CA ILE A 459 -0.59 21.93 -44.11
C ILE A 459 -0.15 20.66 -44.81
N ALA A 460 0.79 20.79 -45.75
CA ALA A 460 1.30 19.61 -46.45
C ALA A 460 1.89 18.79 -45.32
N ALA A 461 2.39 19.51 -44.31
CA ALA A 461 2.95 18.89 -43.13
C ALA A 461 1.81 18.14 -42.46
N TYR A 462 0.68 18.82 -42.30
CA TYR A 462 -0.50 18.20 -41.70
C TYR A 462 -0.99 17.10 -42.62
N LEU A 463 -1.39 17.49 -43.83
CA LEU A 463 -1.89 16.56 -44.83
C LEU A 463 -1.17 15.23 -44.97
N PHE A 464 0.15 15.26 -44.88
CA PHE A 464 0.95 14.05 -44.81
C PHE A 464 0.80 13.33 -43.48
N LYS A 465 0.69 14.08 -42.39
CA LYS A 465 0.54 13.46 -41.06
C LYS A 465 -0.87 12.91 -40.89
N GLY A 466 -1.87 13.73 -41.18
CA GLY A 466 -3.26 13.32 -41.06
C GLY A 466 -3.58 12.14 -40.17
N ASN A 467 -4.03 12.43 -38.94
CA ASN A 467 -4.39 11.41 -37.97
C ASN A 467 -3.35 10.28 -37.99
N ASN A 468 -2.16 10.60 -38.45
CA ASN A 468 -0.97 9.78 -38.30
C ASN A 468 0.21 10.69 -37.99
N ARG A 469 0.44 10.93 -36.71
CA ARG A 469 1.52 11.80 -36.25
C ARG A 469 3.01 11.50 -36.44
N TRP A 470 3.30 10.23 -36.70
CA TRP A 470 4.66 9.81 -37.03
C TRP A 470 5.33 10.44 -38.25
N LYS A 471 4.59 10.57 -39.35
CA LYS A 471 5.12 11.27 -40.52
C LYS A 471 5.63 12.68 -40.23
N GLN A 472 4.71 13.57 -39.88
CA GLN A 472 5.03 14.96 -39.60
C GLN A 472 6.28 15.34 -38.79
N SER A 473 6.58 14.58 -37.75
CA SER A 473 7.82 14.73 -37.00
C SER A 473 9.04 14.09 -37.66
N VAL A 474 8.94 12.82 -38.01
CA VAL A 474 10.06 12.10 -38.63
C VAL A 474 10.48 12.73 -39.97
N GLU A 475 9.90 13.88 -40.29
CA GLU A 475 10.21 14.60 -41.52
C GLU A 475 10.39 16.09 -41.22
N LEU A 476 11.52 16.44 -40.61
CA LEU A 476 11.82 17.84 -40.24
C LEU A 476 12.96 18.79 -40.54
N CYS A 477 14.12 18.56 -39.91
CA CYS A 477 15.44 19.01 -40.31
C CYS A 477 15.41 20.49 -39.89
N LYS A 478 16.46 21.22 -40.24
CA LYS A 478 16.56 22.63 -39.91
C LYS A 478 15.23 23.29 -40.21
N LYS A 479 14.88 23.37 -41.48
CA LYS A 479 13.63 23.98 -41.90
C LYS A 479 12.43 23.28 -41.25
N ASP A 480 11.28 23.95 -41.29
CA ASP A 480 10.06 23.40 -40.70
C ASP A 480 10.30 22.82 -39.31
N SER A 481 11.38 23.25 -38.67
CA SER A 481 11.72 22.78 -37.34
C SER A 481 11.11 24.12 -36.98
N LEU A 482 9.93 24.07 -36.35
CA LEU A 482 9.34 25.16 -35.59
C LEU A 482 9.41 24.89 -34.09
N TYR A 483 10.07 25.78 -33.36
CA TYR A 483 10.21 25.63 -31.92
C TYR A 483 8.83 25.51 -31.31
N LYS A 484 7.80 25.66 -32.14
CA LYS A 484 6.41 25.60 -31.69
C LYS A 484 5.44 24.43 -31.74
N ASP A 485 4.89 24.17 -32.92
CA ASP A 485 4.13 22.96 -33.21
C ASP A 485 4.93 21.67 -33.06
N ALA A 486 6.25 21.78 -33.12
CA ALA A 486 7.11 20.61 -32.99
C ALA A 486 7.09 20.09 -31.56
N MET A 487 6.78 20.98 -30.63
CA MET A 487 6.71 20.64 -29.21
C MET A 487 5.29 20.24 -28.83
N GLN A 488 4.45 20.04 -29.84
CA GLN A 488 3.06 19.67 -29.59
C GLN A 488 2.57 18.46 -30.41
N TYR A 489 3.17 18.24 -31.58
CA TYR A 489 2.74 17.10 -32.39
C TYR A 489 3.36 15.77 -31.98
N ALA A 490 4.28 15.82 -31.02
CA ALA A 490 4.92 14.61 -30.52
C ALA A 490 4.00 13.99 -29.48
N SER A 491 3.57 14.83 -28.53
CA SER A 491 2.67 14.42 -27.45
C SER A 491 1.57 13.39 -27.66
N GLU A 492 0.81 13.55 -28.72
CA GLU A 492 -0.20 12.57 -29.15
C GLU A 492 0.37 11.24 -29.66
N SER A 493 1.66 11.23 -29.98
CA SER A 493 2.30 10.02 -30.49
C SER A 493 2.10 8.80 -29.59
N LYS A 494 2.55 7.65 -30.06
CA LYS A 494 2.44 6.40 -29.32
C LYS A 494 3.73 5.60 -29.41
N ASP A 495 4.58 5.95 -30.37
CA ASP A 495 5.84 5.25 -30.56
C ASP A 495 6.88 5.75 -29.56
N THR A 496 6.44 5.88 -28.31
CA THR A 496 7.27 6.33 -27.18
C THR A 496 8.71 6.73 -27.55
N GLU A 497 9.53 5.71 -27.77
CA GLU A 497 10.94 5.88 -28.09
C GLU A 497 11.25 7.08 -28.99
N LEU A 498 10.31 7.43 -29.86
CA LEU A 498 10.52 8.57 -30.75
C LEU A 498 10.87 9.81 -29.93
N ALA A 499 10.57 9.75 -28.63
CA ALA A 499 10.88 10.84 -27.73
C ALA A 499 12.39 10.91 -27.66
N GLU A 500 13.03 9.76 -27.47
CA GLU A 500 14.48 9.70 -27.41
C GLU A 500 15.01 10.18 -28.75
N GLU A 501 14.27 9.87 -29.82
CA GLU A 501 14.64 10.28 -31.16
C GLU A 501 14.69 11.81 -31.16
N LEU A 502 13.55 12.41 -30.91
CA LEU A 502 13.43 13.87 -30.87
C LEU A 502 14.43 14.47 -29.88
N LEU A 503 14.33 14.04 -28.62
CA LEU A 503 15.21 14.54 -27.58
C LEU A 503 16.69 14.41 -27.92
N GLN A 504 17.13 13.21 -28.26
CA GLN A 504 18.52 12.98 -28.63
C GLN A 504 18.94 14.07 -29.62
N TRP A 505 18.02 14.43 -30.50
CA TRP A 505 18.27 15.47 -31.48
C TRP A 505 18.26 16.90 -30.95
N PHE A 506 17.30 17.21 -30.09
CA PHE A 506 17.25 18.47 -29.35
C PHE A 506 18.64 18.84 -28.84
N LEU A 507 19.30 17.85 -28.24
CA LEU A 507 20.62 18.03 -27.69
C LEU A 507 21.68 18.48 -28.69
N GLN A 508 21.81 17.75 -29.79
CA GLN A 508 22.81 18.08 -30.81
C GLN A 508 22.62 19.32 -31.70
N GLU A 509 21.45 19.92 -31.67
CA GLU A 509 20.96 20.85 -32.69
C GLU A 509 20.14 22.01 -32.13
N GLU A 510 19.60 21.84 -30.93
CA GLU A 510 18.80 22.90 -30.32
C GLU A 510 19.02 23.02 -28.81
N LYS A 511 18.45 24.07 -28.23
CA LYS A 511 18.61 24.30 -26.79
C LYS A 511 17.32 24.29 -25.98
N ARG A 512 16.17 24.40 -26.64
CA ARG A 512 14.92 24.40 -25.90
C ARG A 512 14.66 22.99 -25.38
N GLU A 513 15.74 22.23 -25.26
CA GLU A 513 15.70 20.86 -24.76
C GLU A 513 14.84 20.85 -23.50
N CYS A 514 14.89 21.96 -22.77
CA CYS A 514 14.12 22.10 -21.55
C CYS A 514 12.67 21.74 -21.88
N PHE A 515 12.00 22.61 -22.62
CA PHE A 515 10.62 22.36 -23.00
C PHE A 515 10.54 21.00 -23.67
N GLY A 516 11.64 20.58 -24.29
CA GLY A 516 11.68 19.28 -24.93
C GLY A 516 11.58 18.20 -23.87
N ALA A 517 12.71 17.88 -23.25
CA ALA A 517 12.77 16.87 -22.21
C ALA A 517 11.67 16.88 -21.16
N CYS A 518 10.92 17.98 -21.12
CA CYS A 518 9.83 18.14 -20.17
C CYS A 518 8.40 17.85 -20.64
N LEU A 519 7.97 18.48 -21.72
CA LEU A 519 6.61 18.27 -22.20
C LEU A 519 6.54 16.77 -22.49
N PHE A 520 7.71 16.18 -22.68
CA PHE A 520 7.82 14.74 -22.94
C PHE A 520 7.26 14.02 -21.72
N THR A 521 7.91 14.23 -20.58
CA THR A 521 7.53 13.62 -19.32
C THR A 521 6.23 13.64 -18.49
N CYS A 522 5.68 14.84 -18.28
CA CYS A 522 4.32 15.10 -17.84
C CYS A 522 3.09 14.35 -18.35
N TYR A 523 3.12 13.94 -19.61
CA TYR A 523 2.16 12.97 -20.14
C TYR A 523 2.53 11.59 -19.63
N ASP A 524 1.81 11.13 -18.61
CA ASP A 524 2.10 9.83 -18.02
C ASP A 524 3.60 9.87 -17.78
N LEU A 525 4.34 9.01 -18.46
CA LEU A 525 5.78 8.92 -18.22
C LEU A 525 5.90 8.33 -19.62
N LEU A 526 6.74 8.94 -20.45
CA LEU A 526 7.46 8.41 -21.60
C LEU A 526 8.94 8.67 -21.45
N ARG A 527 9.29 9.49 -20.46
CA ARG A 527 10.68 9.83 -20.17
C ARG A 527 11.05 9.04 -18.92
N PRO A 528 11.46 7.77 -19.11
CA PRO A 528 11.85 6.86 -18.02
C PRO A 528 13.19 7.22 -17.38
N ASP A 529 13.78 6.23 -16.71
CA ASP A 529 15.07 6.39 -16.05
C ASP A 529 16.09 6.52 -17.15
N VAL A 530 15.95 5.66 -18.15
CA VAL A 530 16.83 5.61 -19.29
C VAL A 530 17.25 6.99 -19.77
N VAL A 531 16.29 7.90 -19.90
CA VAL A 531 16.58 9.25 -20.36
C VAL A 531 17.09 10.18 -19.25
N LEU A 532 16.49 10.08 -18.07
CA LEU A 532 16.89 10.92 -16.94
C LEU A 532 18.38 10.74 -16.65
N GLU A 533 18.93 9.60 -17.06
CA GLU A 533 20.35 9.32 -16.85
C GLU A 533 21.17 9.73 -18.06
N THR A 534 20.70 9.34 -19.24
CA THR A 534 21.39 9.67 -20.49
C THR A 534 22.08 11.03 -20.27
N ALA A 535 21.42 11.89 -19.49
CA ALA A 535 21.83 13.29 -19.36
C ALA A 535 22.98 13.42 -18.36
N TRP A 536 23.14 12.42 -17.50
CA TRP A 536 24.20 12.43 -16.51
C TRP A 536 25.54 12.07 -17.12
N ARG A 537 25.62 10.89 -17.71
CA ARG A 537 26.80 10.48 -18.44
C ARG A 537 26.89 11.46 -19.61
N HIS A 538 25.74 12.04 -19.93
CA HIS A 538 25.62 13.01 -21.00
C HIS A 538 25.42 14.41 -20.43
N ASN A 539 24.57 15.20 -21.08
CA ASN A 539 24.31 16.58 -20.67
C ASN A 539 24.12 17.23 -19.31
N ILE A 540 23.42 16.54 -18.41
CA ILE A 540 23.44 16.78 -16.98
C ILE A 540 23.22 18.28 -16.77
N MET A 541 24.21 18.94 -16.20
CA MET A 541 24.09 20.36 -15.86
C MET A 541 23.20 21.09 -16.84
N ASP A 542 22.25 21.64 -16.77
CA ASP A 542 21.16 21.94 -17.69
C ASP A 542 20.18 20.77 -17.71
N PHE A 543 20.46 19.76 -16.90
CA PHE A 543 19.50 18.70 -16.58
C PHE A 543 18.69 19.04 -15.34
N ALA A 544 19.23 19.95 -14.51
CA ALA A 544 18.56 20.35 -13.30
C ALA A 544 17.48 21.40 -13.58
N MET A 545 16.26 20.93 -13.79
CA MET A 545 15.13 21.81 -14.08
C MET A 545 13.88 21.39 -13.31
N PRO A 546 13.50 20.12 -13.47
CA PRO A 546 12.33 19.59 -12.79
C PRO A 546 11.25 20.51 -12.25
N TYR A 547 10.01 20.09 -12.51
CA TYR A 547 8.81 20.79 -12.12
C TYR A 547 8.27 19.41 -11.85
N PHE A 548 8.26 18.62 -12.92
CA PHE A 548 7.45 17.49 -13.37
C PHE A 548 7.91 16.17 -12.75
N ILE A 549 9.21 15.91 -12.80
CA ILE A 549 9.78 14.67 -12.27
C ILE A 549 9.27 14.38 -10.86
N GLN A 550 8.91 15.44 -10.14
CA GLN A 550 8.42 15.29 -8.77
C GLN A 550 6.91 15.22 -8.78
N VAL A 551 6.30 15.77 -9.83
CA VAL A 551 4.86 15.74 -9.97
C VAL A 551 4.48 14.26 -9.99
N MET A 552 5.35 13.47 -10.61
CA MET A 552 5.17 12.03 -10.70
C MET A 552 5.67 11.34 -9.44
N LYS A 553 6.53 12.02 -8.70
CA LYS A 553 7.08 11.45 -7.48
C LYS A 553 6.14 11.21 -6.31
N GLU A 554 5.55 12.27 -5.76
CA GLU A 554 4.52 12.06 -4.75
C GLU A 554 3.25 11.56 -5.40
N TYR A 555 3.23 11.57 -6.73
CA TYR A 555 2.08 11.06 -7.47
C TYR A 555 2.22 9.57 -7.24
N LEU A 556 3.46 9.11 -7.40
CA LEU A 556 3.81 7.71 -7.20
C LEU A 556 4.18 7.56 -5.73
N THR A 557 3.58 8.43 -4.92
CA THR A 557 3.79 8.45 -3.48
C THR A 557 2.42 8.70 -2.86
N LYS A 558 1.46 9.08 -3.70
CA LYS A 558 0.09 9.32 -3.26
C LYS A 558 -0.78 8.14 -3.67
N VAL A 559 -0.56 7.63 -4.87
CA VAL A 559 -1.31 6.47 -5.32
C VAL A 559 -0.87 5.40 -4.33
N ASP A 560 0.31 5.62 -3.77
CA ASP A 560 0.89 4.73 -2.78
C ASP A 560 0.18 4.98 -1.46
N LYS A 561 -0.22 6.23 -1.22
CA LYS A 561 -0.98 6.58 -0.04
C LYS A 561 -2.25 5.75 0.02
N LEU A 562 -3.14 5.98 -0.95
CA LEU A 562 -4.41 5.29 -1.02
C LEU A 562 -4.24 3.77 -1.05
N ASP A 563 -3.16 3.31 -1.67
CA ASP A 563 -2.90 1.88 -1.79
C ASP A 563 -2.57 1.26 -0.44
N ALA A 564 -1.67 1.89 0.29
CA ALA A 564 -1.37 1.44 1.64
C ALA A 564 -2.65 1.50 2.45
N SER A 565 -3.46 2.51 2.15
CA SER A 565 -4.74 2.70 2.81
C SER A 565 -5.64 1.49 2.66
N GLU A 566 -5.82 1.01 1.42
CA GLU A 566 -6.69 -0.14 1.18
C GLU A 566 -6.05 -1.42 1.65
N SER A 567 -4.71 -1.43 1.70
CA SER A 567 -3.98 -2.55 2.27
C SER A 567 -4.44 -2.69 3.69
N LEU A 568 -4.40 -1.58 4.43
CA LEU A 568 -4.84 -1.57 5.81
C LEU A 568 -6.33 -1.86 5.90
N ARG A 569 -7.10 -1.39 4.94
CA ARG A 569 -8.50 -1.76 4.83
C ARG A 569 -8.54 -3.27 5.09
N LYS A 570 -8.02 -4.00 4.10
CA LYS A 570 -7.93 -5.45 4.19
C LYS A 570 -7.49 -5.91 5.57
N GLU A 571 -6.28 -5.55 5.96
CA GLU A 571 -5.73 -5.96 7.26
C GLU A 571 -6.78 -5.86 8.36
N GLU A 572 -7.20 -4.63 8.63
CA GLU A 572 -8.28 -4.33 9.55
C GLU A 572 -9.56 -5.13 9.59
N GLU A 573 -10.19 -5.29 8.43
CA GLU A 573 -11.35 -6.19 8.33
C GLU A 573 -10.99 -7.65 8.65
N GLN A 574 -9.95 -8.15 8.02
CA GLN A 574 -9.46 -9.51 8.28
C GLN A 574 -9.32 -9.75 9.78
N ALA A 575 -8.28 -9.16 10.37
CA ALA A 575 -8.03 -9.33 11.79
C ALA A 575 -9.29 -9.25 12.66
N THR A 576 -10.18 -8.33 12.29
CA THR A 576 -11.49 -8.24 12.93
C THR A 576 -12.43 -9.44 12.87
N GLU A 577 -12.92 -9.72 11.67
CA GLU A 577 -13.75 -10.89 11.42
C GLU A 577 -13.08 -12.21 11.85
N THR A 578 -11.76 -12.18 12.06
CA THR A 578 -11.06 -13.39 12.44
C THR A 578 -9.97 -13.22 13.50
N GLN A 579 -10.35 -12.77 14.69
CA GLN A 579 -9.43 -12.75 15.82
C GLN A 579 -9.64 -13.92 16.79
N VAL B 26 -87.57 56.68 157.39
CA VAL B 26 -86.28 56.58 156.70
C VAL B 26 -86.39 57.02 155.24
N ASN B 27 -86.05 58.28 154.98
CA ASN B 27 -86.12 58.82 153.63
C ASN B 27 -85.33 57.99 152.61
N THR B 28 -84.70 56.93 153.10
CA THR B 28 -83.87 56.08 152.25
C THR B 28 -84.71 55.01 151.54
N SER B 29 -85.97 55.34 151.29
CA SER B 29 -86.88 54.41 150.63
C SER B 29 -88.11 55.10 150.04
N ALA B 30 -88.62 56.11 150.74
CA ALA B 30 -89.80 56.84 150.29
C ALA B 30 -89.55 57.35 148.88
N VAL B 31 -88.31 57.24 148.41
CA VAL B 31 -87.94 57.69 147.09
C VAL B 31 -87.71 56.70 145.96
N GLN B 32 -86.80 55.76 146.18
CA GLN B 32 -86.56 54.66 145.25
C GLN B 32 -87.86 53.93 144.92
N VAL B 33 -88.90 54.21 145.70
CA VAL B 33 -90.20 53.57 145.49
C VAL B 33 -91.19 54.53 144.84
N LEU B 34 -90.66 55.44 144.04
CA LEU B 34 -91.50 56.40 143.32
C LEU B 34 -91.75 55.95 141.89
N ILE B 35 -91.97 54.66 141.71
CA ILE B 35 -92.23 54.10 140.38
C ILE B 35 -92.83 55.19 139.49
N GLU B 36 -92.72 54.99 138.18
CA GLU B 36 -93.32 55.91 137.22
C GLU B 36 -94.77 56.16 137.60
N HIS B 37 -95.32 55.28 138.44
CA HIS B 37 -96.70 55.40 138.88
C HIS B 37 -96.77 56.00 140.28
N ILE B 38 -95.68 55.91 141.02
CA ILE B 38 -95.60 56.45 142.37
C ILE B 38 -94.82 57.74 142.40
N GLY B 39 -94.29 58.14 141.25
CA GLY B 39 -93.51 59.37 141.15
C GLY B 39 -93.73 60.08 139.83
N ASN B 40 -94.31 61.28 139.90
CA ASN B 40 -94.59 62.06 138.70
C ASN B 40 -94.14 63.51 138.83
N LEU B 41 -93.27 63.94 137.92
CA LEU B 41 -92.75 65.31 137.92
C LEU B 41 -92.19 65.96 139.18
N ASP B 42 -92.59 67.20 139.42
CA ASP B 42 -92.15 67.94 140.57
C ASP B 42 -92.60 67.23 141.84
N ARG B 43 -92.40 65.92 141.89
CA ARG B 43 -92.71 65.13 143.06
C ARG B 43 -91.51 64.15 143.16
N ALA B 44 -91.31 63.38 142.11
CA ALA B 44 -90.39 62.24 142.11
C ALA B 44 -89.02 62.65 142.63
N TYR B 45 -88.58 63.84 142.24
CA TYR B 45 -87.28 64.35 142.67
C TYR B 45 -87.42 65.32 143.85
N GLU B 46 -88.58 65.30 144.48
CA GLU B 46 -88.85 66.17 145.62
C GLU B 46 -88.64 65.44 146.94
N PHE B 47 -88.57 64.10 146.87
CA PHE B 47 -88.37 63.28 148.05
C PHE B 47 -87.17 62.37 147.90
N ALA B 48 -86.15 62.87 147.20
CA ALA B 48 -84.92 62.10 146.98
C ALA B 48 -83.74 62.74 147.69
N GLU B 49 -83.85 64.03 147.98
CA GLU B 49 -82.79 64.75 148.66
C GLU B 49 -82.73 64.41 150.14
N ARG B 50 -83.81 63.80 150.64
CA ARG B 50 -83.89 63.41 152.04
C ARG B 50 -83.20 62.07 152.29
N CYS B 51 -83.26 61.20 151.28
CA CYS B 51 -82.64 59.88 151.39
C CYS B 51 -81.20 59.90 150.88
N ASN B 52 -80.57 58.74 150.85
CA ASN B 52 -79.19 58.63 150.39
C ASN B 52 -79.05 57.63 149.25
N GLU B 53 -79.13 56.34 149.58
CA GLU B 53 -79.02 55.30 148.59
C GLU B 53 -79.53 53.86 148.39
N PRO B 54 -80.60 53.54 149.12
CA PRO B 54 -81.04 52.25 149.67
C PRO B 54 -81.63 51.34 148.59
N ALA B 55 -80.88 50.35 148.14
CA ALA B 55 -81.35 49.43 147.10
C ALA B 55 -81.50 50.13 145.76
N VAL B 56 -81.99 49.39 144.77
CA VAL B 56 -82.19 49.95 143.43
C VAL B 56 -81.16 50.61 142.51
N TRP B 57 -80.14 49.85 142.15
CA TRP B 57 -78.90 50.36 141.57
C TRP B 57 -78.79 50.01 140.10
N SER B 58 -79.40 48.89 139.70
CA SER B 58 -79.37 48.44 138.32
C SER B 58 -80.61 48.92 137.57
N GLN B 59 -81.70 49.12 138.30
CA GLN B 59 -82.95 49.59 137.71
C GLN B 59 -83.03 51.11 137.73
N LEU B 60 -82.29 51.73 138.63
CA LEU B 60 -82.27 53.18 138.76
C LEU B 60 -81.40 53.81 137.68
N ALA B 61 -80.40 53.08 137.22
CA ALA B 61 -79.50 53.56 136.19
C ALA B 61 -80.14 53.49 134.81
N LYS B 62 -81.11 52.60 134.66
CA LYS B 62 -81.82 52.44 133.40
C LYS B 62 -82.92 53.48 133.25
N ALA B 63 -83.46 53.92 134.38
CA ALA B 63 -84.54 54.92 134.38
C ALA B 63 -83.98 56.33 134.46
N GLN B 64 -82.83 56.47 135.13
CA GLN B 64 -82.19 57.77 135.29
C GLN B 64 -81.28 58.08 134.10
N LEU B 65 -81.18 57.12 133.19
CA LEU B 65 -80.34 57.28 132.00
C LEU B 65 -81.19 57.51 130.75
N GLN B 66 -82.46 57.18 130.85
CA GLN B 66 -83.39 57.34 129.72
C GLN B 66 -84.35 58.49 129.96
N LYS B 67 -84.35 59.02 131.19
CA LYS B 67 -85.23 60.13 131.54
C LYS B 67 -84.44 61.26 132.18
N GLY B 68 -83.96 62.19 131.34
CA GLY B 68 -83.19 63.32 131.83
C GLY B 68 -81.73 63.00 132.00
N MET B 69 -80.96 63.98 132.48
CA MET B 69 -79.53 63.79 132.70
C MET B 69 -79.15 64.07 134.15
N VAL B 70 -78.90 63.01 134.91
CA VAL B 70 -78.52 63.13 136.31
C VAL B 70 -77.35 62.24 136.65
N LYS B 71 -77.42 60.98 136.22
CA LYS B 71 -76.37 60.01 136.48
C LYS B 71 -75.08 60.34 137.24
N GLU B 72 -74.43 61.43 136.85
CA GLU B 72 -73.37 62.07 137.61
C GLU B 72 -73.78 62.23 139.08
N ALA B 73 -75.05 62.51 139.30
CA ALA B 73 -75.58 62.68 140.65
C ALA B 73 -76.21 61.39 141.17
N ILE B 74 -77.01 60.76 140.33
CA ILE B 74 -77.68 59.51 140.69
C ILE B 74 -76.69 58.34 140.66
N ASP B 75 -75.47 58.62 140.23
CA ASP B 75 -74.44 57.59 140.15
C ASP B 75 -73.27 57.92 141.07
N SER B 76 -73.41 58.97 141.86
CA SER B 76 -72.37 59.39 142.78
C SER B 76 -72.90 59.49 144.21
N TYR B 77 -74.03 58.84 144.46
CA TYR B 77 -74.64 58.86 145.78
C TYR B 77 -75.40 57.56 146.06
N ILE B 78 -75.09 56.53 145.27
CA ILE B 78 -75.73 55.23 145.43
C ILE B 78 -74.73 54.09 145.32
N LYS B 79 -73.49 54.43 144.98
CA LYS B 79 -72.44 53.44 144.85
C LYS B 79 -72.14 53.48 146.34
N ALA B 80 -72.96 52.79 147.12
CA ALA B 80 -72.68 52.28 148.46
C ALA B 80 -72.72 50.75 148.50
N ASP B 81 -73.89 50.20 148.79
CA ASP B 81 -74.06 48.76 148.85
C ASP B 81 -73.47 48.08 147.63
N ASP B 82 -74.13 48.27 146.48
CA ASP B 82 -73.66 47.67 145.23
C ASP B 82 -74.59 48.04 144.07
N PRO B 83 -74.04 48.00 142.86
CA PRO B 83 -74.82 48.34 141.66
C PRO B 83 -74.90 47.15 140.69
N SER B 84 -75.34 47.41 139.47
CA SER B 84 -75.46 46.37 138.46
C SER B 84 -75.75 47.06 137.13
N SER B 85 -76.12 46.28 136.13
CA SER B 85 -76.18 46.73 134.74
C SER B 85 -74.84 46.27 134.15
N TYR B 86 -74.30 46.26 133.29
CA TYR B 86 -73.54 46.26 132.03
C TYR B 86 -73.48 47.34 130.96
N MET B 87 -73.84 46.97 129.73
CA MET B 87 -73.81 47.90 128.62
C MET B 87 -74.40 49.25 129.00
N GLU B 88 -75.49 49.23 129.75
CA GLU B 88 -76.16 50.45 130.18
C GLU B 88 -75.52 51.59 130.97
N VAL B 89 -75.01 51.28 132.15
CA VAL B 89 -74.11 52.13 132.90
C VAL B 89 -72.79 52.34 132.17
N VAL B 90 -72.19 51.23 131.72
CA VAL B 90 -70.92 51.28 131.01
C VAL B 90 -70.93 52.40 129.96
N GLN B 91 -71.67 52.19 128.89
CA GLN B 91 -71.76 53.17 127.81
C GLN B 91 -72.13 54.55 128.34
N ALA B 92 -73.18 54.60 129.16
CA ALA B 92 -73.65 55.85 129.73
C ALA B 92 -72.48 56.71 130.21
N ALA B 93 -71.64 56.12 131.05
CA ALA B 93 -70.48 56.83 131.59
C ALA B 93 -69.39 56.99 130.54
N ASN B 94 -69.34 58.17 129.91
CA ASN B 94 -68.35 58.46 128.89
C ASN B 94 -68.58 59.81 128.22
N THR B 95 -69.80 60.02 127.74
CA THR B 95 -70.16 61.26 127.08
C THR B 95 -70.20 62.42 128.07
N SER B 96 -70.97 62.26 129.14
CA SER B 96 -71.10 63.30 130.16
C SER B 96 -69.73 63.65 130.75
N GLY B 97 -68.70 62.91 130.34
CA GLY B 97 -67.36 63.15 130.83
C GLY B 97 -67.13 62.52 132.19
N ASN B 98 -67.88 61.47 132.49
CA ASN B 98 -67.76 60.78 133.77
C ASN B 98 -66.72 59.69 133.57
N TRP B 99 -65.47 60.09 133.33
CA TRP B 99 -64.36 59.15 133.26
C TRP B 99 -63.65 59.03 134.60
N GLU B 100 -62.79 59.99 134.90
CA GLU B 100 -62.05 59.99 136.15
C GLU B 100 -62.56 59.46 137.49
N GLU B 101 -63.86 59.60 137.70
CA GLU B 101 -64.62 58.88 138.72
C GLU B 101 -65.14 57.54 138.17
N LEU B 102 -65.42 57.52 136.87
CA LEU B 102 -65.91 56.31 136.23
C LEU B 102 -64.93 55.15 136.38
N VAL B 103 -63.67 55.40 136.04
CA VAL B 103 -62.63 54.38 136.14
C VAL B 103 -62.52 53.86 137.57
N LYS B 104 -62.77 54.76 138.54
CA LYS B 104 -62.70 54.39 139.94
C LYS B 104 -63.92 53.58 140.38
N TYR B 105 -65.05 53.87 139.75
CA TYR B 105 -66.30 53.17 140.06
C TYR B 105 -66.14 51.67 139.87
N LEU B 106 -65.21 51.28 138.99
CA LEU B 106 -64.96 49.87 138.72
C LEU B 106 -63.96 49.29 139.71
N GLN B 107 -63.07 50.13 140.22
CA GLN B 107 -62.06 49.71 141.18
C GLN B 107 -62.65 48.74 142.20
N MET B 108 -63.91 48.95 142.55
CA MET B 108 -64.60 48.10 143.51
C MET B 108 -65.38 46.99 142.82
N ALA B 109 -64.92 46.61 141.63
CA ALA B 109 -65.56 45.56 140.85
C ALA B 109 -64.63 44.37 140.66
N ARG B 110 -63.34 44.63 140.61
CA ARG B 110 -62.35 43.58 140.43
C ARG B 110 -62.23 42.72 141.68
N LYS B 111 -62.02 43.36 142.82
CA LYS B 111 -61.89 42.66 144.09
C LYS B 111 -62.94 41.56 144.24
N LYS B 112 -64.11 41.77 143.65
CA LYS B 112 -65.44 41.28 143.99
C LYS B 112 -66.15 40.73 142.76
N ALA B 113 -65.87 41.32 141.61
CA ALA B 113 -66.47 40.89 140.35
C ALA B 113 -65.45 40.87 139.22
N ARG B 114 -64.24 41.33 139.51
CA ARG B 114 -63.18 41.35 138.53
C ARG B 114 -63.52 40.50 137.30
N GLU B 115 -63.94 41.17 136.23
CA GLU B 115 -64.30 40.47 135.00
C GLU B 115 -64.17 41.39 133.79
N SER B 116 -64.32 40.81 132.60
CA SER B 116 -64.22 41.58 131.36
C SER B 116 -64.99 42.79 130.85
N TYR B 117 -66.27 42.58 130.58
CA TYR B 117 -67.30 43.62 130.46
C TYR B 117 -67.37 44.57 131.68
N VAL B 118 -66.82 44.15 132.80
CA VAL B 118 -66.75 44.95 134.03
C VAL B 118 -65.33 45.29 134.51
N GLU B 119 -64.40 44.34 134.41
CA GLU B 119 -62.95 44.61 134.53
C GLU B 119 -62.37 44.90 133.14
N THR B 120 -62.71 44.10 132.13
CA THR B 120 -62.21 44.39 130.77
C THR B 120 -62.70 45.79 130.50
N GLU B 121 -63.67 46.23 131.30
CA GLU B 121 -64.20 47.57 131.18
C GLU B 121 -63.30 48.49 131.97
N LEU B 122 -62.84 48.03 133.13
CA LEU B 122 -61.92 48.83 133.93
C LEU B 122 -60.71 49.05 133.03
N ILE B 123 -60.27 47.99 132.39
CA ILE B 123 -59.13 48.06 131.48
C ILE B 123 -59.46 49.09 130.43
N PHE B 124 -60.50 48.81 129.65
CA PHE B 124 -60.96 49.71 128.61
C PHE B 124 -60.99 51.13 129.17
N ALA B 125 -61.71 51.28 130.29
CA ALA B 125 -61.85 52.57 130.96
C ALA B 125 -60.48 53.12 131.32
N LEU B 126 -59.68 52.31 132.00
CA LEU B 126 -58.34 52.74 132.40
C LEU B 126 -57.57 53.19 131.15
N ALA B 127 -57.64 52.39 130.10
CA ALA B 127 -56.96 52.72 128.85
C ALA B 127 -57.21 54.19 128.55
N LYS B 128 -58.44 54.64 128.81
CA LYS B 128 -58.81 56.03 128.58
C LYS B 128 -58.92 56.94 129.80
N THR B 129 -58.12 56.65 130.81
CA THR B 129 -58.24 57.30 132.12
C THR B 129 -56.97 57.83 132.79
N ASN B 130 -56.12 56.92 133.23
CA ASN B 130 -54.86 57.28 133.86
C ASN B 130 -53.86 56.17 133.50
N ARG B 131 -52.60 56.38 133.87
CA ARG B 131 -51.41 55.78 133.30
C ARG B 131 -50.38 55.43 134.37
N LEU B 132 -50.36 56.22 135.44
CA LEU B 132 -49.39 55.99 136.56
C LEU B 132 -49.09 54.72 137.31
N ALA B 133 -50.10 54.16 137.99
CA ALA B 133 -50.12 52.79 138.49
C ALA B 133 -50.95 51.92 137.52
N GLU B 134 -51.24 52.46 136.34
CA GLU B 134 -52.00 51.76 135.32
C GLU B 134 -51.14 50.74 134.56
N LEU B 135 -50.09 50.26 135.19
CA LEU B 135 -49.19 49.29 134.58
C LEU B 135 -48.47 48.51 135.67
N GLU B 136 -48.95 48.63 136.90
CA GLU B 136 -48.36 47.94 138.03
C GLU B 136 -49.31 46.85 138.50
N GLU B 137 -50.61 47.07 138.30
CA GLU B 137 -51.63 46.10 138.71
C GLU B 137 -52.19 45.32 137.52
N PHE B 138 -51.96 45.81 136.30
CA PHE B 138 -52.42 45.11 135.11
C PHE B 138 -51.66 43.79 135.04
N ILE B 139 -50.91 43.50 136.09
CA ILE B 139 -50.05 42.32 136.12
C ILE B 139 -50.41 41.44 137.31
N ASN B 140 -51.15 41.99 138.27
CA ASN B 140 -51.53 41.26 139.47
C ASN B 140 -53.03 40.95 139.50
N GLY B 141 -53.84 41.99 139.28
CA GLY B 141 -55.28 41.83 139.28
C GLY B 141 -55.88 42.04 137.90
N PRO B 142 -55.50 41.19 136.95
CA PRO B 142 -55.99 41.29 135.58
C PRO B 142 -56.65 39.99 135.13
N ASN B 143 -55.84 38.97 134.86
CA ASN B 143 -56.34 37.68 134.41
C ASN B 143 -57.62 37.82 133.60
N ASN B 144 -58.68 37.18 134.07
CA ASN B 144 -59.97 37.22 133.38
C ASN B 144 -60.52 38.55 132.87
N ALA B 145 -60.97 38.55 131.61
CA ALA B 145 -61.28 39.77 130.88
C ALA B 145 -61.66 39.02 129.60
N HIS B 146 -62.14 39.76 128.62
CA HIS B 146 -62.08 39.61 127.16
C HIS B 146 -60.78 40.20 126.61
N ILE B 147 -59.83 39.33 126.31
CA ILE B 147 -58.54 39.76 125.78
C ILE B 147 -58.57 40.26 124.33
N GLN B 148 -59.74 40.23 123.72
CA GLN B 148 -59.88 40.71 122.36
C GLN B 148 -59.97 42.22 122.14
N GLN B 149 -60.96 42.87 122.75
CA GLN B 149 -61.03 44.32 122.77
C GLN B 149 -59.77 44.91 123.38
N VAL B 150 -59.07 44.09 124.15
CA VAL B 150 -57.82 44.52 124.77
C VAL B 150 -56.90 45.00 123.66
N GLY B 151 -56.46 44.07 122.82
CA GLY B 151 -55.59 44.42 121.72
C GLY B 151 -56.12 45.59 120.90
N ASP B 152 -57.40 45.55 120.56
CA ASP B 152 -58.03 46.60 119.78
C ASP B 152 -57.95 47.95 120.48
N ARG B 153 -58.44 48.00 121.72
CA ARG B 153 -58.42 49.24 122.48
C ARG B 153 -56.97 49.64 122.75
N CYS B 154 -56.14 48.66 123.08
CA CYS B 154 -54.72 48.94 123.34
C CYS B 154 -54.14 49.52 122.05
N TYR B 155 -54.60 49.01 120.92
CA TYR B 155 -54.13 49.49 119.63
C TYR B 155 -54.70 50.88 119.40
N ASP B 156 -55.86 51.14 119.99
CA ASP B 156 -56.51 52.44 119.88
C ASP B 156 -55.87 53.38 120.90
N GLU B 157 -55.33 52.81 121.96
CA GLU B 157 -54.68 53.57 123.02
C GLU B 157 -53.28 52.99 123.19
N LYS B 158 -52.35 53.48 122.38
CA LYS B 158 -50.98 53.00 122.37
C LYS B 158 -50.00 53.44 123.46
N MET B 159 -49.46 52.44 124.13
CA MET B 159 -48.46 52.58 125.19
C MET B 159 -47.93 51.24 124.70
N TYR B 160 -46.66 51.25 124.26
CA TYR B 160 -45.86 50.07 123.98
C TYR B 160 -45.31 49.22 125.13
N ASP B 161 -45.27 49.76 126.34
CA ASP B 161 -44.71 49.02 127.47
C ASP B 161 -45.50 47.77 127.89
N ALA B 162 -46.64 47.54 127.26
CA ALA B 162 -47.46 46.38 127.60
C ALA B 162 -47.94 45.58 126.40
N ALA B 163 -47.47 45.96 125.22
CA ALA B 163 -47.86 45.25 123.99
C ALA B 163 -47.05 43.98 123.79
N LYS B 164 -46.39 43.56 124.86
CA LYS B 164 -45.48 42.43 124.83
C LYS B 164 -46.02 41.74 126.07
N LEU B 165 -45.79 42.36 127.23
CA LEU B 165 -45.99 41.74 128.53
C LEU B 165 -47.41 41.19 128.55
N LEU B 166 -48.11 41.43 127.44
CA LEU B 166 -49.49 40.98 127.26
C LEU B 166 -49.58 40.25 125.93
N TYR B 167 -48.92 40.80 124.90
CA TYR B 167 -48.91 40.19 123.58
C TYR B 167 -48.19 38.85 123.66
N ASN B 168 -47.43 38.65 124.73
CA ASN B 168 -46.70 37.40 124.94
C ASN B 168 -47.58 36.51 125.83
N ASN B 169 -48.87 36.81 125.79
CA ASN B 169 -49.91 36.10 126.54
C ASN B 169 -51.16 36.32 125.72
N VAL B 170 -50.97 36.82 124.50
CA VAL B 170 -52.08 37.18 123.63
C VAL B 170 -51.70 37.04 122.16
N SER B 171 -52.39 37.79 121.31
CA SER B 171 -52.13 37.75 119.87
C SER B 171 -51.75 39.12 119.34
N ASN B 172 -52.19 39.43 118.12
CA ASN B 172 -51.89 40.71 117.50
C ASN B 172 -51.17 41.95 116.99
N PHE B 173 -50.00 41.75 116.40
CA PHE B 173 -48.59 42.06 116.19
C PHE B 173 -48.41 43.24 115.24
N GLY B 174 -49.08 43.18 114.09
CA GLY B 174 -48.99 44.22 113.09
C GLY B 174 -49.60 45.44 113.75
N ARG B 175 -50.61 45.16 114.56
CA ARG B 175 -51.31 46.17 115.32
C ARG B 175 -50.43 46.51 116.53
N LEU B 176 -49.14 46.24 116.37
CA LEU B 176 -48.13 46.50 117.38
C LEU B 176 -47.01 47.30 116.75
N ALA B 177 -46.70 46.95 115.50
CA ALA B 177 -45.65 47.63 114.75
C ALA B 177 -46.13 48.84 113.98
N SER B 178 -47.26 49.41 114.42
CA SER B 178 -47.91 50.47 113.67
C SER B 178 -48.30 51.54 114.69
N THR B 179 -49.26 51.23 115.56
CA THR B 179 -49.67 52.21 116.57
C THR B 179 -48.80 52.62 117.75
N LEU B 180 -48.11 53.74 117.56
CA LEU B 180 -47.18 54.36 118.50
C LEU B 180 -46.07 54.46 117.47
N VAL B 181 -45.03 55.22 117.79
CA VAL B 181 -43.93 55.40 116.84
C VAL B 181 -42.81 55.19 117.86
N HIS B 182 -41.58 55.53 117.47
CA HIS B 182 -40.41 55.30 118.31
C HIS B 182 -40.40 53.79 118.09
N LEU B 183 -41.41 53.36 117.32
CA LEU B 183 -41.69 51.98 116.98
C LEU B 183 -41.85 51.29 118.32
N GLY B 184 -41.70 49.98 118.33
CA GLY B 184 -41.75 49.28 119.59
C GLY B 184 -40.28 49.31 119.92
N GLU B 185 -39.57 50.04 119.06
CA GLU B 185 -38.13 50.22 119.11
C GLU B 185 -37.40 49.03 118.52
N TYR B 186 -36.17 48.86 118.95
CA TYR B 186 -35.37 47.69 118.61
C TYR B 186 -35.86 46.58 119.56
N GLN B 187 -37.00 46.83 120.17
CA GLN B 187 -37.63 45.90 121.11
C GLN B 187 -38.83 45.19 120.51
N ALA B 188 -38.98 45.23 119.18
CA ALA B 188 -40.11 44.58 118.54
C ALA B 188 -39.74 43.63 117.39
N ALA B 189 -38.46 43.52 117.11
CA ALA B 189 -37.98 42.81 115.92
C ALA B 189 -37.56 41.40 116.33
N VAL B 190 -36.80 41.31 117.41
CA VAL B 190 -36.33 40.03 117.91
C VAL B 190 -37.47 39.05 118.18
N ASP B 191 -38.69 39.53 117.96
CA ASP B 191 -39.92 38.83 118.33
C ASP B 191 -41.02 39.21 117.34
N GLY B 192 -40.61 39.81 116.22
CA GLY B 192 -41.56 40.23 115.21
C GLY B 192 -41.48 39.43 113.92
N ALA B 193 -40.56 39.79 113.04
CA ALA B 193 -40.40 39.09 111.76
C ALA B 193 -39.98 37.65 112.01
N ARG B 194 -39.79 37.30 113.28
CA ARG B 194 -39.39 35.95 113.65
C ARG B 194 -40.40 34.92 113.16
N LYS B 195 -41.68 35.25 113.33
CA LYS B 195 -42.76 34.35 112.91
C LYS B 195 -43.22 34.68 111.49
N ALA B 196 -42.57 35.66 110.87
CA ALA B 196 -42.92 36.07 109.52
C ALA B 196 -44.37 36.23 109.06
N ASN B 197 -45.04 37.26 109.54
CA ASN B 197 -46.48 37.42 109.39
C ASN B 197 -46.86 37.83 107.97
N SER B 198 -48.15 38.09 107.77
CA SER B 198 -48.65 38.50 106.46
C SER B 198 -47.96 39.77 105.97
N THR B 199 -47.29 39.69 104.82
CA THR B 199 -46.65 40.87 104.25
C THR B 199 -47.39 42.19 104.40
N ARG B 200 -46.68 43.23 104.83
CA ARG B 200 -47.27 44.49 105.26
C ARG B 200 -47.21 44.69 106.78
N THR B 201 -47.25 45.95 107.21
CA THR B 201 -46.70 46.49 108.45
C THR B 201 -45.20 46.68 108.31
N TRP B 202 -44.65 46.05 107.28
CA TRP B 202 -43.22 46.19 106.96
C TRP B 202 -43.04 47.24 105.88
N LYS B 203 -43.90 47.19 104.87
CA LYS B 203 -43.87 48.19 103.81
C LYS B 203 -43.92 49.54 104.50
N GLU B 204 -44.02 49.50 105.82
CA GLU B 204 -44.14 50.69 106.65
C GLU B 204 -42.88 50.92 107.49
N VAL B 205 -42.60 49.97 108.39
CA VAL B 205 -41.45 50.03 109.29
C VAL B 205 -39.96 50.35 109.14
N CYS B 206 -39.27 49.62 108.28
CA CYS B 206 -38.00 50.00 107.65
C CYS B 206 -38.21 51.05 106.57
N PHE B 207 -39.44 51.16 106.05
CA PHE B 207 -39.71 52.19 105.07
C PHE B 207 -39.46 53.43 105.89
N ALA B 208 -40.33 53.65 106.88
CA ALA B 208 -40.27 54.79 107.78
C ALA B 208 -38.94 54.95 108.50
N CYS B 209 -38.02 54.02 108.26
CA CYS B 209 -36.74 53.99 108.97
C CYS B 209 -35.59 54.74 108.33
N VAL B 210 -35.26 54.38 107.08
CA VAL B 210 -34.23 55.08 106.31
C VAL B 210 -34.18 56.60 106.24
N ASP B 211 -35.37 57.21 106.13
CA ASP B 211 -35.50 58.66 106.25
C ASP B 211 -35.17 59.13 107.66
N GLY B 212 -35.80 58.51 108.65
CA GLY B 212 -35.57 58.86 110.04
C GLY B 212 -35.02 57.70 110.85
N LYS B 213 -34.16 58.01 111.81
CA LYS B 213 -33.56 56.97 112.65
C LYS B 213 -32.38 56.38 111.88
N GLU B 214 -31.28 57.12 111.83
CA GLU B 214 -30.06 56.65 111.18
C GLU B 214 -29.22 55.81 112.15
N PHE B 215 -29.88 55.03 112.98
CA PHE B 215 -29.21 54.18 113.95
C PHE B 215 -28.82 52.94 113.15
N ARG B 216 -29.38 52.86 111.95
CA ARG B 216 -29.16 51.74 111.04
C ARG B 216 -29.93 50.59 111.65
N LEU B 217 -31.09 50.91 112.22
CA LEU B 217 -32.01 49.91 112.76
C LEU B 217 -32.83 49.21 111.67
N ALA B 218 -32.52 49.49 110.42
CA ALA B 218 -33.31 48.94 109.33
C ALA B 218 -32.45 48.11 108.39
N GLN B 219 -31.42 47.52 108.96
CA GLN B 219 -30.50 46.64 108.25
C GLN B 219 -30.59 45.33 109.00
N MET B 220 -30.95 45.45 110.26
CA MET B 220 -31.13 44.31 111.14
C MET B 220 -32.54 43.87 110.76
N CYS B 221 -33.44 44.84 110.75
CA CYS B 221 -34.83 44.62 110.41
C CYS B 221 -34.91 44.32 108.92
N GLY B 222 -33.78 44.42 108.25
CA GLY B 222 -33.72 44.14 106.82
C GLY B 222 -33.89 42.67 106.54
N LEU B 223 -32.80 41.91 106.63
CA LEU B 223 -32.85 40.47 106.41
C LEU B 223 -33.91 39.92 107.34
N HIS B 224 -34.26 40.75 108.32
CA HIS B 224 -35.25 40.41 109.32
C HIS B 224 -36.68 40.24 108.81
N ILE B 225 -37.25 41.33 108.31
CA ILE B 225 -38.55 41.31 107.69
C ILE B 225 -38.58 40.57 106.37
N VAL B 226 -37.45 40.52 105.68
CA VAL B 226 -37.35 39.83 104.40
C VAL B 226 -37.64 38.34 104.56
N VAL B 227 -36.80 37.66 105.31
CA VAL B 227 -36.96 36.23 105.55
C VAL B 227 -38.16 35.68 104.79
N HIS B 228 -38.04 35.62 103.46
CA HIS B 228 -39.11 35.11 102.62
C HIS B 228 -38.56 34.30 101.45
N ALA B 229 -39.30 33.27 101.05
CA ALA B 229 -38.89 32.41 99.95
C ALA B 229 -39.48 32.66 98.56
N ASP B 230 -40.79 32.71 98.48
CA ASP B 230 -41.49 33.12 97.27
C ASP B 230 -41.75 34.62 97.27
N GLU B 231 -41.26 35.30 98.30
CA GLU B 231 -41.41 36.76 98.40
C GLU B 231 -40.25 37.49 97.71
N LEU B 232 -40.18 38.81 97.92
CA LEU B 232 -39.11 39.62 97.36
C LEU B 232 -39.57 40.60 96.28
N GLU B 233 -40.87 40.65 96.03
CA GLU B 233 -41.43 41.58 95.05
C GLU B 233 -41.94 42.82 95.78
N GLU B 234 -42.68 42.58 96.86
CA GLU B 234 -43.18 43.64 97.71
C GLU B 234 -41.96 44.28 98.38
N LEU B 235 -40.88 43.52 98.40
CA LEU B 235 -39.62 43.94 99.01
C LEU B 235 -38.76 44.88 98.16
N ILE B 236 -39.33 45.50 97.13
CA ILE B 236 -38.55 46.40 96.30
C ILE B 236 -39.20 47.74 95.92
N ASN B 237 -39.81 48.39 96.90
CA ASN B 237 -40.46 49.68 96.74
C ASN B 237 -40.39 50.19 98.16
N TYR B 238 -39.58 49.46 98.93
CA TYR B 238 -39.42 49.70 100.35
C TYR B 238 -37.95 49.78 100.72
N TYR B 239 -37.09 49.44 99.77
CA TYR B 239 -35.65 49.47 99.95
C TYR B 239 -35.02 50.33 98.86
N GLN B 240 -35.85 51.10 98.16
CA GLN B 240 -35.37 51.94 97.08
C GLN B 240 -35.69 53.41 97.25
N ASP B 241 -36.97 53.77 97.09
CA ASP B 241 -37.41 55.16 97.21
C ASP B 241 -36.71 55.94 98.31
N ARG B 242 -36.34 55.25 99.40
CA ARG B 242 -35.65 55.92 100.51
C ARG B 242 -34.14 55.77 100.45
N GLY B 243 -33.64 55.39 99.28
CA GLY B 243 -32.20 55.23 99.10
C GLY B 243 -31.49 54.36 100.13
N TYR B 244 -31.55 53.05 99.93
CA TYR B 244 -30.91 52.11 100.85
C TYR B 244 -29.83 51.26 100.17
N PHE B 245 -30.10 50.83 98.95
CA PHE B 245 -29.12 50.07 98.17
C PHE B 245 -28.06 49.47 99.08
N GLU B 246 -26.81 49.84 98.83
CA GLU B 246 -25.69 49.34 99.62
C GLU B 246 -26.23 48.24 100.54
N GLU B 247 -26.81 48.64 101.66
CA GLU B 247 -27.32 47.69 102.63
C GLU B 247 -28.21 46.64 101.97
N LEU B 248 -28.85 47.03 100.87
CA LEU B 248 -29.72 46.14 100.13
C LEU B 248 -28.92 45.25 99.19
N ILE B 249 -27.89 45.83 98.58
CA ILE B 249 -27.03 45.09 97.65
C ILE B 249 -25.99 44.28 98.42
N THR B 250 -26.21 44.16 99.74
CA THR B 250 -25.31 43.40 100.59
C THR B 250 -26.04 42.39 101.46
N MET B 251 -27.37 42.37 101.35
CA MET B 251 -28.20 41.44 102.11
C MET B 251 -28.35 40.16 101.30
N LEU B 252 -28.78 40.31 100.06
CA LEU B 252 -28.96 39.18 99.15
C LEU B 252 -27.65 38.41 99.20
N GLU B 253 -26.59 39.14 99.55
CA GLU B 253 -25.26 38.59 99.67
C GLU B 253 -25.24 37.35 100.54
N ALA B 254 -26.34 37.07 101.23
CA ALA B 254 -26.41 35.90 102.09
C ALA B 254 -27.62 35.05 101.77
N ALA B 255 -28.77 35.70 101.62
CA ALA B 255 -30.02 35.01 101.32
C ALA B 255 -29.89 34.05 100.14
N LEU B 256 -28.96 34.32 99.25
CA LEU B 256 -28.76 33.47 98.07
C LEU B 256 -27.98 32.19 98.38
N GLY B 257 -27.32 32.16 99.54
CA GLY B 257 -26.56 30.98 99.91
C GLY B 257 -27.35 30.05 100.79
N LEU B 258 -28.47 30.54 101.32
CA LEU B 258 -29.33 29.75 102.19
C LEU B 258 -29.76 28.46 101.51
N GLU B 259 -30.29 27.52 102.28
CA GLU B 259 -30.74 26.25 101.74
C GLU B 259 -31.92 26.43 100.79
N ARG B 260 -32.46 27.64 100.76
CA ARG B 260 -33.79 27.96 100.26
C ARG B 260 -33.78 29.07 99.22
N ALA B 261 -32.72 29.13 98.42
CA ALA B 261 -32.52 30.20 97.45
C ALA B 261 -33.28 29.90 96.16
N HIS B 262 -33.91 30.93 95.60
CA HIS B 262 -34.67 30.79 94.37
C HIS B 262 -34.10 31.57 93.20
N MET B 263 -34.95 31.85 92.21
CA MET B 263 -34.54 32.56 91.00
C MET B 263 -34.58 34.09 91.14
N GLY B 264 -35.70 34.61 91.61
CA GLY B 264 -35.85 36.05 91.77
C GLY B 264 -34.65 36.77 92.33
N MET B 265 -34.02 36.18 93.35
CA MET B 265 -32.87 36.76 94.01
C MET B 265 -31.82 37.24 93.01
N PHE B 266 -31.13 36.29 92.39
CA PHE B 266 -30.08 36.58 91.42
C PHE B 266 -30.54 37.67 90.44
N THR B 267 -31.77 37.53 89.96
CA THR B 267 -32.34 38.48 89.02
C THR B 267 -32.33 39.91 89.54
N GLU B 268 -33.16 40.17 90.55
CA GLU B 268 -33.24 41.50 91.14
C GLU B 268 -31.85 41.99 91.53
N LEU B 269 -31.04 41.07 92.03
CA LEU B 269 -29.66 41.37 92.43
C LEU B 269 -28.95 42.10 91.30
N ALA B 270 -29.26 41.71 90.06
CA ALA B 270 -28.66 42.30 88.88
C ALA B 270 -29.16 43.73 88.67
N ILE B 271 -30.44 43.95 88.90
CA ILE B 271 -31.03 45.28 88.73
C ILE B 271 -30.19 46.30 89.50
N LEU B 272 -29.42 45.80 90.46
CA LEU B 272 -28.57 46.64 91.27
C LEU B 272 -27.18 46.71 90.63
N TYR B 273 -26.57 45.54 90.42
CA TYR B 273 -25.26 45.46 89.80
C TYR B 273 -25.24 46.21 88.46
N SER B 274 -26.43 46.42 87.90
CA SER B 274 -26.56 47.10 86.61
C SER B 274 -26.35 48.50 86.03
N LYS B 275 -27.16 49.44 86.50
CA LYS B 275 -26.96 50.89 86.45
C LYS B 275 -26.82 50.87 87.97
N PHE B 276 -25.61 50.60 88.46
CA PHE B 276 -24.87 51.06 89.63
C PHE B 276 -23.44 50.53 89.61
N LYS B 277 -23.13 49.55 90.44
CA LYS B 277 -21.79 48.97 90.49
C LYS B 277 -21.48 48.18 89.22
N PRO B 278 -20.70 48.76 88.29
CA PRO B 278 -20.36 48.06 87.05
C PRO B 278 -19.50 46.85 87.38
N GLN B 279 -18.19 47.04 87.32
CA GLN B 279 -17.20 46.02 87.63
C GLN B 279 -17.75 44.64 87.99
N LYS B 280 -18.11 44.46 89.25
CA LYS B 280 -18.65 43.20 89.76
C LYS B 280 -19.80 42.64 88.95
N MET B 281 -20.63 43.53 88.41
CA MET B 281 -21.78 43.12 87.61
C MET B 281 -21.49 41.92 86.70
N ARG B 282 -20.31 41.88 86.09
CA ARG B 282 -19.95 40.76 85.23
C ARG B 282 -19.68 39.57 86.14
N GLU B 283 -18.86 39.81 87.16
CA GLU B 283 -18.49 38.81 88.15
C GLU B 283 -19.68 37.89 88.41
N HIS B 284 -20.82 38.50 88.69
CA HIS B 284 -22.07 37.80 88.98
C HIS B 284 -22.63 36.89 87.89
N LEU B 285 -23.03 37.50 86.79
CA LEU B 285 -23.54 36.79 85.61
C LEU B 285 -22.74 35.55 85.27
N GLU B 286 -21.46 35.74 84.98
CA GLU B 286 -20.57 34.65 84.62
C GLU B 286 -20.79 33.47 85.56
N LEU B 287 -21.28 33.74 86.76
CA LEU B 287 -21.54 32.72 87.76
C LEU B 287 -22.99 32.25 87.71
N PHE B 288 -23.89 33.21 87.91
CA PHE B 288 -25.31 32.93 87.95
C PHE B 288 -26.04 33.37 86.69
N TRP B 289 -26.03 32.51 85.67
CA TRP B 289 -26.69 32.80 84.40
C TRP B 289 -27.90 31.90 84.20
N SER B 290 -27.84 30.68 84.73
CA SER B 290 -28.93 29.74 84.61
C SER B 290 -30.10 30.17 85.50
N ARG B 291 -29.81 30.34 86.78
CA ARG B 291 -30.80 30.74 87.76
C ARG B 291 -31.09 32.24 87.65
N VAL B 292 -31.82 32.63 86.61
CA VAL B 292 -32.15 34.05 86.42
C VAL B 292 -32.96 34.32 85.16
N ASN B 293 -33.63 35.46 85.15
CA ASN B 293 -34.44 35.89 84.02
C ASN B 293 -33.49 36.52 82.99
N ILE B 294 -33.99 36.81 81.80
CA ILE B 294 -33.13 37.40 80.78
C ILE B 294 -33.78 38.54 79.98
N PRO B 295 -35.05 38.39 79.59
CA PRO B 295 -35.69 39.46 78.82
C PRO B 295 -35.79 40.75 79.62
N LYS B 296 -36.31 40.66 80.84
CA LYS B 296 -36.44 41.81 81.72
C LYS B 296 -35.09 42.43 82.00
N VAL B 297 -34.11 41.59 82.33
CA VAL B 297 -32.76 42.04 82.63
C VAL B 297 -32.21 42.98 81.56
N LEU B 298 -32.53 42.70 80.31
CA LEU B 298 -32.04 43.52 79.20
C LEU B 298 -32.50 44.97 79.26
N ARG B 299 -33.56 45.26 80.01
CA ARG B 299 -34.03 46.63 80.14
C ARG B 299 -33.52 47.14 81.48
N ALA B 300 -32.50 46.45 81.96
CA ALA B 300 -31.79 46.76 83.20
C ALA B 300 -30.35 46.63 82.73
N ALA B 301 -30.21 46.07 81.53
CA ALA B 301 -28.94 45.87 80.87
C ALA B 301 -28.76 47.00 79.86
N GLU B 302 -29.71 47.13 78.94
CA GLU B 302 -29.64 48.21 77.96
C GLU B 302 -29.90 49.48 78.76
N GLN B 303 -30.29 49.28 80.01
CA GLN B 303 -30.57 50.35 80.96
C GLN B 303 -29.28 50.54 81.74
N ALA B 304 -28.24 49.84 81.27
CA ALA B 304 -26.90 49.88 81.87
C ALA B 304 -26.48 49.37 80.49
N HIS B 305 -25.59 50.12 79.84
CA HIS B 305 -24.73 49.72 78.73
C HIS B 305 -23.46 48.94 79.09
N LEU B 306 -23.60 47.95 79.96
CA LEU B 306 -22.46 47.13 80.38
C LEU B 306 -22.09 46.12 79.30
N TRP B 307 -22.07 46.58 78.05
CA TRP B 307 -21.74 45.71 76.92
C TRP B 307 -20.76 44.55 76.90
N ALA B 308 -19.71 44.65 77.70
CA ALA B 308 -18.88 43.54 78.16
C ALA B 308 -19.73 42.38 78.66
N GLU B 309 -20.58 42.65 79.65
CA GLU B 309 -21.47 41.64 80.20
C GLU B 309 -22.77 41.56 79.42
N LEU B 310 -23.30 42.72 79.04
CA LEU B 310 -24.54 42.78 78.28
C LEU B 310 -24.47 41.89 77.04
N VAL B 311 -23.27 41.75 76.49
CA VAL B 311 -23.06 40.93 75.30
C VAL B 311 -23.09 39.45 75.66
N PHE B 312 -22.32 39.08 76.68
CA PHE B 312 -22.27 37.69 77.12
C PHE B 312 -23.66 37.13 77.34
N LEU B 313 -24.56 37.96 77.86
CA LEU B 313 -25.93 37.57 78.09
C LEU B 313 -26.51 37.07 76.78
N TYR B 314 -26.53 37.94 75.77
CA TYR B 314 -27.03 37.58 74.45
C TYR B 314 -26.39 36.28 74.00
N ASP B 315 -25.08 36.19 74.16
CA ASP B 315 -24.32 35.01 73.79
C ASP B 315 -24.98 33.72 74.26
N LYS B 316 -24.92 33.47 75.56
CA LYS B 316 -25.52 32.28 76.13
C LYS B 316 -27.01 32.25 75.82
N TYR B 317 -27.61 33.43 75.75
CA TYR B 317 -29.03 33.55 75.43
C TYR B 317 -29.20 32.99 74.02
N GLU B 318 -28.09 32.97 73.30
CA GLU B 318 -28.03 32.48 71.93
C GLU B 318 -28.60 33.50 70.96
N GLU B 319 -28.70 34.75 71.41
CA GLU B 319 -29.22 35.84 70.59
C GLU B 319 -28.05 36.53 69.90
N TYR B 320 -27.11 35.75 69.39
CA TYR B 320 -25.97 36.29 68.66
C TYR B 320 -26.02 37.46 67.68
N ASP B 321 -27.02 37.46 66.81
CA ASP B 321 -27.43 38.62 66.03
C ASP B 321 -27.27 39.91 66.81
N ASN B 322 -27.68 39.88 68.08
CA ASN B 322 -27.59 41.06 68.94
C ASN B 322 -26.26 41.12 69.68
N ALA B 323 -25.79 39.98 70.16
CA ALA B 323 -24.52 39.92 70.87
C ALA B 323 -23.44 40.44 69.93
N ILE B 324 -23.48 39.98 68.69
CA ILE B 324 -22.53 40.41 67.67
C ILE B 324 -22.62 41.92 67.47
N ILE B 325 -23.85 42.42 67.42
CA ILE B 325 -24.09 43.85 67.24
C ILE B 325 -23.45 44.66 68.35
N THR B 326 -23.38 44.07 69.54
CA THR B 326 -22.81 44.75 70.69
C THR B 326 -21.32 45.05 70.51
N MET B 327 -20.78 44.68 69.35
CA MET B 327 -19.38 44.93 69.04
C MET B 327 -19.29 45.76 67.77
N MET B 328 -20.38 46.47 67.48
CA MET B 328 -20.45 47.32 66.29
C MET B 328 -20.42 48.79 66.70
N ASN B 329 -21.11 49.10 67.79
CA ASN B 329 -21.15 50.46 68.31
C ASN B 329 -20.57 50.42 69.71
N HIS B 330 -19.90 49.32 70.04
CA HIS B 330 -19.30 49.14 71.36
C HIS B 330 -17.99 48.35 71.24
N PRO B 331 -17.07 48.79 70.36
CA PRO B 331 -15.79 48.13 70.15
C PRO B 331 -14.98 47.85 71.42
N THR B 332 -14.20 48.85 71.85
CA THR B 332 -13.37 48.72 73.04
C THR B 332 -13.92 47.85 74.16
N ASP B 333 -15.25 47.82 74.29
CA ASP B 333 -16.05 47.59 75.48
C ASP B 333 -16.30 46.11 75.74
N ALA B 334 -16.66 45.37 74.69
CA ALA B 334 -16.94 43.95 74.83
C ALA B 334 -16.17 43.11 73.83
N TRP B 335 -15.82 43.70 72.69
CA TRP B 335 -15.08 42.99 71.65
C TRP B 335 -13.92 42.19 72.24
N LYS B 336 -13.58 41.09 71.58
CA LYS B 336 -12.49 40.24 72.04
C LYS B 336 -11.86 39.48 70.87
N GLU B 337 -11.17 40.22 70.00
CA GLU B 337 -10.50 39.63 68.85
C GLU B 337 -11.35 38.52 68.24
N GLY B 338 -11.06 37.28 68.62
CA GLY B 338 -11.78 36.13 68.12
C GLY B 338 -13.13 35.96 68.78
N GLN B 339 -13.30 36.58 69.94
CA GLN B 339 -14.55 36.49 70.69
C GLN B 339 -15.73 36.77 69.75
N PHE B 340 -15.46 37.59 68.73
CA PHE B 340 -16.47 37.97 67.75
C PHE B 340 -16.54 36.90 66.65
N LYS B 341 -15.48 36.10 66.55
CA LYS B 341 -15.38 35.05 65.55
C LYS B 341 -16.27 33.82 65.72
N ASP B 342 -16.66 33.50 66.94
CA ASP B 342 -17.46 32.31 67.17
C ASP B 342 -18.96 32.54 67.39
N ILE B 343 -19.43 33.76 67.17
CA ILE B 343 -20.85 34.06 67.34
C ILE B 343 -21.54 34.08 65.99
N ILE B 344 -20.99 34.87 65.08
CA ILE B 344 -21.51 35.06 63.73
C ILE B 344 -22.01 33.78 63.04
N THR B 345 -21.22 32.71 63.13
CA THR B 345 -21.57 31.43 62.51
C THR B 345 -22.92 30.87 62.94
N LYS B 346 -23.39 31.27 64.11
CA LYS B 346 -24.65 30.78 64.62
C LYS B 346 -25.82 31.73 64.40
N VAL B 347 -25.72 32.56 63.37
CA VAL B 347 -26.78 33.52 63.04
C VAL B 347 -27.47 33.06 61.77
N ALA B 348 -28.73 33.43 61.59
CA ALA B 348 -29.50 33.04 60.42
C ALA B 348 -29.46 34.11 59.34
N ASN B 349 -29.14 35.34 59.73
CA ASN B 349 -29.06 36.45 58.79
C ASN B 349 -27.61 36.73 58.42
N VAL B 350 -27.30 36.60 57.13
CA VAL B 350 -25.93 36.81 56.65
C VAL B 350 -25.60 38.27 56.38
N GLU B 351 -26.60 39.14 56.48
CA GLU B 351 -26.40 40.57 56.23
C GLU B 351 -25.40 41.17 57.20
N LEU B 352 -25.62 40.94 58.50
CA LEU B 352 -24.75 41.47 59.53
C LEU B 352 -23.27 41.34 59.14
N TYR B 353 -22.92 40.19 58.56
CA TYR B 353 -21.54 39.93 58.16
C TYR B 353 -20.99 41.08 57.31
N TYR B 354 -21.54 41.25 56.11
CA TYR B 354 -21.10 42.29 55.20
C TYR B 354 -20.83 43.66 55.82
N ARG B 355 -21.79 44.18 56.58
CA ARG B 355 -21.56 45.42 57.31
C ARG B 355 -20.46 45.15 58.32
N ALA B 356 -20.40 43.90 58.79
CA ALA B 356 -19.37 43.50 59.75
C ALA B 356 -17.99 43.68 59.15
N ILE B 357 -17.78 43.09 57.98
CA ILE B 357 -16.51 43.21 57.28
C ILE B 357 -15.99 44.59 57.65
N GLN B 358 -16.90 45.55 57.80
CA GLN B 358 -16.57 46.96 57.95
C GLN B 358 -15.74 47.18 59.22
N PHE B 359 -16.32 46.82 60.36
CA PHE B 359 -15.63 46.95 61.63
C PHE B 359 -14.29 46.24 61.60
N TYR B 360 -14.17 45.27 60.69
CA TYR B 360 -12.93 44.51 60.55
C TYR B 360 -12.25 44.83 59.22
N LEU B 361 -12.90 44.46 58.12
CA LEU B 361 -12.36 44.72 56.79
C LEU B 361 -12.26 46.22 56.51
N GLU B 362 -13.34 46.94 56.79
CA GLU B 362 -13.36 48.39 56.58
C GLU B 362 -12.05 49.03 57.02
N PHE B 363 -11.70 48.83 58.28
CA PHE B 363 -10.45 49.38 58.80
C PHE B 363 -9.59 48.28 59.43
N LYS B 364 -10.24 47.19 59.85
CA LYS B 364 -9.52 46.08 60.47
C LYS B 364 -8.80 45.23 59.43
N PRO B 365 -7.52 45.48 59.25
CA PRO B 365 -6.71 44.73 58.28
C PRO B 365 -6.30 43.31 58.67
N LEU B 366 -4.99 43.08 58.74
CA LEU B 366 -4.47 41.78 59.15
C LEU B 366 -5.35 41.18 60.23
N LEU B 367 -5.86 39.97 59.96
CA LEU B 367 -6.78 39.32 60.88
C LEU B 367 -8.22 39.80 60.77
N LEU B 368 -8.55 40.36 59.62
CA LEU B 368 -9.83 40.43 58.93
C LEU B 368 -9.95 39.26 57.96
N ASN B 369 -8.86 38.97 57.26
CA ASN B 369 -8.81 37.84 56.34
C ASN B 369 -8.99 36.54 57.09
N ASP B 370 -8.32 36.41 58.24
CA ASP B 370 -8.46 35.21 59.05
C ASP B 370 -9.95 35.21 59.39
N LEU B 371 -10.52 36.41 59.33
CA LEU B 371 -11.94 36.64 59.60
C LEU B 371 -12.74 36.04 58.44
N LEU B 372 -12.14 36.09 57.25
CA LEU B 372 -12.77 35.55 56.05
C LEU B 372 -12.78 34.02 56.07
N MET B 373 -11.95 33.43 56.91
CA MET B 373 -11.88 31.98 57.02
C MET B 373 -12.86 30.88 57.37
N VAL B 374 -13.28 30.84 58.63
CA VAL B 374 -14.51 30.24 59.13
C VAL B 374 -15.81 30.39 58.35
N LEU B 375 -16.21 31.63 58.11
CA LEU B 375 -17.32 31.95 57.21
C LEU B 375 -17.50 31.33 55.83
N SER B 376 -16.41 31.25 55.08
CA SER B 376 -16.31 30.43 53.88
C SER B 376 -17.69 29.95 53.42
N PRO B 377 -18.07 28.75 53.85
CA PRO B 377 -19.36 28.16 53.48
C PRO B 377 -20.52 29.08 53.87
N ARG B 378 -21.37 29.39 52.90
CA ARG B 378 -22.53 30.25 53.16
C ARG B 378 -22.18 31.73 53.25
N LEU B 379 -21.35 32.20 52.33
CA LEU B 379 -21.18 33.43 51.57
C LEU B 379 -21.41 33.19 50.07
N ASP B 380 -21.63 34.27 49.33
CA ASP B 380 -21.86 34.17 47.90
C ASP B 380 -20.65 34.63 47.11
N HIS B 381 -19.62 35.08 47.82
CA HIS B 381 -18.39 35.55 47.18
C HIS B 381 -18.67 36.65 46.16
N THR B 382 -19.64 36.39 45.28
CA THR B 382 -20.01 37.35 44.25
C THR B 382 -20.32 38.72 44.84
N ARG B 383 -20.81 38.73 46.08
CA ARG B 383 -21.15 39.98 46.74
C ARG B 383 -20.08 40.38 47.75
N ALA B 384 -18.83 40.14 47.40
CA ALA B 384 -17.70 40.50 48.28
C ALA B 384 -16.59 41.17 47.49
N VAL B 385 -15.97 40.42 46.58
CA VAL B 385 -14.89 40.94 45.76
C VAL B 385 -15.28 42.32 45.22
N ASN B 386 -16.57 42.50 44.99
CA ASN B 386 -17.08 43.77 44.48
C ASN B 386 -16.81 44.92 45.44
N TYR B 387 -16.93 44.65 46.73
CA TYR B 387 -16.71 45.66 47.75
C TYR B 387 -15.22 45.92 47.95
N PHE B 388 -14.40 44.96 47.52
CA PHE B 388 -12.96 45.07 47.65
C PHE B 388 -12.37 45.89 46.50
N SER B 389 -12.68 45.49 45.27
CA SER B 389 -12.19 46.19 44.09
C SER B 389 -12.33 47.70 43.96
N LYS B 390 -13.54 48.20 44.21
CA LYS B 390 -13.80 49.63 44.36
C LYS B 390 -13.34 50.12 45.73
N VAL B 391 -12.36 49.43 46.30
CA VAL B 391 -11.82 49.78 47.61
C VAL B 391 -10.32 50.09 47.55
N LYS B 392 -9.68 49.63 46.48
CA LYS B 392 -8.24 49.83 46.30
C LYS B 392 -7.49 49.07 47.40
N GLN B 393 -8.16 48.10 47.99
CA GLN B 393 -7.57 47.29 49.05
C GLN B 393 -7.58 45.77 48.97
N LEU B 394 -8.10 45.29 47.84
CA LEU B 394 -8.60 43.95 47.60
C LEU B 394 -7.52 42.88 47.82
N PRO B 395 -6.24 43.21 47.53
CA PRO B 395 -5.16 42.25 47.72
C PRO B 395 -4.99 41.64 49.11
N LEU B 396 -5.54 42.28 50.14
CA LEU B 396 -5.41 41.71 51.47
C LEU B 396 -6.02 40.32 51.32
N VAL B 397 -7.12 40.25 50.57
CA VAL B 397 -7.83 39.01 50.33
C VAL B 397 -7.00 38.04 49.49
N LYS B 398 -5.76 38.43 49.18
CA LYS B 398 -4.87 37.59 48.39
C LYS B 398 -4.98 36.14 48.87
N PRO B 399 -4.66 35.90 50.16
CA PRO B 399 -4.75 34.54 50.70
C PRO B 399 -6.20 34.10 50.84
N TYR B 400 -7.09 35.09 50.99
CA TYR B 400 -8.52 34.82 51.10
C TYR B 400 -8.91 34.11 49.81
N LEU B 401 -8.08 34.28 48.79
CA LEU B 401 -8.31 33.68 47.49
C LEU B 401 -7.52 32.38 47.36
N ARG B 402 -6.73 32.06 48.39
CA ARG B 402 -5.93 30.84 48.41
C ARG B 402 -6.52 29.44 48.52
N SER B 403 -7.07 29.13 49.68
CA SER B 403 -7.91 27.95 49.88
C SER B 403 -9.19 28.03 49.06
N VAL B 404 -9.55 29.25 48.67
CA VAL B 404 -10.76 29.47 47.88
C VAL B 404 -10.11 29.55 46.50
N GLN B 405 -10.86 30.00 45.52
CA GLN B 405 -10.70 29.76 44.08
C GLN B 405 -10.83 28.29 43.70
N ASN B 406 -11.83 27.62 44.24
CA ASN B 406 -12.07 26.21 43.94
C ASN B 406 -13.48 26.52 43.45
N HIS B 407 -14.05 27.61 43.93
CA HIS B 407 -15.40 28.01 43.54
C HIS B 407 -15.45 28.37 42.06
N ASN B 408 -14.29 28.40 41.42
CA ASN B 408 -14.21 28.73 40.00
C ASN B 408 -14.82 30.09 39.68
N ASN B 409 -15.29 30.78 40.72
CA ASN B 409 -15.89 32.10 40.56
C ASN B 409 -15.09 33.13 39.77
N LYS B 410 -15.80 34.04 39.11
CA LYS B 410 -15.22 34.93 38.11
C LYS B 410 -14.41 36.04 38.77
N SER B 411 -15.02 36.72 39.72
CA SER B 411 -14.36 37.81 40.43
C SER B 411 -12.99 37.35 40.92
N VAL B 412 -12.91 36.06 41.23
CA VAL B 412 -11.65 35.46 41.67
C VAL B 412 -10.44 35.37 40.77
N ASN B 413 -10.57 34.61 39.68
CA ASN B 413 -9.68 34.63 38.53
C ASN B 413 -9.55 36.04 37.96
N GLU B 414 -10.68 36.58 37.49
CA GLU B 414 -10.71 37.93 36.91
C GLU B 414 -10.04 39.22 37.35
N SER B 415 -10.03 39.46 38.66
CA SER B 415 -9.11 40.36 39.36
C SER B 415 -7.88 39.58 39.78
N LEU B 416 -8.08 38.33 40.20
CA LEU B 416 -6.99 37.46 40.63
C LEU B 416 -5.87 37.55 39.59
N ASN B 417 -6.24 37.46 38.32
CA ASN B 417 -5.28 37.55 37.24
C ASN B 417 -4.74 38.98 37.27
N ASN B 418 -5.66 39.94 37.26
CA ASN B 418 -5.32 41.36 37.31
C ASN B 418 -4.25 41.54 38.39
N LEU B 419 -4.34 40.71 39.43
CA LEU B 419 -3.40 40.76 40.53
C LEU B 419 -2.05 40.21 40.07
N PHE B 420 -2.04 38.93 39.70
CA PHE B 420 -0.83 38.27 39.23
C PHE B 420 -0.18 39.02 38.07
N ILE B 421 -0.96 39.91 37.45
CA ILE B 421 -0.45 40.69 36.33
C ILE B 421 0.39 41.91 36.66
N THR B 422 -0.18 42.83 37.42
CA THR B 422 0.56 43.98 37.92
C THR B 422 1.59 43.57 38.97
N GLU B 423 1.33 42.43 39.64
CA GLU B 423 2.25 41.96 40.67
C GLU B 423 3.42 41.20 40.05
N GLU B 424 3.26 40.78 38.80
CA GLU B 424 4.31 40.05 38.07
C GLU B 424 4.37 38.57 38.35
N ASP B 425 3.32 38.03 38.97
CA ASP B 425 3.29 36.61 39.28
C ASP B 425 2.91 35.78 38.07
N TYR B 426 3.72 34.78 37.75
CA TYR B 426 3.48 33.90 36.62
C TYR B 426 3.31 32.45 37.06
N GLN B 427 4.09 32.02 38.03
CA GLN B 427 3.97 30.67 38.57
C GLN B 427 2.54 30.47 39.03
N ALA B 428 2.11 31.29 39.97
CA ALA B 428 0.75 31.21 40.49
C ALA B 428 -0.23 31.47 39.36
N LEU B 429 -0.19 32.68 38.81
CA LEU B 429 -1.09 33.06 37.71
C LEU B 429 -1.29 31.92 36.72
N ARG B 430 -0.19 31.27 36.31
CA ARG B 430 -0.27 30.17 35.37
C ARG B 430 -1.08 29.04 36.00
N THR B 431 -0.72 28.67 37.22
CA THR B 431 -1.41 27.60 37.94
C THR B 431 -2.76 28.11 38.44
N SER B 432 -2.85 29.42 38.62
CA SER B 432 -4.06 30.08 39.07
C SER B 432 -5.13 29.88 38.01
N ILE B 433 -4.70 29.36 36.87
CA ILE B 433 -5.60 29.11 35.74
C ILE B 433 -5.31 27.76 35.10
N ASP B 434 -4.41 26.98 35.71
CA ASP B 434 -4.07 25.67 35.18
C ASP B 434 -5.21 24.67 35.37
N ALA B 435 -6.34 25.15 35.90
CA ALA B 435 -7.49 24.30 36.14
C ALA B 435 -8.74 25.13 35.92
N TYR B 436 -9.00 26.06 36.82
CA TYR B 436 -10.21 26.87 36.83
C TYR B 436 -10.25 27.77 35.59
N ASP B 437 -11.10 27.43 34.63
CA ASP B 437 -11.21 28.20 33.39
C ASP B 437 -12.30 29.26 33.26
N ASN B 438 -12.73 29.81 34.40
CA ASN B 438 -13.89 30.70 34.45
C ASN B 438 -13.42 32.15 34.39
N PHE B 439 -13.38 32.71 33.19
CA PHE B 439 -12.92 34.08 33.03
C PHE B 439 -13.10 34.61 31.61
N ASP B 440 -12.67 35.85 31.39
CA ASP B 440 -12.78 36.48 30.09
C ASP B 440 -11.55 36.22 29.24
N ASN B 441 -11.53 35.08 28.57
CA ASN B 441 -10.41 34.70 27.72
C ASN B 441 -10.38 35.70 26.56
N ILE B 442 -9.90 36.91 26.84
CA ILE B 442 -9.71 37.92 25.80
C ILE B 442 -8.96 39.12 26.36
N SER B 443 -9.70 40.19 26.64
CA SER B 443 -9.10 41.41 27.17
C SER B 443 -7.95 41.10 28.12
N LEU B 444 -8.12 40.05 28.92
CA LEU B 444 -7.09 39.64 29.87
C LEU B 444 -5.70 39.64 29.23
N ALA B 445 -5.59 39.00 28.07
CA ALA B 445 -4.33 38.92 27.36
C ALA B 445 -4.02 40.23 26.65
N GLN B 446 -4.98 41.14 26.64
CA GLN B 446 -4.81 42.45 26.00
C GLN B 446 -3.87 43.34 26.80
N ARG B 447 -3.99 43.28 28.13
CA ARG B 447 -3.16 44.08 29.01
C ARG B 447 -1.77 43.47 29.12
N LEU B 448 -1.68 42.18 28.88
CA LEU B 448 -0.42 41.46 28.95
C LEU B 448 0.48 41.80 27.77
N GLU B 449 -0.11 41.83 26.57
CA GLU B 449 0.63 42.15 25.36
C GLU B 449 1.27 43.54 25.47
N LYS B 450 0.58 44.44 26.14
CA LYS B 450 1.05 45.80 26.34
C LYS B 450 2.28 45.89 27.24
N HIS B 451 2.83 44.73 27.60
CA HIS B 451 3.96 44.69 28.52
C HIS B 451 5.29 44.76 27.81
N GLU B 452 6.36 44.82 28.60
CA GLU B 452 7.72 44.87 28.09
C GLU B 452 8.34 43.54 28.49
N LEU B 453 8.00 43.11 29.69
CA LEU B 453 8.50 41.85 30.24
C LEU B 453 7.72 40.70 29.65
N ILE B 454 8.28 40.13 28.58
CA ILE B 454 7.68 39.03 27.86
C ILE B 454 7.01 37.92 28.68
N GLU B 455 7.34 37.81 29.97
CA GLU B 455 6.73 36.77 30.80
C GLU B 455 5.25 36.62 30.46
N PHE B 456 4.54 37.75 30.47
CA PHE B 456 3.13 37.75 30.17
C PHE B 456 2.87 37.96 28.69
N ARG B 457 3.87 38.49 27.99
CA ARG B 457 3.76 38.69 26.54
C ARG B 457 4.01 37.31 25.94
N ARG B 458 4.46 36.40 26.81
CA ARG B 458 4.78 35.04 26.44
C ARG B 458 3.58 34.17 26.78
N ILE B 459 2.88 34.54 27.85
CA ILE B 459 1.69 33.81 28.27
C ILE B 459 0.47 34.41 27.61
N ALA B 460 0.48 35.72 27.38
CA ALA B 460 -0.63 36.37 26.71
C ALA B 460 -0.67 35.69 25.37
N ALA B 461 0.52 35.28 24.92
CA ALA B 461 0.66 34.56 23.66
C ALA B 461 -0.06 33.24 23.85
N TYR B 462 0.21 32.58 24.98
CA TYR B 462 -0.44 31.31 25.28
C TYR B 462 -1.93 31.56 25.50
N LEU B 463 -2.23 32.36 26.52
CA LEU B 463 -3.59 32.70 26.88
C LEU B 463 -4.55 33.01 25.73
N PHE B 464 -4.05 33.72 24.72
CA PHE B 464 -4.79 33.92 23.48
C PHE B 464 -4.90 32.63 22.66
N LYS B 465 -3.84 31.84 22.63
CA LYS B 465 -3.87 30.60 21.87
C LYS B 465 -4.72 29.54 22.56
N GLY B 466 -4.47 29.33 23.85
CA GLY B 466 -5.21 28.36 24.64
C GLY B 466 -5.95 27.26 23.90
N ASN B 467 -5.33 26.08 23.84
CA ASN B 467 -5.91 24.92 23.17
C ASN B 467 -6.55 25.34 21.85
N ASN B 468 -6.07 26.46 21.31
CA ASN B 468 -6.33 26.89 19.94
C ASN B 468 -5.04 27.48 19.38
N ARG B 469 -4.23 26.62 18.77
CA ARG B 469 -2.96 27.03 18.19
C ARG B 469 -2.80 28.00 17.01
N TRP B 470 -3.90 28.16 16.27
CA TRP B 470 -3.96 29.14 15.19
C TRP B 470 -3.72 30.60 15.54
N LYS B 471 -4.30 31.08 16.64
CA LYS B 471 -4.03 32.44 17.10
C LYS B 471 -2.55 32.74 17.30
N GLN B 472 -1.93 32.08 18.28
CA GLN B 472 -0.53 32.28 18.61
C GLN B 472 0.53 32.43 17.51
N SER B 473 0.41 31.64 16.45
CA SER B 473 1.25 31.79 15.27
C SER B 473 0.84 32.92 14.32
N VAL B 474 -0.42 32.92 13.92
CA VAL B 474 -0.92 33.93 12.99
C VAL B 474 -0.82 35.35 13.58
N GLU B 475 -0.16 35.47 14.72
CA GLU B 475 0.04 36.76 15.38
C GLU B 475 1.49 36.87 15.87
N LEU B 476 2.41 37.09 14.93
CA LEU B 476 3.84 37.22 15.24
C LEU B 476 4.89 38.28 15.00
N CYS B 477 5.33 38.40 13.74
CA CYS B 477 5.98 39.57 13.14
C CYS B 477 7.39 39.47 13.72
N LYS B 478 8.20 40.49 13.45
CA LYS B 478 9.57 40.52 13.93
C LYS B 478 9.59 40.09 15.39
N LYS B 479 9.00 40.93 16.25
CA LYS B 479 8.95 40.64 17.68
C LYS B 479 8.24 39.31 17.94
N ASP B 480 8.42 38.78 19.16
CA ASP B 480 7.80 37.52 19.53
C ASP B 480 7.97 36.45 18.45
N SER B 481 8.95 36.63 17.58
CA SER B 481 9.21 35.69 16.51
C SER B 481 10.30 35.27 17.48
N LEU B 482 10.14 34.09 18.06
CA LEU B 482 11.20 33.33 18.72
C LEU B 482 11.61 32.13 17.88
N TYR B 483 12.88 32.07 17.50
CA TYR B 483 13.41 30.99 16.69
C TYR B 483 13.11 29.67 17.40
N LYS B 484 12.56 29.78 18.61
CA LYS B 484 12.26 28.59 19.42
C LYS B 484 10.93 27.87 19.58
N ASP B 485 10.03 28.46 20.38
CA ASP B 485 8.64 28.03 20.48
C ASP B 485 7.86 28.16 19.17
N ALA B 486 8.35 28.99 18.25
CA ALA B 486 7.69 29.19 16.97
C ALA B 486 7.85 27.95 16.11
N MET B 487 8.89 27.17 16.39
CA MET B 487 9.16 25.94 15.64
C MET B 487 8.52 24.76 16.33
N GLN B 488 7.66 25.03 17.31
CA GLN B 488 7.00 23.97 18.06
C GLN B 488 5.49 24.14 18.17
N TYR B 489 4.99 25.37 18.12
CA TYR B 489 3.55 25.58 18.24
C TYR B 489 2.79 25.37 16.93
N ALA B 490 3.53 25.16 15.85
CA ALA B 490 2.92 24.92 14.54
C ALA B 490 2.53 23.45 14.46
N SER B 491 3.49 22.59 14.80
CA SER B 491 3.31 21.14 14.79
C SER B 491 1.99 20.49 15.19
N GLU B 492 1.43 20.93 16.31
CA GLU B 492 0.10 20.52 16.76
C GLU B 492 -1.05 21.02 15.89
N SER B 493 -0.78 22.03 15.06
CA SER B 493 -1.82 22.60 14.20
C SER B 493 -2.54 21.54 13.34
N LYS B 494 -3.57 22.00 12.65
CA LYS B 494 -4.36 21.13 11.78
C LYS B 494 -4.66 21.81 10.46
N ASP B 495 -4.49 23.13 10.41
CA ASP B 495 -4.75 23.89 9.20
C ASP B 495 -3.57 23.78 8.23
N THR B 496 -3.08 22.55 8.08
CA THR B 496 -1.97 22.21 7.20
C THR B 496 -1.32 23.39 6.49
N GLU B 497 -2.01 23.87 5.45
CA GLU B 497 -1.55 24.98 4.63
C GLU B 497 -0.80 26.08 5.39
N LEU B 498 -1.16 26.29 6.64
CA LEU B 498 -0.50 27.32 7.44
C LEU B 498 1.00 27.07 7.44
N ALA B 499 1.39 25.86 7.07
CA ALA B 499 2.80 25.51 6.99
C ALA B 499 3.38 26.34 5.86
N GLU B 500 2.69 26.35 4.72
CA GLU B 500 3.14 27.14 3.58
C GLU B 500 3.14 28.60 4.02
N GLU B 501 2.20 28.96 4.88
CA GLU B 501 2.12 30.32 5.39
C GLU B 501 3.42 30.61 6.11
N LEU B 502 3.68 29.85 7.17
CA LEU B 502 4.88 30.01 7.96
C LEU B 502 6.13 29.89 7.07
N LEU B 503 6.26 28.76 6.39
CA LEU B 503 7.41 28.52 5.52
C LEU B 503 7.63 29.64 4.51
N GLN B 504 6.60 29.95 3.73
CA GLN B 504 6.72 31.01 2.73
C GLN B 504 7.36 32.22 3.38
N TRP B 505 7.00 32.47 4.64
CA TRP B 505 7.56 33.58 5.41
C TRP B 505 8.99 33.39 5.89
N PHE B 506 9.30 32.19 6.38
CA PHE B 506 10.66 31.78 6.72
C PHE B 506 11.63 32.25 5.65
N LEU B 507 11.27 31.99 4.40
CA LEU B 507 12.08 32.34 3.25
C LEU B 507 12.38 33.83 3.13
N GLN B 508 11.35 34.66 3.15
CA GLN B 508 11.52 36.11 3.02
C GLN B 508 12.14 36.93 4.16
N GLU B 509 12.29 36.32 5.32
CA GLU B 509 12.49 37.01 6.60
C GLU B 509 13.45 36.29 7.54
N GLU B 510 13.62 34.99 7.35
CA GLU B 510 14.52 34.22 8.21
C GLU B 510 15.32 33.17 7.45
N LYS B 511 16.27 32.54 8.13
CA LYS B 511 17.12 31.54 7.51
C LYS B 511 17.05 30.14 8.11
N ARG B 512 16.49 30.02 9.32
CA ARG B 512 16.40 28.70 9.92
C ARG B 512 15.33 27.90 9.19
N GLU B 513 15.08 28.29 7.95
CA GLU B 513 14.10 27.63 7.08
C GLU B 513 14.35 26.14 7.16
N CYS B 514 15.61 25.77 7.36
CA CYS B 514 15.99 24.37 7.48
C CYS B 514 15.07 23.74 8.51
N PHE B 515 15.29 24.09 9.77
CA PHE B 515 14.48 23.56 10.86
C PHE B 515 13.01 23.80 10.53
N GLY B 516 12.76 24.86 9.77
CA GLY B 516 11.40 25.17 9.38
C GLY B 516 10.89 24.09 8.45
N ALA B 517 11.24 24.20 7.17
CA ALA B 517 10.82 23.24 6.16
C ALA B 517 10.93 21.76 6.54
N CYS B 518 11.64 21.47 7.63
CA CYS B 518 11.81 20.12 8.11
C CYS B 518 10.91 19.61 9.23
N LEU B 519 10.87 20.33 10.35
CA LEU B 519 10.04 19.89 11.46
C LEU B 519 8.63 19.83 10.90
N PHE B 520 8.40 20.56 9.82
CA PHE B 520 7.13 20.58 9.13
C PHE B 520 6.85 19.16 8.66
N THR B 521 7.71 18.68 7.78
CA THR B 521 7.59 17.33 7.21
C THR B 521 7.53 15.93 7.82
N CYS B 522 8.46 15.65 8.73
CA CYS B 522 8.42 14.55 9.70
C CYS B 522 7.19 14.12 10.47
N TYR B 523 6.31 15.06 10.79
CA TYR B 523 4.97 14.77 11.26
C TYR B 523 4.12 14.34 10.07
N ASP B 524 3.92 13.03 9.93
CA ASP B 524 3.14 12.50 8.81
C ASP B 524 3.77 13.19 7.60
N LEU B 525 3.00 14.01 6.90
CA LEU B 525 3.48 14.65 5.69
C LEU B 525 2.43 15.73 5.92
N LEU B 526 2.88 16.98 5.95
CA LEU B 526 2.17 18.22 5.66
C LEU B 526 2.95 19.01 4.61
N ARG B 527 4.16 18.55 4.32
CA ARG B 527 5.02 19.20 3.33
C ARG B 527 4.99 18.28 2.11
N PRO B 528 3.97 18.45 1.25
CA PRO B 528 3.78 17.65 0.02
C PRO B 528 4.79 17.98 -1.07
N ASP B 529 4.42 17.62 -2.29
CA ASP B 529 5.24 17.86 -3.47
C ASP B 529 5.22 19.36 -3.70
N VAL B 530 4.03 19.92 -3.58
CA VAL B 530 3.79 21.34 -3.77
C VAL B 530 4.91 22.19 -3.18
N VAL B 531 5.31 21.89 -1.96
CA VAL B 531 6.36 22.65 -1.30
C VAL B 531 7.77 22.23 -1.70
N LEU B 532 7.99 20.93 -1.81
CA LEU B 532 9.30 20.40 -2.20
C LEU B 532 9.76 21.00 -3.52
N GLU B 533 8.80 21.45 -4.32
CA GLU B 533 9.09 22.06 -5.61
C GLU B 533 9.21 23.58 -5.50
N THR B 534 8.24 24.18 -4.83
CA THR B 534 8.22 25.62 -4.64
C THR B 534 9.68 26.08 -4.56
N ALA B 535 10.53 25.23 -3.98
CA ALA B 535 11.90 25.60 -3.65
C ALA B 535 12.80 25.49 -4.88
N TRP B 536 12.36 24.73 -5.88
CA TRP B 536 13.13 24.55 -7.10
C TRP B 536 13.01 25.75 -8.01
N ARG B 537 11.78 26.07 -8.39
CA ARG B 537 11.51 27.27 -9.18
C ARG B 537 11.88 28.41 -8.24
N HIS B 538 11.87 28.10 -6.95
CA HIS B 538 12.20 29.05 -5.91
C HIS B 538 13.56 28.72 -5.31
N ASN B 539 13.70 28.88 -4.00
CA ASN B 539 14.96 28.65 -3.29
C ASN B 539 16.01 27.57 -3.41
N ILE B 540 15.58 26.32 -3.63
CA ILE B 540 16.38 25.22 -4.15
C ILE B 540 17.66 25.18 -3.34
N MET B 541 18.79 25.42 -3.99
CA MET B 541 20.10 25.33 -3.35
C MET B 541 20.03 25.72 -1.88
N ASP B 542 20.21 25.19 -0.93
CA ASP B 542 19.74 25.36 0.44
C ASP B 542 18.42 24.61 0.59
N PHE B 543 17.98 23.95 -0.47
CA PHE B 543 16.91 22.96 -0.42
C PHE B 543 17.45 21.56 -0.20
N ALA B 544 18.74 21.37 -0.50
CA ALA B 544 19.38 20.07 -0.32
C ALA B 544 19.79 19.86 1.13
N MET B 545 18.91 19.23 1.90
CA MET B 545 19.19 18.97 3.31
C MET B 545 18.74 17.55 3.69
N PRO B 546 17.47 17.25 3.41
CA PRO B 546 16.93 15.93 3.74
C PRO B 546 17.59 15.03 4.77
N TYR B 547 16.73 14.46 5.59
CA TYR B 547 17.11 13.57 6.67
C TYR B 547 15.85 12.80 6.28
N PHE B 548 14.73 13.52 6.34
CA PHE B 548 13.33 13.21 6.59
C PHE B 548 12.61 12.75 5.32
N ILE B 549 12.79 13.51 4.24
CA ILE B 549 12.14 13.20 2.97
C ILE B 549 12.32 11.74 2.58
N GLN B 550 13.40 11.13 3.06
CA GLN B 550 13.69 9.73 2.75
C GLN B 550 13.13 8.85 3.86
N VAL B 551 12.97 9.42 5.04
CA VAL B 551 12.41 8.70 6.17
C VAL B 551 11.04 8.25 5.73
N MET B 552 10.39 9.10 4.94
CA MET B 552 9.06 8.83 4.42
C MET B 552 9.16 8.00 3.14
N LYS B 553 10.33 8.02 2.50
CA LYS B 553 10.54 7.27 1.28
C LYS B 553 10.52 5.76 1.35
N GLU B 554 11.45 5.15 2.08
CA GLU B 554 11.36 3.71 2.31
C GLU B 554 10.26 3.41 3.30
N TYR B 555 9.70 4.46 3.90
CA TYR B 555 8.59 4.30 4.82
C TYR B 555 7.46 3.95 3.88
N LEU B 556 7.40 4.70 2.79
CA LEU B 556 6.42 4.52 1.74
C LEU B 556 7.02 3.53 0.74
N THR B 557 7.90 2.69 1.28
CA THR B 557 8.59 1.66 0.51
C THR B 557 8.62 0.41 1.38
N LYS B 558 8.27 0.60 2.66
CA LYS B 558 8.23 -0.51 3.60
C LYS B 558 6.78 -0.89 3.84
N VAL B 559 5.91 0.12 3.95
CA VAL B 559 4.49 -0.16 4.13
C VAL B 559 4.15 -0.88 2.84
N ASP B 560 4.93 -0.60 1.82
CA ASP B 560 4.78 -1.21 0.50
C ASP B 560 5.32 -2.64 0.59
N LYS B 561 6.34 -2.84 1.41
CA LYS B 561 6.90 -4.17 1.63
C LYS B 561 5.81 -5.09 2.15
N LEU B 562 5.31 -4.79 3.34
CA LEU B 562 4.28 -5.59 3.99
C LEU B 562 3.03 -5.73 3.11
N ASP B 563 2.74 -4.68 2.34
CA ASP B 563 1.54 -4.68 1.49
C ASP B 563 1.69 -5.68 0.35
N ALA B 564 2.83 -5.63 -0.33
CA ALA B 564 3.10 -6.60 -1.38
C ALA B 564 3.07 -7.98 -0.74
N SER B 565 3.55 -8.04 0.50
CA SER B 565 3.58 -9.27 1.26
C SER B 565 2.18 -9.88 1.40
N GLU B 566 1.21 -9.09 1.84
CA GLU B 566 -0.15 -9.59 2.02
C GLU B 566 -0.84 -9.81 0.68
N SER B 567 -0.40 -9.08 -0.33
CA SER B 567 -0.88 -9.29 -1.68
C SER B 567 -0.55 -10.73 -2.04
N LEU B 568 0.72 -11.10 -1.83
CA LEU B 568 1.15 -12.45 -2.10
C LEU B 568 0.47 -13.44 -1.17
N ARG B 569 0.22 -13.03 0.07
CA ARG B 569 -0.59 -13.83 0.97
C ARG B 569 -1.78 -14.31 0.14
N LYS B 570 -2.64 -13.34 -0.18
CA LYS B 570 -3.81 -13.61 -1.01
C LYS B 570 -3.48 -14.54 -2.17
N GLU B 571 -2.62 -14.09 -3.08
CA GLU B 571 -2.25 -14.87 -4.25
C GLU B 571 -2.06 -16.34 -3.90
N GLU B 572 -1.04 -16.59 -3.09
CA GLU B 572 -0.73 -17.90 -2.54
C GLU B 572 -1.82 -18.81 -1.98
N GLU B 573 -2.64 -18.27 -1.08
CA GLU B 573 -3.81 -19.02 -0.63
C GLU B 573 -4.81 -19.32 -1.76
N GLN B 574 -5.17 -18.29 -2.53
CA GLN B 574 -6.05 -18.45 -3.68
C GLN B 574 -5.58 -19.61 -4.56
N ALA B 575 -4.51 -19.38 -5.31
CA ALA B 575 -3.97 -20.40 -6.19
C ALA B 575 -3.94 -21.80 -5.59
N THR B 576 -3.60 -21.86 -4.31
CA THR B 576 -3.68 -23.12 -3.57
C THR B 576 -5.03 -23.82 -3.43
N GLU B 577 -5.93 -23.20 -2.67
CA GLU B 577 -7.30 -23.68 -2.54
C GLU B 577 -8.02 -23.86 -3.88
N THR B 578 -7.49 -23.26 -4.94
CA THR B 578 -8.13 -23.36 -6.25
C THR B 578 -7.19 -23.53 -7.43
N GLN B 579 -6.44 -24.63 -7.44
CA GLN B 579 -5.65 -25.01 -8.62
C GLN B 579 -6.31 -26.09 -9.47
N VAL C 26 99.82 -162.67 29.30
CA VAL C 26 99.81 -161.41 28.56
C VAL C 26 99.43 -160.25 29.45
N ASN C 27 100.43 -159.54 29.96
CA ASN C 27 100.19 -158.39 30.84
C ASN C 27 99.28 -157.35 30.21
N THR C 28 98.83 -157.61 28.99
CA THR C 28 97.99 -156.67 28.25
C THR C 28 96.52 -156.87 28.59
N SER C 29 96.25 -157.34 29.81
CA SER C 29 94.89 -157.57 30.27
C SER C 29 94.77 -157.67 31.78
N ALA C 30 95.78 -158.27 32.42
CA ALA C 30 95.78 -158.43 33.87
C ALA C 30 95.58 -157.06 34.52
N VAL C 31 95.66 -156.01 33.71
CA VAL C 31 95.49 -154.65 34.21
C VAL C 31 94.20 -153.87 33.96
N GLN C 32 93.84 -153.75 32.68
CA GLN C 32 92.57 -153.14 32.30
C GLN C 32 91.40 -153.82 33.01
N VAL C 33 91.67 -154.97 33.63
CA VAL C 33 90.65 -155.72 34.33
C VAL C 33 90.79 -155.56 35.84
N LEU C 34 91.31 -154.41 36.27
CA LEU C 34 91.48 -154.11 37.68
C LEU C 34 90.33 -153.24 38.21
N ILE C 35 89.12 -153.55 37.76
CA ILE C 35 87.94 -152.80 38.17
C ILE C 35 88.19 -152.19 39.56
N GLU C 36 87.43 -151.16 39.89
CA GLU C 36 87.52 -150.55 41.21
C GLU C 36 87.44 -151.63 42.28
N HIS C 37 86.96 -152.81 41.89
CA HIS C 37 86.84 -153.93 42.81
C HIS C 37 87.99 -154.92 42.63
N ILE C 38 88.63 -154.87 41.46
CA ILE C 38 89.74 -155.75 41.16
C ILE C 38 91.07 -155.00 41.25
N GLY C 39 90.99 -153.70 41.51
CA GLY C 39 92.19 -152.88 41.63
C GLY C 39 92.04 -151.81 42.70
N ASN C 40 92.88 -151.91 43.73
CA ASN C 40 92.84 -150.96 44.83
C ASN C 40 94.23 -150.45 45.22
N LEU C 41 94.40 -149.13 45.16
CA LEU C 41 95.67 -148.51 45.49
C LEU C 41 97.01 -148.99 44.91
N ASP C 42 98.00 -149.11 45.78
CA ASP C 42 99.31 -149.58 45.39
C ASP C 42 99.21 -150.99 44.85
N ARG C 43 98.23 -151.22 43.98
CA ARG C 43 98.06 -152.52 43.33
C ARG C 43 97.70 -152.12 41.87
N ALA C 44 96.61 -151.37 41.72
CA ALA C 44 95.99 -151.11 40.44
C ALA C 44 97.00 -150.62 39.41
N TYR C 45 97.92 -149.78 39.87
CA TYR C 45 98.96 -149.23 38.99
C TYR C 45 100.27 -150.00 39.15
N GLU C 46 100.20 -151.17 39.76
CA GLU C 46 101.38 -152.00 39.97
C GLU C 46 101.49 -153.08 38.90
N PHE C 47 100.40 -153.31 38.18
CA PHE C 47 100.37 -154.30 37.12
C PHE C 47 99.94 -153.70 35.79
N ALA C 48 100.32 -152.45 35.57
CA ALA C 48 99.98 -151.75 34.33
C ALA C 48 101.22 -151.45 33.50
N GLU C 49 102.38 -151.43 34.15
CA GLU C 49 103.64 -151.17 33.48
C GLU C 49 104.09 -152.37 32.66
N ARG C 50 103.50 -153.53 32.95
CA ARG C 50 103.85 -154.76 32.25
C ARG C 50 103.10 -154.87 30.92
N CYS C 51 101.88 -154.34 30.89
CA CYS C 51 101.05 -154.37 29.69
C CYS C 51 101.28 -153.14 28.83
N ASN C 52 100.52 -153.02 27.75
CA ASN C 52 100.64 -151.89 26.83
C ASN C 52 99.32 -151.16 26.65
N GLU C 53 98.40 -151.78 25.90
CA GLU C 53 97.10 -151.19 25.66
C GLU C 53 95.69 -151.69 25.36
N PRO C 54 95.43 -152.96 25.70
CA PRO C 54 94.51 -153.94 25.13
C PRO C 54 93.06 -153.67 25.53
N ALA C 55 92.27 -153.11 24.61
CA ALA C 55 90.87 -152.82 24.88
C ALA C 55 90.74 -151.69 25.90
N VAL C 56 89.50 -151.38 26.27
CA VAL C 56 89.24 -150.32 27.25
C VAL C 56 89.64 -148.86 27.19
N TRP C 57 89.17 -148.15 26.17
CA TRP C 57 89.70 -146.87 25.73
C TRP C 57 88.72 -145.73 26.05
N SER C 58 87.43 -146.06 26.06
CA SER C 58 86.39 -145.08 26.37
C SER C 58 86.03 -145.10 27.85
N GLN C 59 86.21 -146.26 28.47
CA GLN C 59 85.90 -146.40 29.89
C GLN C 59 87.12 -146.11 30.76
N LEU C 60 88.31 -146.24 30.16
CA LEU C 60 89.55 -145.97 30.88
C LEU C 60 89.81 -144.47 30.99
N ALA C 61 89.29 -143.71 30.02
CA ALA C 61 89.48 -142.26 30.01
C ALA C 61 88.55 -141.59 31.02
N LYS C 62 87.43 -142.25 31.33
CA LYS C 62 86.47 -141.71 32.27
C LYS C 62 86.88 -142.00 33.70
N ALA C 63 87.63 -143.08 33.90
CA ALA C 63 88.09 -143.46 35.23
C ALA C 63 89.46 -142.86 35.53
N GLN C 64 90.27 -142.69 34.49
CA GLN C 64 91.60 -142.12 34.63
C GLN C 64 91.56 -140.60 34.59
N LEU C 65 90.37 -140.05 34.36
CA LEU C 65 90.19 -138.60 34.29
C LEU C 65 89.49 -138.08 35.53
N GLN C 66 88.86 -138.97 36.29
CA GLN C 66 88.15 -138.59 37.50
C GLN C 66 88.90 -139.06 38.75
N LYS C 67 89.93 -139.89 38.54
CA LYS C 67 90.73 -140.41 39.64
C LYS C 67 92.22 -140.16 39.40
N GLY C 68 92.71 -139.03 39.87
CA GLY C 68 94.10 -138.68 39.70
C GLY C 68 94.40 -138.04 38.36
N MET C 69 95.66 -137.73 38.12
CA MET C 69 96.07 -137.11 36.86
C MET C 69 97.13 -137.95 36.15
N VAL C 70 96.72 -138.64 35.10
CA VAL C 70 97.62 -139.49 34.33
C VAL C 70 97.43 -139.29 32.83
N LYS C 71 96.18 -139.30 32.40
CA LYS C 71 95.86 -139.12 30.98
C LYS C 71 96.91 -138.88 29.90
N GLU C 72 97.80 -137.93 30.14
CA GLU C 72 99.03 -137.76 29.37
C GLU C 72 99.75 -139.09 29.19
N ALA C 73 99.68 -139.94 30.21
CA ALA C 73 100.32 -141.25 30.16
C ALA C 73 99.32 -142.33 29.74
N ILE C 74 98.14 -142.30 30.34
CA ILE C 74 97.09 -143.27 30.03
C ILE C 74 96.44 -142.96 28.69
N ASP C 75 96.83 -141.84 28.08
CA ASP C 75 96.28 -141.44 26.79
C ASP C 75 97.37 -141.38 25.73
N SER C 76 98.57 -141.83 26.08
CA SER C 76 99.70 -141.83 25.15
C SER C 76 100.30 -143.22 25.04
N TYR C 77 99.55 -144.23 25.44
CA TYR C 77 100.01 -145.61 25.39
C TYR C 77 98.85 -146.57 25.15
N ILE C 78 97.73 -146.04 24.68
CA ILE C 78 96.54 -146.85 24.43
C ILE C 78 95.88 -146.45 23.11
N LYS C 79 96.39 -145.39 22.49
CA LYS C 79 95.85 -144.91 21.23
C LYS C 79 96.70 -145.88 20.42
N ALA C 80 96.26 -147.13 20.37
CA ALA C 80 96.59 -148.13 19.36
C ALA C 80 95.37 -148.55 18.57
N ASP C 81 94.69 -149.59 19.04
CA ASP C 81 93.49 -150.09 18.38
C ASP C 81 92.52 -148.95 18.06
N ASP C 82 91.91 -148.39 19.10
CA ASP C 82 90.96 -147.30 18.94
C ASP C 82 90.40 -146.85 20.28
N PRO C 83 89.95 -145.60 20.34
CA PRO C 83 89.38 -145.05 21.57
C PRO C 83 87.93 -144.63 21.38
N SER C 84 87.40 -143.88 22.34
CA SER C 84 86.03 -143.41 22.28
C SER C 84 85.85 -142.38 23.39
N SER C 85 84.59 -141.99 23.65
CA SER C 85 84.27 -140.85 24.49
C SER C 85 84.03 -139.73 23.48
N TYR C 86 83.77 -138.74 23.41
CA TYR C 86 83.39 -137.33 23.34
C TYR C 86 83.77 -136.19 24.29
N MET C 87 82.76 -135.54 24.85
CA MET C 87 82.98 -134.42 25.76
C MET C 87 84.08 -134.74 26.77
N GLU C 88 84.07 -135.97 27.28
CA GLU C 88 85.07 -136.41 28.25
C GLU C 88 86.58 -136.36 28.07
N VAL C 89 87.07 -137.07 27.05
CA VAL C 89 88.42 -136.92 26.53
C VAL C 89 88.64 -135.53 25.95
N VAL C 90 87.71 -135.11 25.09
CA VAL C 90 87.81 -133.80 24.45
C VAL C 90 88.20 -132.72 25.45
N GLN C 91 87.27 -132.37 26.33
CA GLN C 91 87.51 -131.34 27.34
C GLN C 91 88.77 -131.65 28.15
N ALA C 92 88.88 -132.88 28.64
CA ALA C 92 90.03 -133.29 29.42
C ALA C 92 91.33 -132.78 28.81
N ALA C 93 91.53 -133.08 27.53
CA ALA C 93 92.74 -132.65 26.82
C ALA C 93 92.70 -131.16 26.52
N ASN C 94 93.37 -130.37 27.35
CA ASN C 94 93.42 -128.92 27.16
C ASN C 94 94.11 -128.22 28.32
N THR C 95 93.67 -128.51 29.54
CA THR C 95 94.24 -127.91 30.73
C THR C 95 95.66 -128.41 30.99
N SER C 96 95.80 -129.73 31.05
CA SER C 96 97.10 -130.35 31.29
C SER C 96 98.11 -129.94 30.22
N GLY C 97 97.64 -129.19 29.23
CA GLY C 97 98.49 -128.72 28.15
C GLY C 97 98.73 -129.80 27.10
N ASN C 98 97.78 -130.73 27.00
CA ASN C 98 97.88 -131.82 26.02
C ASN C 98 97.22 -131.32 24.74
N TRP C 99 97.83 -130.32 24.12
CA TRP C 99 97.38 -129.83 22.82
C TRP C 99 98.16 -130.49 21.69
N GLU C 100 99.36 -129.98 21.43
CA GLU C 100 100.21 -130.53 20.37
C GLU C 100 100.27 -131.99 19.95
N GLU C 101 100.07 -132.89 20.91
CA GLU C 101 99.74 -134.29 20.69
C GLU C 101 98.23 -134.49 20.60
N LEU C 102 97.49 -133.64 21.30
CA LEU C 102 96.03 -133.72 21.29
C LEU C 102 95.48 -133.55 19.88
N VAL C 103 95.91 -132.48 19.20
CA VAL C 103 95.46 -132.22 17.85
C VAL C 103 95.78 -133.38 16.91
N LYS C 104 96.88 -134.06 17.19
CA LYS C 104 97.31 -135.20 16.39
C LYS C 104 96.47 -136.43 16.71
N TYR C 105 96.05 -136.54 17.96
CA TYR C 105 95.23 -137.68 18.40
C TYR C 105 93.96 -137.79 17.55
N LEU C 106 93.52 -136.67 17.00
CA LEU C 106 92.31 -136.66 16.17
C LEU C 106 92.65 -136.98 14.72
N GLN C 107 93.86 -136.65 14.30
CA GLN C 107 94.30 -136.92 12.93
C GLN C 107 93.83 -138.29 12.46
N MET C 108 93.77 -139.24 13.38
CA MET C 108 93.34 -140.59 13.05
C MET C 108 91.85 -140.77 13.32
N ALA C 109 91.11 -139.67 13.25
CA ALA C 109 89.67 -139.70 13.50
C ALA C 109 88.90 -139.30 12.24
N ARG C 110 89.50 -138.43 11.43
CA ARG C 110 88.87 -137.97 10.20
C ARG C 110 88.81 -139.08 9.15
N LYS C 111 89.96 -139.69 8.89
CA LYS C 111 90.05 -140.77 7.92
C LYS C 111 88.90 -141.76 8.05
N LYS C 112 88.42 -141.93 9.28
CA LYS C 112 87.76 -143.09 9.87
C LYS C 112 86.49 -142.68 10.60
N ALA C 113 86.50 -141.47 11.17
CA ALA C 113 85.34 -140.96 11.89
C ALA C 113 85.09 -139.49 11.57
N ARG C 114 85.98 -138.90 10.78
CA ARG C 114 85.86 -137.50 10.39
C ARG C 114 84.47 -136.97 10.69
N GLU C 115 84.35 -136.22 11.77
CA GLU C 115 83.07 -135.64 12.17
C GLU C 115 83.26 -134.41 13.04
N SER C 116 82.17 -133.70 13.32
CA SER C 116 82.22 -132.50 14.13
C SER C 116 82.71 -132.26 15.56
N TYR C 117 82.00 -132.84 16.52
CA TYR C 117 82.46 -133.11 17.89
C TYR C 117 83.81 -133.86 17.96
N VAL C 118 84.20 -134.52 16.87
CA VAL C 118 85.46 -135.23 16.76
C VAL C 118 86.42 -134.70 15.68
N GLU C 119 85.90 -134.31 14.52
CA GLU C 119 86.62 -133.50 13.54
C GLU C 119 86.37 -132.01 13.81
N THR C 120 85.12 -131.61 14.05
CA THR C 120 84.85 -130.21 14.36
C THR C 120 85.70 -129.93 15.58
N GLU C 121 86.13 -131.01 16.22
CA GLU C 121 87.00 -130.90 17.38
C GLU C 121 88.42 -130.78 16.88
N LEU C 122 88.76 -131.51 15.83
CA LEU C 122 90.08 -131.41 15.25
C LEU C 122 90.23 -129.96 14.82
N ILE C 123 89.18 -129.46 14.16
CA ILE C 123 89.15 -128.08 13.71
C ILE C 123 89.38 -127.20 14.93
N PHE C 124 88.44 -127.27 15.88
CA PHE C 124 88.51 -126.51 17.11
C PHE C 124 89.93 -126.63 17.66
N ALA C 125 90.37 -127.87 17.84
CA ALA C 125 91.70 -128.16 18.35
C ALA C 125 92.76 -127.51 17.48
N LEU C 126 92.69 -127.78 16.18
CA LEU C 126 93.65 -127.19 15.24
C LEU C 126 93.66 -125.68 15.40
N ALA C 127 92.47 -125.08 15.45
CA ALA C 127 92.34 -123.64 15.61
C ALA C 127 93.31 -123.20 16.70
N LYS C 128 93.41 -124.00 17.75
CA LYS C 128 94.31 -123.71 18.86
C LYS C 128 95.62 -124.50 18.94
N THR C 129 96.13 -124.89 17.79
CA THR C 129 97.26 -125.82 17.70
C THR C 129 98.42 -125.49 16.77
N ASN C 130 98.16 -125.55 15.47
CA ASN C 130 99.16 -125.22 14.46
C ASN C 130 98.41 -124.62 13.28
N ARG C 131 99.15 -124.13 12.29
CA ARG C 131 98.76 -123.13 11.31
C ARG C 131 99.32 -123.45 9.93
N LEU C 132 100.49 -124.07 9.90
CA LEU C 132 101.16 -124.44 8.61
C LEU C 132 100.60 -125.14 7.42
N ALA C 133 100.15 -126.40 7.60
CA ALA C 133 99.28 -127.13 6.70
C ALA C 133 97.83 -127.07 7.24
N GLU C 134 97.60 -126.19 8.22
CA GLU C 134 96.29 -126.02 8.82
C GLU C 134 95.36 -125.17 7.95
N LEU C 135 95.63 -125.17 6.64
CA LEU C 135 94.82 -124.40 5.70
C LEU C 135 94.93 -125.01 4.31
N GLU C 136 95.48 -126.22 4.25
CA GLU C 136 95.66 -126.93 3.00
C GLU C 136 94.69 -128.10 2.94
N GLU C 137 94.37 -128.65 4.11
CA GLU C 137 93.47 -129.78 4.20
C GLU C 137 92.07 -129.38 4.67
N PHE C 138 91.96 -128.19 5.24
CA PHE C 138 90.65 -127.70 5.68
C PHE C 138 89.77 -127.51 4.45
N ILE C 139 90.29 -127.95 3.31
CA ILE C 139 89.62 -127.77 2.04
C ILE C 139 89.39 -129.11 1.36
N ASN C 140 90.07 -130.16 1.83
CA ASN C 140 89.94 -131.49 1.25
C ASN C 140 89.23 -132.46 2.20
N GLY C 141 89.70 -132.51 3.44
CA GLY C 141 89.11 -133.39 4.43
C GLY C 141 88.43 -132.62 5.55
N PRO C 142 87.40 -131.86 5.18
CA PRO C 142 86.65 -131.06 6.15
C PRO C 142 85.16 -131.40 6.13
N ASN C 143 84.46 -130.96 5.09
CA ASN C 143 83.03 -131.22 4.96
C ASN C 143 82.34 -131.30 6.32
N ASN C 144 81.71 -132.44 6.58
CA ASN C 144 81.01 -132.65 7.85
C ASN C 144 81.66 -132.25 9.16
N ALA C 145 80.91 -131.53 9.99
CA ALA C 145 81.44 -130.85 11.17
C ALA C 145 80.09 -130.26 11.56
N HIS C 146 80.06 -129.60 12.71
CA HIS C 146 79.24 -128.47 13.16
C HIS C 146 79.86 -127.14 12.71
N ILE C 147 79.30 -126.56 11.67
CA ILE C 147 79.81 -125.29 11.13
C ILE C 147 79.50 -124.07 12.00
N GLN C 148 78.81 -124.28 13.11
CA GLN C 148 78.49 -123.19 14.01
C GLN C 148 79.57 -122.71 14.96
N GLN C 149 80.09 -123.61 15.81
CA GLN C 149 81.25 -123.31 16.63
C GLN C 149 82.43 -122.91 15.74
N VAL C 150 82.36 -123.30 14.47
CA VAL C 150 83.41 -122.95 13.52
C VAL C 150 83.55 -121.44 13.54
N GLY C 151 82.53 -120.75 13.05
CA GLY C 151 82.54 -119.30 13.02
C GLY C 151 82.92 -118.69 14.36
N ASP C 152 82.32 -119.20 15.43
CA ASP C 152 82.60 -118.69 16.77
C ASP C 152 84.06 -118.87 17.14
N ARG C 153 84.55 -120.10 17.05
CA ARG C 153 85.93 -120.39 17.38
C ARG C 153 86.85 -119.66 16.41
N CYS C 154 86.49 -119.65 15.13
CA CYS C 154 87.28 -118.96 14.12
C CYS C 154 87.32 -117.49 14.49
N TYR C 155 86.20 -117.00 15.02
CA TYR C 155 86.10 -115.61 15.44
C TYR C 155 86.94 -115.43 16.70
N ASP C 156 87.08 -116.50 17.46
CA ASP C 156 87.86 -116.48 18.68
C ASP C 156 89.33 -116.68 18.31
N GLU C 157 89.55 -117.32 17.18
CA GLU C 157 90.90 -117.58 16.67
C GLU C 157 90.95 -117.04 15.24
N LYS C 158 91.25 -115.75 15.14
CA LYS C 158 91.29 -115.07 13.85
C LYS C 158 92.49 -115.24 12.93
N MET C 159 92.18 -115.68 11.71
CA MET C 159 93.13 -115.88 10.62
C MET C 159 91.96 -115.51 9.71
N TYR C 160 92.16 -114.44 8.95
CA TYR C 160 91.32 -114.04 7.82
C TYR C 160 91.37 -114.82 6.50
N ASP C 161 92.41 -115.60 6.27
CA ASP C 161 92.53 -116.33 5.02
C ASP C 161 91.47 -117.41 4.79
N ALA C 162 90.62 -117.64 5.77
CA ALA C 162 89.58 -118.67 5.62
C ALA C 162 88.19 -118.21 6.05
N ALA C 163 88.06 -116.93 6.36
CA ALA C 163 86.78 -116.37 6.77
C ALA C 163 85.89 -116.05 5.57
N LYS C 164 86.30 -116.59 4.41
CA LYS C 164 85.64 -116.31 3.14
C LYS C 164 85.52 -117.76 2.69
N LEU C 165 86.67 -118.37 2.40
CA LEU C 165 86.74 -119.65 1.70
C LEU C 165 85.84 -120.61 2.46
N LEU C 166 85.28 -120.12 3.56
CA LEU C 166 84.38 -120.88 4.41
C LEU C 166 83.11 -120.08 4.63
N TYR C 167 83.27 -118.77 4.83
CA TYR C 167 82.12 -117.88 5.02
C TYR C 167 81.29 -117.85 3.74
N ASN C 168 81.91 -118.27 2.64
CA ASN C 168 81.22 -118.33 1.35
C ASN C 168 80.65 -119.73 1.19
N ASN C 169 80.47 -120.38 2.33
CA ASN C 169 79.93 -121.74 2.43
C ASN C 169 79.32 -121.78 3.81
N VAL C 170 79.18 -120.60 4.41
CA VAL C 170 78.70 -120.49 5.78
C VAL C 170 77.99 -119.16 6.00
N SER C 171 77.95 -118.72 7.27
CA SER C 171 77.31 -117.46 7.62
C SER C 171 78.29 -116.50 8.27
N ASN C 172 77.80 -115.74 9.24
CA ASN C 172 78.64 -114.77 9.95
C ASN C 172 79.62 -113.65 10.26
N PHE C 173 79.53 -112.56 9.51
CA PHE C 173 80.13 -111.50 8.71
C PHE C 173 80.68 -110.38 9.59
N GLY C 174 79.85 -109.88 10.51
CA GLY C 174 80.25 -108.81 11.39
C GLY C 174 81.36 -109.38 12.22
N ARG C 175 81.22 -110.67 12.51
CA ARG C 175 82.20 -111.43 13.28
C ARG C 175 83.33 -111.77 12.32
N LEU C 176 83.45 -110.95 11.28
CA LEU C 176 84.47 -111.09 10.25
C LEU C 176 85.17 -109.75 10.08
N ALA C 177 84.38 -108.69 10.16
CA ALA C 177 84.88 -107.34 10.03
C ALA C 177 85.34 -106.73 11.35
N SER C 178 85.66 -107.58 12.32
CA SER C 178 85.95 -107.12 13.67
C SER C 178 87.20 -107.89 14.12
N THR C 179 87.07 -109.20 14.34
CA THR C 179 88.23 -109.99 14.75
C THR C 179 89.42 -110.31 13.85
N LEU C 180 90.45 -109.48 14.00
CA LEU C 180 91.71 -109.53 13.26
C LEU C 180 91.63 -108.04 12.90
N VAL C 181 92.73 -107.50 12.40
CA VAL C 181 92.78 -106.09 12.04
C VAL C 181 93.46 -106.28 10.69
N HIS C 182 93.93 -105.18 10.11
CA HIS C 182 94.52 -105.20 8.77
C HIS C 182 93.18 -105.39 8.05
N LEU C 183 92.15 -105.48 8.88
CA LEU C 183 90.77 -105.71 8.50
C LEU C 183 90.81 -107.02 7.72
N GLY C 184 89.80 -107.25 6.91
CA GLY C 184 89.83 -108.43 6.07
C GLY C 184 90.48 -107.81 4.86
N GLU C 185 90.88 -106.56 5.05
CA GLU C 185 91.51 -105.72 4.06
C GLU C 185 90.47 -105.13 3.11
N TYR C 186 90.94 -104.77 1.92
CA TYR C 186 90.07 -104.34 0.84
C TYR C 186 89.49 -105.62 0.24
N GLN C 187 89.62 -106.71 0.99
CA GLN C 187 89.14 -108.01 0.59
C GLN C 187 87.88 -108.43 1.35
N ALA C 188 87.22 -107.48 2.01
CA ALA C 188 86.01 -107.78 2.76
C ALA C 188 84.80 -106.91 2.45
N ALA C 189 84.97 -105.96 1.53
CA ALA C 189 83.97 -104.95 1.28
C ALA C 189 83.16 -105.34 0.05
N VAL C 190 83.86 -105.77 -1.00
CA VAL C 190 83.21 -106.18 -2.24
C VAL C 190 82.18 -107.29 -2.00
N ASP C 191 82.08 -107.73 -0.74
CA ASP C 191 81.30 -108.89 -0.35
C ASP C 191 80.77 -108.66 1.06
N GLY C 192 80.84 -107.42 1.52
CA GLY C 192 80.39 -107.08 2.87
C GLY C 192 79.14 -106.23 2.90
N ALA C 193 79.29 -104.92 2.75
CA ALA C 193 78.15 -104.02 2.77
C ALA C 193 77.23 -104.31 1.59
N ARG C 194 77.62 -105.26 0.75
CA ARG C 194 76.83 -105.64 -0.41
C ARG C 194 75.44 -106.11 0.00
N LYS C 195 75.38 -106.89 1.06
CA LYS C 195 74.10 -107.41 1.56
C LYS C 195 73.54 -106.51 2.65
N ALA C 196 74.23 -105.41 2.92
CA ALA C 196 73.80 -104.46 3.95
C ALA C 196 73.23 -104.91 5.29
N ASN C 197 74.11 -105.42 6.15
CA ASN C 197 73.71 -106.11 7.37
C ASN C 197 73.22 -105.13 8.44
N SER C 198 72.94 -105.65 9.62
CA SER C 198 72.46 -104.83 10.73
C SER C 198 73.47 -103.74 11.08
N THR C 199 73.06 -102.49 10.99
CA THR C 199 73.94 -101.39 11.37
C THR C 199 74.85 -101.61 12.57
N ARG C 200 76.13 -101.28 12.41
CA ARG C 200 77.18 -101.67 13.35
C ARG C 200 78.11 -102.76 12.82
N THR C 201 79.33 -102.82 13.34
CA THR C 201 80.55 -103.34 12.72
C THR C 201 81.11 -102.29 11.76
N TRP C 202 80.27 -101.32 11.42
CA TRP C 202 80.68 -100.22 10.55
C TRP C 202 81.06 -99.02 11.40
N LYS C 203 80.26 -98.74 12.42
CA LYS C 203 80.55 -97.66 13.34
C LYS C 203 81.98 -97.90 13.83
N GLU C 204 82.56 -99.00 13.35
CA GLU C 204 83.90 -99.44 13.74
C GLU C 204 84.89 -99.29 12.59
N VAL C 205 84.65 -100.06 11.53
CA VAL C 205 85.50 -100.07 10.34
C VAL C 205 86.16 -99.01 9.45
N CYS C 206 85.36 -98.11 8.89
CA CYS C 206 85.76 -96.80 8.39
C CYS C 206 86.03 -95.83 9.53
N PHE C 207 85.46 -96.12 10.70
CA PHE C 207 85.74 -95.26 11.85
C PHE C 207 87.24 -95.45 12.00
N ALA C 208 87.62 -96.68 12.38
CA ALA C 208 89.01 -97.06 12.58
C ALA C 208 89.91 -96.82 11.37
N CYS C 209 89.32 -96.31 10.29
CA CYS C 209 90.04 -96.14 9.04
C CYS C 209 90.72 -94.77 8.83
N VAL C 210 89.92 -93.71 8.88
CA VAL C 210 90.43 -92.34 8.79
C VAL C 210 91.64 -91.89 9.58
N ASP C 211 91.72 -92.34 10.84
CA ASP C 211 92.91 -92.17 11.66
C ASP C 211 94.08 -92.96 11.10
N GLY C 212 93.87 -94.25 10.86
CA GLY C 212 94.91 -95.10 10.32
C GLY C 212 94.53 -95.70 8.97
N LYS C 213 95.52 -95.86 8.10
CA LYS C 213 95.29 -96.42 6.78
C LYS C 213 94.80 -95.27 5.89
N GLU C 214 95.73 -94.41 5.48
CA GLU C 214 95.41 -93.32 4.56
C GLU C 214 95.46 -93.77 3.11
N PHE C 215 95.03 -95.01 2.86
CA PHE C 215 95.03 -95.56 1.51
C PHE C 215 93.75 -95.02 0.89
N ARG C 216 92.91 -94.42 1.74
CA ARG C 216 91.63 -93.86 1.35
C ARG C 216 90.75 -95.06 1.06
N LEU C 217 90.92 -96.10 1.88
CA LEU C 217 90.08 -97.29 1.83
C LEU C 217 88.73 -97.10 2.50
N ALA C 218 88.43 -95.88 2.91
CA ALA C 218 87.20 -95.62 3.65
C ALA C 218 86.35 -94.59 2.94
N GLN C 219 86.47 -94.58 1.61
CA GLN C 219 85.69 -93.70 0.75
C GLN C 219 84.97 -94.65 -0.17
N MET C 220 85.58 -95.81 -0.35
CA MET C 220 85.02 -96.87 -1.16
C MET C 220 84.03 -97.50 -0.19
N CYS C 221 84.53 -97.79 1.00
CA CYS C 221 83.74 -98.38 2.07
C CYS C 221 82.74 -97.35 2.56
N GLY C 222 82.86 -96.14 2.03
CA GLY C 222 81.95 -95.06 2.41
C GLY C 222 80.56 -95.31 1.86
N LEU C 223 80.34 -94.92 0.61
CA LEU C 223 79.04 -95.12 -0.03
C LEU C 223 78.72 -96.60 0.10
N HIS C 224 79.76 -97.36 0.41
CA HIS C 224 79.65 -98.80 0.58
C HIS C 224 78.82 -99.28 1.75
N ILE C 225 79.29 -98.95 2.96
CA ILE C 225 78.55 -99.24 4.17
C ILE C 225 77.28 -98.41 4.33
N VAL C 226 77.28 -97.22 3.72
CA VAL C 226 76.12 -96.34 3.80
C VAL C 226 74.89 -96.99 3.16
N VAL C 227 74.97 -97.25 1.87
CA VAL C 227 73.87 -97.87 1.13
C VAL C 227 72.67 -98.11 2.05
N HIS C 228 72.01 -97.03 2.45
CA HIS C 228 70.84 -97.12 3.32
C HIS C 228 69.79 -96.09 2.94
N ALA C 229 68.52 -96.46 3.11
CA ALA C 229 67.42 -95.55 2.78
C ALA C 229 66.76 -94.76 3.90
N ASP C 230 66.34 -95.46 4.95
CA ASP C 230 65.86 -94.83 6.17
C ASP C 230 67.00 -94.61 7.16
N GLU C 231 68.22 -94.96 6.74
CA GLU C 231 69.40 -94.77 7.58
C GLU C 231 70.02 -93.39 7.39
N LEU C 232 71.21 -93.20 7.94
CA LEU C 232 71.94 -91.94 7.79
C LEU C 232 72.06 -91.14 9.09
N GLU C 233 71.57 -91.69 10.19
CA GLU C 233 71.67 -91.04 11.49
C GLU C 233 72.87 -91.60 12.25
N GLU C 234 72.97 -92.92 12.24
CA GLU C 234 74.10 -93.63 12.84
C GLU C 234 75.32 -93.29 12.00
N LEU C 235 75.07 -92.85 10.78
CA LEU C 235 76.10 -92.48 9.81
C LEU C 235 76.72 -91.10 10.01
N ILE C 236 76.54 -90.48 11.17
CA ILE C 236 77.11 -89.16 11.40
C ILE C 236 77.81 -88.92 12.74
N ASN C 237 78.63 -89.89 13.15
CA ASN C 237 79.40 -89.83 14.40
C ASN C 237 80.53 -90.78 14.04
N TYR C 238 80.57 -91.08 12.76
CA TYR C 238 81.49 -92.02 12.19
C TYR C 238 82.21 -91.44 10.97
N TYR C 239 81.75 -90.27 10.55
CA TYR C 239 82.31 -89.57 9.40
C TYR C 239 82.67 -88.15 9.82
N GLN C 240 82.70 -87.91 11.12
CA GLN C 240 83.00 -86.58 11.64
C GLN C 240 84.18 -86.55 12.60
N ASP C 241 83.99 -87.09 13.81
CA ASP C 241 85.03 -87.10 14.83
C ASP C 241 86.43 -87.37 14.27
N ARG C 242 86.53 -88.16 13.21
CA ARG C 242 87.82 -88.45 12.62
C ARG C 242 88.16 -87.57 11.42
N GLY C 243 87.43 -86.47 11.30
CA GLY C 243 87.67 -85.53 10.21
C GLY C 243 87.70 -86.12 8.82
N TYR C 244 86.51 -86.31 8.24
CA TYR C 244 86.39 -86.88 6.90
C TYR C 244 85.72 -85.93 5.91
N PHE C 245 84.69 -85.24 6.37
CA PHE C 245 84.00 -84.26 5.54
C PHE C 245 84.29 -84.47 4.06
N GLU C 246 84.87 -83.47 3.42
CA GLU C 246 85.20 -83.56 2.01
C GLU C 246 84.57 -84.84 1.46
N GLU C 247 85.27 -85.96 1.67
CA GLU C 247 84.81 -87.23 1.15
C GLU C 247 83.36 -87.49 1.53
N LEU C 248 82.94 -86.92 2.65
CA LEU C 248 81.56 -87.06 3.13
C LEU C 248 80.64 -86.07 2.43
N ILE C 249 81.14 -84.86 2.21
CA ILE C 249 80.36 -83.83 1.54
C ILE C 249 80.40 -84.01 0.03
N THR C 250 80.87 -85.19 -0.40
CA THR C 250 80.97 -85.51 -1.82
C THR C 250 80.34 -86.86 -2.14
N MET C 251 79.83 -87.55 -1.11
CA MET C 251 79.20 -88.84 -1.30
C MET C 251 77.72 -88.62 -1.54
N LEU C 252 77.09 -87.87 -0.65
CA LEU C 252 75.68 -87.54 -0.75
C LEU C 252 75.50 -86.99 -2.16
N GLU C 253 76.59 -86.48 -2.71
CA GLU C 253 76.63 -85.92 -4.05
C GLU C 253 76.04 -86.89 -5.06
N ALA C 254 75.81 -88.13 -4.66
CA ALA C 254 75.26 -89.13 -5.57
C ALA C 254 74.03 -89.79 -4.99
N ALA C 255 74.11 -90.18 -3.72
CA ALA C 255 73.02 -90.83 -3.03
C ALA C 255 71.70 -90.09 -3.16
N LEU C 256 71.77 -88.78 -3.37
CA LEU C 256 70.57 -87.95 -3.50
C LEU C 256 69.93 -88.05 -4.88
N GLY C 257 70.67 -88.56 -5.85
CA GLY C 257 70.14 -88.69 -7.19
C GLY C 257 69.56 -90.07 -7.45
N LEU C 258 69.87 -91.01 -6.56
CA LEU C 258 69.39 -92.38 -6.67
C LEU C 258 67.87 -92.40 -6.78
N GLU C 259 67.31 -93.54 -7.19
CA GLU C 259 65.86 -93.69 -7.30
C GLU C 259 65.17 -93.60 -5.95
N ARG C 260 65.97 -93.60 -4.89
CA ARG C 260 65.57 -93.91 -3.52
C ARG C 260 65.97 -92.83 -2.53
N ALA C 261 65.96 -91.58 -2.98
CA ALA C 261 66.42 -90.45 -2.18
C ALA C 261 65.30 -89.95 -1.25
N HIS C 262 65.67 -89.65 0.00
CA HIS C 262 64.71 -89.16 0.98
C HIS C 262 64.95 -87.73 1.44
N MET C 263 64.42 -87.39 2.61
CA MET C 263 64.55 -86.04 3.15
C MET C 263 65.84 -85.81 3.94
N GLY C 264 66.14 -86.70 4.87
CA GLY C 264 67.33 -86.58 5.68
C GLY C 264 68.58 -86.14 4.93
N MET C 265 68.80 -86.71 3.76
CA MET C 265 69.96 -86.39 2.94
C MET C 265 70.19 -84.89 2.81
N PHE C 266 69.33 -84.24 2.03
CA PHE C 266 69.42 -82.80 1.79
C PHE C 266 69.69 -82.05 3.08
N THR C 267 68.95 -82.43 4.13
CA THR C 267 69.08 -81.81 5.43
C THR C 267 70.50 -81.86 5.97
N GLU C 268 70.94 -83.06 6.33
CA GLU C 268 72.29 -83.25 6.86
C GLU C 268 73.32 -82.62 5.93
N LEU C 269 73.07 -82.76 4.63
CA LEU C 269 73.95 -82.20 3.61
C LEU C 269 74.21 -80.72 3.91
N ALA C 270 73.19 -80.05 4.43
CA ALA C 270 73.29 -78.63 4.75
C ALA C 270 74.18 -78.41 5.97
N ILE C 271 74.08 -79.28 6.97
CA ILE C 271 74.88 -79.18 8.17
C ILE C 271 76.35 -79.04 7.79
N LEU C 272 76.66 -79.46 6.57
CA LEU C 272 78.02 -79.39 6.04
C LEU C 272 78.19 -78.07 5.30
N TYR C 273 77.33 -77.83 4.31
CA TYR C 273 77.38 -76.61 3.53
C TYR C 273 77.34 -75.38 4.44
N SER C 274 76.86 -75.57 5.66
CA SER C 274 76.74 -74.49 6.64
C SER C 274 77.65 -73.58 7.45
N LYS C 275 78.40 -74.19 8.37
CA LYS C 275 79.61 -73.69 9.01
C LYS C 275 80.39 -74.79 8.28
N PHE C 276 80.80 -74.52 7.05
CA PHE C 276 81.97 -74.90 6.27
C PHE C 276 81.99 -74.18 4.94
N LYS C 277 81.68 -74.88 3.85
CA LYS C 277 81.66 -74.27 2.51
C LYS C 277 80.50 -73.30 2.37
N PRO C 278 80.76 -71.98 2.47
CA PRO C 278 79.70 -70.99 2.33
C PRO C 278 79.15 -71.04 0.91
N GLN C 279 79.69 -70.18 0.06
CA GLN C 279 79.32 -70.08 -1.36
C GLN C 279 78.20 -71.02 -1.82
N LYS C 280 78.57 -72.27 -2.14
CA LYS C 280 77.62 -73.27 -2.61
C LYS C 280 76.40 -73.45 -1.71
N MET C 281 76.59 -73.29 -0.41
CA MET C 281 75.50 -73.44 0.54
C MET C 281 74.18 -72.86 0.05
N ARG C 282 74.22 -71.70 -0.60
CA ARG C 282 73.00 -71.11 -1.13
C ARG C 282 72.56 -71.93 -2.32
N GLU C 283 73.52 -72.19 -3.20
CA GLU C 283 73.31 -72.99 -4.42
C GLU C 283 72.32 -74.10 -4.11
N HIS C 284 72.59 -74.83 -3.04
CA HIS C 284 71.76 -75.95 -2.60
C HIS C 284 70.31 -75.66 -2.23
N LEU C 285 70.14 -74.88 -1.16
CA LEU C 285 68.83 -74.44 -0.70
C LEU C 285 67.90 -74.01 -1.82
N GLU C 286 68.33 -72.98 -2.57
CA GLU C 286 67.54 -72.45 -3.67
C GLU C 286 66.97 -73.59 -4.51
N LEU C 287 67.63 -74.75 -4.47
CA LEU C 287 67.19 -75.92 -5.21
C LEU C 287 66.34 -76.84 -4.36
N PHE C 288 66.92 -77.29 -3.25
CA PHE C 288 66.27 -78.22 -2.35
C PHE C 288 65.77 -77.55 -1.07
N TRP C 289 64.59 -76.96 -1.14
CA TRP C 289 64.00 -76.29 0.01
C TRP C 289 62.78 -77.06 0.54
N SER C 290 62.07 -77.72 -0.37
CA SER C 290 60.90 -78.49 0.01
C SER C 290 61.31 -79.76 0.74
N ARG C 291 62.17 -80.55 0.11
CA ARG C 291 62.66 -81.79 0.67
C ARG C 291 63.74 -81.51 1.72
N VAL C 292 63.33 -81.04 2.90
CA VAL C 292 64.27 -80.74 3.97
C VAL C 292 63.62 -80.17 5.22
N ASN C 293 64.32 -80.27 6.34
CA ASN C 293 63.87 -79.75 7.62
C ASN C 293 64.17 -78.26 7.64
N ILE C 294 63.67 -77.55 8.65
CA ILE C 294 63.92 -76.12 8.73
C ILE C 294 64.25 -75.60 10.13
N PRO C 295 63.53 -76.08 11.17
CA PRO C 295 63.83 -75.60 12.52
C PRO C 295 65.25 -75.95 12.96
N LYS C 296 65.59 -77.23 12.80
CA LYS C 296 66.91 -77.73 13.17
C LYS C 296 68.00 -77.00 12.37
N VAL C 297 67.77 -76.88 11.07
CA VAL C 297 68.72 -76.23 10.17
C VAL C 297 69.13 -74.84 10.68
N LEU C 298 68.19 -74.12 11.27
CA LEU C 298 68.47 -72.79 11.79
C LEU C 298 69.53 -72.75 12.88
N ARG C 299 69.80 -73.88 13.52
CA ARG C 299 70.83 -73.93 14.54
C ARG C 299 72.07 -74.54 13.91
N ALA C 300 72.06 -74.49 12.59
CA ALA C 300 73.14 -74.97 11.74
C ALA C 300 73.26 -73.80 10.76
N ALA C 301 72.26 -72.92 10.85
CA ALA C 301 72.18 -71.71 10.04
C ALA C 301 72.65 -70.56 10.90
N GLU C 302 72.01 -70.36 12.05
CA GLU C 302 72.44 -69.30 12.96
C GLU C 302 73.78 -69.76 13.52
N GLN C 303 74.10 -71.01 13.21
CA GLN C 303 75.35 -71.66 13.61
C GLN C 303 76.30 -71.46 12.43
N ALA C 304 75.83 -70.67 11.46
CA ALA C 304 76.57 -70.34 10.25
C ALA C 304 75.61 -69.14 10.21
N HIS C 305 76.19 -67.95 10.19
CA HIS C 305 75.59 -66.68 9.79
C HIS C 305 75.54 -66.40 8.28
N LEU C 306 75.12 -67.40 7.52
CA LEU C 306 75.01 -67.26 6.07
C LEU C 306 73.79 -66.45 5.68
N TRP C 307 73.55 -65.36 6.39
CA TRP C 307 72.40 -64.49 6.13
C TRP C 307 71.75 -64.19 4.80
N ALA C 308 72.56 -64.17 3.74
CA ALA C 308 72.14 -64.31 2.35
C ALA C 308 71.17 -65.47 2.18
N GLU C 309 71.61 -66.67 2.56
CA GLU C 309 70.78 -67.86 2.46
C GLU C 309 69.92 -68.04 3.72
N LEU C 310 70.51 -67.77 4.87
CA LEU C 310 69.79 -67.88 6.14
C LEU C 310 68.49 -67.09 6.11
N VAL C 311 68.49 -66.00 5.36
CA VAL C 311 67.31 -65.15 5.23
C VAL C 311 66.26 -65.81 4.33
N PHE C 312 66.70 -66.24 3.15
CA PHE C 312 65.81 -66.89 2.19
C PHE C 312 65.02 -68.00 2.86
N LEU C 313 65.67 -68.72 3.76
CA LEU C 313 65.03 -69.80 4.49
C LEU C 313 63.79 -69.24 5.18
N TYR C 314 64.00 -68.26 6.06
CA TYR C 314 62.91 -67.61 6.78
C TYR C 314 61.82 -67.21 5.77
N ASP C 315 62.26 -66.59 4.68
CA ASP C 315 61.35 -66.13 3.64
C ASP C 315 60.32 -67.20 3.26
N LYS C 316 60.78 -68.23 2.56
CA LYS C 316 59.90 -69.32 2.15
C LYS C 316 59.25 -69.95 3.38
N TYR C 317 59.99 -69.96 4.48
CA TYR C 317 59.48 -70.50 5.74
C TYR C 317 58.29 -69.64 6.13
N GLU C 318 58.26 -68.43 5.58
CA GLU C 318 57.20 -67.46 5.82
C GLU C 318 57.38 -66.80 7.17
N GLU C 319 58.59 -66.90 7.72
CA GLU C 319 58.90 -66.30 9.01
C GLU C 319 59.52 -64.93 8.78
N TYR C 320 58.92 -64.17 7.87
CA TYR C 320 59.36 -62.81 7.59
C TYR C 320 59.82 -61.79 8.63
N ASP C 321 59.08 -61.70 9.73
CA ASP C 321 59.50 -61.05 10.96
C ASP C 321 60.99 -61.26 11.22
N ASN C 322 61.46 -62.49 11.01
CA ASN C 322 62.86 -62.82 11.22
C ASN C 322 63.69 -62.60 9.97
N ALA C 323 63.15 -62.99 8.82
CA ALA C 323 63.84 -62.81 7.55
C ALA C 323 64.16 -61.32 7.39
N ILE C 324 63.17 -60.49 7.67
CA ILE C 324 63.32 -59.05 7.59
C ILE C 324 64.42 -58.59 8.54
N ILE C 325 64.41 -59.13 9.74
CA ILE C 325 65.40 -58.79 10.76
C ILE C 325 66.81 -59.09 10.26
N THR C 326 66.94 -60.11 9.43
CA THR C 326 68.23 -60.51 8.90
C THR C 326 68.86 -59.43 8.02
N MET C 327 68.17 -58.30 7.88
CA MET C 327 68.65 -57.19 7.08
C MET C 327 68.75 -55.95 7.96
N MET C 328 68.83 -56.19 9.27
CA MET C 328 68.92 -55.11 10.24
C MET C 328 70.32 -55.05 10.83
N ASN C 329 70.89 -56.22 11.09
CA ASN C 329 72.24 -56.33 11.63
C ASN C 329 73.08 -57.08 10.62
N HIS C 330 72.54 -57.21 9.40
CA HIS C 330 73.23 -57.92 8.34
C HIS C 330 72.94 -57.27 6.99
N PRO C 331 73.17 -55.95 6.88
CA PRO C 331 72.94 -55.18 5.65
C PRO C 331 73.59 -55.77 4.39
N THR C 332 74.85 -55.41 4.17
CA THR C 332 75.60 -55.88 3.01
C THR C 332 75.27 -57.29 2.52
N ASP C 333 74.88 -58.16 3.43
CA ASP C 333 75.03 -59.61 3.44
C ASP C 333 73.87 -60.32 2.74
N ALA C 334 72.64 -59.89 3.03
CA ALA C 334 71.46 -60.50 2.44
C ALA C 334 70.53 -59.47 1.81
N TRP C 335 70.57 -58.25 2.31
CA TRP C 335 69.72 -57.18 1.80
C TRP C 335 69.73 -57.16 0.27
N LYS C 336 68.62 -56.70 -0.31
CA LYS C 336 68.49 -56.64 -1.76
C LYS C 336 67.51 -55.54 -2.17
N GLU C 337 67.90 -54.29 -1.94
CA GLU C 337 67.06 -53.15 -2.30
C GLU C 337 65.60 -53.43 -2.02
N GLY C 338 64.87 -53.86 -3.04
CA GLY C 338 63.46 -54.17 -2.90
C GLY C 338 63.21 -55.50 -2.25
N GLN C 339 64.23 -56.36 -2.26
CA GLN C 339 64.12 -57.69 -1.66
C GLN C 339 63.53 -57.58 -0.25
N PHE C 340 63.78 -56.43 0.38
CA PHE C 340 63.29 -56.16 1.73
C PHE C 340 61.87 -55.61 1.65
N LYS C 341 61.50 -55.11 0.47
CA LYS C 341 60.19 -54.52 0.23
C LYS C 341 58.99 -55.47 0.18
N ASP C 342 59.21 -56.72 -0.19
CA ASP C 342 58.10 -57.66 -0.30
C ASP C 342 57.90 -58.64 0.85
N ILE C 343 58.64 -58.45 1.93
CA ILE C 343 58.53 -59.33 3.09
C ILE C 343 57.66 -58.68 4.16
N ILE C 344 58.03 -57.46 4.53
CA ILE C 344 57.36 -56.68 5.55
C ILE C 344 55.83 -56.74 5.51
N THR C 345 55.25 -56.61 4.32
CA THR C 345 53.80 -56.63 4.15
C THR C 345 53.13 -57.89 4.69
N LYS C 346 53.88 -58.98 4.79
CA LYS C 346 53.32 -60.22 5.29
C LYS C 346 53.62 -60.51 6.75
N VAL C 347 53.83 -59.46 7.52
CA VAL C 347 54.11 -59.58 8.95
C VAL C 347 52.88 -59.11 9.73
N ALA C 348 52.71 -59.62 10.94
CA ALA C 348 51.57 -59.24 11.77
C ALA C 348 51.92 -58.13 12.75
N ASN C 349 53.21 -57.94 12.99
CA ASN C 349 53.69 -56.91 13.90
C ASN C 349 54.19 -55.70 13.11
N VAL C 350 53.55 -54.55 13.32
CA VAL C 350 53.91 -53.33 12.61
C VAL C 350 55.09 -52.58 13.24
N GLU C 351 55.53 -53.03 14.41
CA GLU C 351 56.62 -52.38 15.12
C GLU C 351 57.91 -52.41 14.30
N LEU C 352 58.28 -53.59 13.82
CA LEU C 352 59.49 -53.76 13.04
C LEU C 352 59.66 -52.63 12.03
N TYR C 353 58.56 -52.25 11.38
CA TYR C 353 58.59 -51.19 10.38
C TYR C 353 59.28 -49.94 10.91
N TYR C 354 58.65 -49.30 11.89
CA TYR C 354 59.20 -48.07 12.47
C TYR C 354 60.70 -48.07 12.75
N ARG C 355 61.19 -49.09 13.44
CA ARG C 355 62.63 -49.23 13.64
C ARG C 355 63.25 -49.44 12.26
N ALA C 356 62.49 -50.07 11.37
CA ALA C 356 62.96 -50.32 10.02
C ALA C 356 63.24 -49.00 9.31
N ILE C 357 62.26 -48.11 9.30
CA ILE C 357 62.42 -46.79 8.69
C ILE C 357 63.90 -46.45 8.89
N GLN C 358 64.45 -46.87 10.02
CA GLN C 358 65.77 -46.45 10.45
C GLN C 358 66.83 -46.90 9.46
N PHE C 359 66.92 -48.21 9.24
CA PHE C 359 67.87 -48.77 8.29
C PHE C 359 67.69 -48.13 6.92
N TYR C 360 66.50 -47.59 6.68
CA TYR C 360 66.20 -46.94 5.40
C TYR C 360 66.03 -45.44 5.59
N LEU C 361 65.00 -45.04 6.32
CA LEU C 361 64.72 -43.63 6.58
C LEU C 361 65.84 -43.00 7.41
N GLU C 362 66.22 -43.67 8.49
CA GLU C 362 67.27 -43.17 9.37
C GLU C 362 68.42 -42.60 8.55
N PHE C 363 68.99 -43.42 7.67
CA PHE C 363 70.09 -42.97 6.82
C PHE C 363 69.78 -43.22 5.35
N LYS C 364 68.90 -44.17 5.08
CA LYS C 364 68.53 -44.51 3.71
C LYS C 364 67.55 -43.50 3.14
N PRO C 365 68.07 -42.54 2.39
CA PRO C 365 67.24 -41.50 1.76
C PRO C 365 66.41 -41.90 0.55
N LEU C 366 66.68 -41.26 -0.59
CA LEU C 366 65.99 -41.58 -1.83
C LEU C 366 65.74 -43.08 -1.91
N LEU C 367 64.48 -43.45 -2.07
CA LEU C 367 64.09 -44.86 -2.09
C LEU C 367 63.97 -45.50 -0.72
N LEU C 368 63.76 -44.66 0.30
CA LEU C 368 63.07 -44.86 1.56
C LEU C 368 61.61 -44.45 1.41
N ASN C 369 61.39 -43.34 0.72
CA ASN C 369 60.04 -42.87 0.45
C ASN C 369 59.28 -43.88 -0.41
N ASP C 370 59.95 -44.41 -1.42
CA ASP C 370 59.32 -45.41 -2.27
C ASP C 370 59.03 -46.53 -1.30
N LEU C 371 59.79 -46.54 -0.22
CA LEU C 371 59.67 -47.51 0.86
C LEU C 371 58.36 -47.23 1.60
N LEU C 372 57.99 -45.94 1.65
CA LEU C 372 56.78 -45.50 2.32
C LEU C 372 55.54 -45.90 1.52
N MET C 373 55.74 -46.20 0.24
CA MET C 373 54.63 -46.60 -0.64
C MET C 373 53.59 -47.70 -0.63
N VAL C 374 54.04 -48.94 -0.82
CA VAL C 374 53.41 -50.19 -0.42
C VAL C 374 52.74 -50.31 0.95
N LEU C 375 53.51 -50.04 2.00
CA LEU C 375 52.97 -49.92 3.34
C LEU C 375 51.74 -49.10 3.71
N SER C 376 51.65 -47.90 3.14
CA SER C 376 50.42 -47.11 3.11
C SER C 376 49.37 -47.68 4.07
N PRO C 377 48.49 -48.52 3.55
CA PRO C 377 47.43 -49.12 4.35
C PRO C 377 47.99 -49.89 5.55
N ARG C 378 47.51 -49.55 6.74
CA ARG C 378 47.96 -50.21 7.97
C ARG C 378 49.32 -49.74 8.45
N LEU C 379 49.52 -48.42 8.45
CA LEU C 379 50.20 -47.43 9.27
C LEU C 379 49.19 -46.46 9.90
N ASP C 380 49.64 -45.76 10.93
CA ASP C 380 48.78 -44.80 11.63
C ASP C 380 49.17 -43.36 11.28
N HIS C 381 50.19 -43.21 10.46
CA HIS C 381 50.65 -41.89 10.05
C HIS C 381 50.95 -41.00 11.24
N THR C 382 50.02 -40.95 12.18
CA THR C 382 50.17 -40.12 13.38
C THR C 382 51.48 -40.43 14.10
N ARG C 383 51.93 -41.67 13.99
CA ARG C 383 53.17 -42.10 14.64
C ARG C 383 54.33 -42.16 13.65
N ALA C 384 54.36 -41.21 12.72
CA ALA C 384 55.42 -41.15 11.73
C ALA C 384 55.95 -39.72 11.56
N VAL C 385 55.08 -38.84 11.06
CA VAL C 385 55.45 -37.45 10.85
C VAL C 385 56.18 -36.93 12.08
N ASN C 386 55.81 -37.46 13.25
CA ASN C 386 56.43 -37.05 14.50
C ASN C 386 57.93 -37.36 14.53
N TYR C 387 58.29 -38.51 13.96
CA TYR C 387 59.69 -38.92 13.93
C TYR C 387 60.46 -38.15 12.86
N PHE C 388 59.73 -37.57 11.91
CA PHE C 388 60.35 -36.79 10.84
C PHE C 388 60.63 -35.36 11.30
N SER C 389 59.61 -34.69 11.80
CA SER C 389 59.76 -33.32 12.28
C SER C 389 60.88 -32.94 13.24
N LYS C 390 61.02 -33.71 14.31
CA LYS C 390 62.18 -33.64 15.20
C LYS C 390 63.39 -34.33 14.56
N VAL C 391 63.42 -34.36 13.24
CA VAL C 391 64.52 -34.98 12.51
C VAL C 391 65.21 -33.98 11.58
N LYS C 392 64.51 -32.89 11.27
CA LYS C 392 65.05 -31.87 10.37
C LYS C 392 65.20 -32.46 8.97
N GLN C 393 64.49 -33.55 8.71
CA GLN C 393 64.53 -34.21 7.42
C GLN C 393 63.25 -34.53 6.67
N LEU C 394 62.15 -34.06 7.24
CA LEU C 394 60.78 -34.49 7.01
C LEU C 394 60.36 -34.29 5.54
N PRO C 395 60.90 -33.25 4.87
CA PRO C 395 60.55 -32.98 3.47
C PRO C 395 60.78 -34.12 2.48
N LEU C 396 61.64 -35.08 2.82
CA LEU C 396 61.86 -36.19 1.89
C LEU C 396 60.47 -36.76 1.66
N VAL C 397 59.70 -36.83 2.75
CA VAL C 397 58.35 -37.35 2.72
C VAL C 397 57.42 -36.45 1.92
N LYS C 398 57.97 -35.40 1.32
CA LYS C 398 57.18 -34.47 0.52
C LYS C 398 56.22 -35.26 -0.36
N PRO C 399 56.74 -36.12 -1.24
CA PRO C 399 55.87 -36.93 -2.10
C PRO C 399 55.13 -37.98 -1.30
N TYR C 400 55.72 -38.38 -0.18
CA TYR C 400 55.10 -39.36 0.71
C TYR C 400 53.77 -38.76 1.14
N LEU C 401 53.67 -37.44 1.01
CA LEU C 401 52.47 -36.71 1.38
C LEU C 401 51.61 -36.46 0.15
N ARG C 402 52.10 -36.88 -1.02
CA ARG C 402 51.37 -36.72 -2.27
C ARG C 402 50.10 -37.49 -2.62
N SER C 403 50.25 -38.79 -2.82
CA SER C 403 49.12 -39.72 -2.91
C SER C 403 48.38 -39.80 -1.58
N VAL C 404 49.06 -39.42 -0.51
CA VAL C 404 48.47 -39.45 0.83
C VAL C 404 48.06 -37.99 0.93
N GLN C 405 47.71 -37.55 2.13
CA GLN C 405 46.87 -36.40 2.44
C GLN C 405 45.45 -36.52 1.92
N ASN C 406 44.85 -37.69 2.09
CA ASN C 406 43.48 -37.94 1.64
C ASN C 406 43.04 -38.31 3.05
N HIS C 407 43.99 -38.75 3.87
CA HIS C 407 43.69 -39.14 5.25
C HIS C 407 43.25 -37.93 6.07
N ASN C 408 43.32 -36.74 5.47
CA ASN C 408 42.93 -35.52 6.15
C ASN C 408 43.69 -35.30 7.45
N ASN C 409 44.60 -36.21 7.75
CA ASN C 409 45.40 -36.12 8.97
C ASN C 409 46.11 -34.80 9.23
N LYS C 410 46.29 -34.47 10.51
CA LYS C 410 46.72 -33.14 10.94
C LYS C 410 48.20 -32.92 10.66
N SER C 411 49.03 -33.85 11.10
CA SER C 411 50.47 -33.76 10.90
C SER C 411 50.77 -33.45 9.44
N VAL C 412 49.89 -33.96 8.57
CA VAL C 412 50.03 -33.71 7.14
C VAL C 412 49.89 -32.32 6.54
N ASN C 413 48.70 -31.74 6.68
CA ASN C 413 48.43 -30.31 6.48
C ASN C 413 49.33 -29.47 7.35
N GLU C 414 49.20 -29.62 8.66
CA GLU C 414 49.99 -28.88 9.64
C GLU C 414 51.48 -28.52 9.64
N SER C 415 52.32 -29.46 9.25
CA SER C 415 53.68 -29.25 8.76
C SER C 415 53.64 -29.05 7.25
N LEU C 416 52.76 -29.79 6.58
CA LEU C 416 52.61 -29.70 5.13
C LEU C 416 52.53 -28.24 4.74
N ASN C 417 51.73 -27.48 5.48
CA ASN C 417 51.57 -26.06 5.24
C ASN C 417 52.91 -25.42 5.58
N ASN C 418 53.41 -25.71 6.78
CA ASN C 418 54.69 -25.21 7.26
C ASN C 418 55.70 -25.40 6.13
N LEU C 419 55.51 -26.45 5.34
CA LEU C 419 56.39 -26.74 4.23
C LEU C 419 56.13 -25.73 3.11
N PHE C 420 54.91 -25.75 2.57
CA PHE C 420 54.54 -24.84 1.49
C PHE C 420 54.79 -23.39 1.88
N ILE C 421 54.95 -23.13 3.17
CA ILE C 421 55.20 -21.78 3.65
C ILE C 421 56.62 -21.25 3.53
N THR C 422 57.57 -21.96 4.15
CA THR C 422 58.98 -21.64 4.01
C THR C 422 59.48 -21.96 2.60
N GLU C 423 58.81 -22.89 1.92
CA GLU C 423 59.21 -23.27 0.57
C GLU C 423 58.67 -22.29 -0.46
N GLU C 424 57.67 -21.52 -0.07
CA GLU C 424 57.05 -20.51 -0.94
C GLU C 424 56.00 -21.06 -1.90
N ASP C 425 55.53 -22.27 -1.64
CA ASP C 425 54.52 -22.88 -2.50
C ASP C 425 53.12 -22.36 -2.16
N TYR C 426 52.43 -21.88 -3.18
CA TYR C 426 51.08 -21.36 -3.01
C TYR C 426 50.06 -22.15 -3.82
N GLN C 427 50.44 -22.55 -5.03
CA GLN C 427 49.56 -23.36 -5.87
C GLN C 427 49.15 -24.60 -5.08
N ALA C 428 50.16 -25.38 -4.70
CA ALA C 428 49.91 -26.60 -3.94
C ALA C 428 49.27 -26.22 -2.61
N LEU C 429 49.99 -25.48 -1.78
CA LEU C 429 49.48 -25.06 -0.47
C LEU C 429 48.00 -24.68 -0.53
N ARG C 430 47.62 -23.89 -1.53
CA ARG C 430 46.25 -23.46 -1.70
C ARG C 430 45.37 -24.70 -1.94
N THR C 431 45.79 -25.52 -2.89
CA THR C 431 45.05 -26.74 -3.21
C THR C 431 45.28 -27.79 -2.13
N SER C 432 46.41 -27.67 -1.44
CA SER C 432 46.78 -28.57 -0.37
C SER C 432 45.76 -28.41 0.75
N ILE C 433 44.91 -27.39 0.61
CA ILE C 433 43.87 -27.11 1.59
C ILE C 433 42.55 -26.77 0.91
N ASP C 434 42.50 -26.90 -0.42
CA ASP C 434 41.28 -26.60 -1.16
C ASP C 434 40.22 -27.67 -0.92
N ALA C 435 40.50 -28.61 -0.02
CA ALA C 435 39.56 -29.67 0.29
C ALA C 435 39.73 -30.04 1.77
N TYR C 436 40.86 -30.66 2.08
CA TYR C 436 41.12 -31.17 3.42
C TYR C 436 41.25 -30.02 4.43
N ASP C 437 40.22 -29.84 5.26
CA ASP C 437 40.22 -28.77 6.25
C ASP C 437 40.67 -29.05 7.68
N ASN C 438 41.54 -30.05 7.84
CA ASN C 438 41.91 -30.55 9.15
C ASN C 438 43.21 -29.88 9.60
N PHE C 439 43.09 -28.79 10.34
CA PHE C 439 44.27 -28.07 10.79
C PHE C 439 43.95 -26.94 11.77
N ASP C 440 44.99 -26.23 12.19
CA ASP C 440 44.84 -25.13 13.12
C ASP C 440 44.60 -23.81 12.40
N ASN C 441 43.34 -23.55 12.05
CA ASN C 441 42.97 -22.33 11.35
C ASN C 441 43.22 -21.18 12.31
N ILE C 442 44.50 -20.83 12.48
CA ILE C 442 44.88 -19.67 13.29
C ILE C 442 46.36 -19.36 13.15
N SER C 443 47.13 -19.76 14.15
CA SER C 443 48.57 -19.53 14.14
C SER C 443 49.15 -19.68 12.74
N LEU C 444 48.63 -20.64 11.99
CA LEU C 444 49.10 -20.88 10.63
C LEU C 444 49.22 -19.57 9.84
N ALA C 445 48.16 -18.77 9.89
CA ALA C 445 48.15 -17.49 9.18
C ALA C 445 48.96 -16.44 9.93
N GLN C 446 49.41 -16.79 11.14
CA GLN C 446 50.20 -15.88 11.94
C GLN C 446 51.63 -15.74 11.40
N ARG C 447 52.18 -16.85 10.93
CA ARG C 447 53.53 -16.85 10.38
C ARG C 447 53.53 -16.28 8.97
N LEU C 448 52.37 -16.34 8.32
CA LEU C 448 52.24 -15.84 6.96
C LEU C 448 52.22 -14.32 6.94
N GLU C 449 51.47 -13.72 7.87
CA GLU C 449 51.37 -12.28 7.98
C GLU C 449 52.75 -11.66 8.18
N LYS C 450 53.60 -12.38 8.92
CA LYS C 450 54.95 -11.92 9.20
C LYS C 450 55.85 -11.88 7.97
N HIS C 451 55.26 -12.12 6.80
CA HIS C 451 56.03 -12.19 5.56
C HIS C 451 56.17 -10.83 4.89
N GLU C 452 56.94 -10.82 3.81
CA GLU C 452 57.16 -9.62 3.01
C GLU C 452 56.47 -9.89 1.69
N LEU C 453 56.60 -11.13 1.23
CA LEU C 453 56.01 -11.56 -0.02
C LEU C 453 54.53 -11.82 0.19
N ILE C 454 53.73 -10.81 -0.11
CA ILE C 454 52.28 -10.87 0.04
C ILE C 454 51.59 -12.16 -0.37
N GLU C 455 52.22 -13.00 -1.19
CA GLU C 455 51.59 -14.24 -1.61
C GLU C 455 50.84 -14.88 -0.45
N PHE C 456 51.53 -15.03 0.67
CA PHE C 456 50.93 -15.63 1.86
C PHE C 456 50.30 -14.56 2.74
N ARG C 457 50.70 -13.32 2.56
CA ARG C 457 50.13 -12.22 3.32
C ARG C 457 48.80 -11.93 2.63
N ARG C 458 48.62 -12.55 1.48
CA ARG C 458 47.43 -12.42 0.65
C ARG C 458 46.51 -13.59 0.97
N ILE C 459 47.11 -14.73 1.26
CA ILE C 459 46.34 -15.93 1.59
C ILE C 459 46.12 -15.98 3.10
N ALA C 460 47.09 -15.48 3.86
CA ALA C 460 46.94 -15.46 5.31
C ALA C 460 45.70 -14.60 5.51
N ALA C 461 45.53 -13.66 4.58
CA ALA C 461 44.38 -12.77 4.59
C ALA C 461 43.17 -13.65 4.36
N TYR C 462 43.26 -14.52 3.35
CA TYR C 462 42.18 -15.45 3.05
C TYR C 462 42.02 -16.42 4.21
N LEU C 463 43.08 -17.20 4.45
CA LEU C 463 43.10 -18.19 5.52
C LEU C 463 42.49 -17.78 6.85
N PHE C 464 42.72 -16.54 7.25
CA PHE C 464 42.04 -15.96 8.40
C PHE C 464 40.56 -15.69 8.14
N LYS C 465 40.24 -15.24 6.93
CA LYS C 465 38.84 -14.97 6.59
C LYS C 465 38.06 -16.25 6.39
N GLY C 466 38.60 -17.16 5.59
CA GLY C 466 37.96 -18.44 5.31
C GLY C 466 36.48 -18.56 5.58
N ASN C 467 35.68 -18.43 4.51
CA ASN C 467 34.22 -18.53 4.60
C ASN C 467 33.72 -17.77 5.83
N ASN C 468 34.51 -16.82 6.28
CA ASN C 468 34.11 -15.80 7.24
C ASN C 468 34.72 -14.46 6.81
N ARG C 469 33.98 -13.73 5.99
CA ARG C 469 34.45 -12.44 5.48
C ARG C 469 34.70 -11.21 6.35
N TRP C 470 34.11 -11.22 7.55
CA TRP C 470 34.37 -10.19 8.54
C TRP C 470 35.81 -9.97 9.00
N LYS C 471 36.55 -11.04 9.25
CA LYS C 471 37.96 -10.92 9.59
C LYS C 471 38.77 -10.14 8.56
N GLN C 472 38.91 -10.70 7.36
CA GLN C 472 39.67 -10.08 6.29
C GLN C 472 39.60 -8.58 6.01
N SER C 473 38.40 -8.02 6.10
CA SER C 473 38.21 -6.56 6.01
C SER C 473 38.53 -5.81 7.29
N VAL C 474 37.94 -6.22 8.41
CA VAL C 474 38.15 -5.56 9.68
C VAL C 474 39.62 -5.61 10.12
N GLU C 475 40.48 -6.09 9.24
CA GLU C 475 41.92 -6.18 9.51
C GLU C 475 42.71 -5.68 8.30
N LEU C 476 42.73 -4.37 8.10
CA LEU C 476 43.42 -3.74 6.97
C LEU C 476 44.51 -2.68 6.84
N CYS C 477 44.13 -1.42 7.07
CA CYS C 477 44.99 -0.31 7.45
C CYS C 477 45.64 0.05 6.11
N LYS C 478 46.59 0.98 6.15
CA LYS C 478 47.29 1.41 4.94
C LYS C 478 47.66 0.18 4.12
N LYS C 479 48.57 -0.63 4.66
CA LYS C 479 49.01 -1.84 3.99
C LYS C 479 47.84 -2.78 3.70
N ASP C 480 48.06 -3.74 2.81
CA ASP C 480 47.03 -4.69 2.45
C ASP C 480 45.68 -4.02 2.19
N SER C 481 45.72 -2.73 1.91
CA SER C 481 44.51 -1.96 1.64
C SER C 481 44.99 -2.19 0.20
N LEU C 482 44.26 -3.02 -0.53
CA LEU C 482 44.29 -3.10 -1.99
C LEU C 482 43.04 -2.49 -2.60
N TYR C 483 43.22 -1.47 -3.43
CA TYR C 483 42.10 -0.80 -4.08
C TYR C 483 41.29 -1.83 -4.84
N LYS C 484 41.79 -3.07 -4.86
CA LYS C 484 41.12 -4.16 -5.57
C LYS C 484 40.20 -5.23 -5.02
N ASP C 485 40.78 -6.23 -4.36
CA ASP C 485 40.05 -7.22 -3.58
C ASP C 485 39.26 -6.63 -2.41
N ALA C 486 39.64 -5.44 -1.97
CA ALA C 486 38.97 -4.78 -0.87
C ALA C 486 37.58 -4.31 -1.30
N MET C 487 37.42 -4.11 -2.60
CA MET C 487 36.15 -3.67 -3.16
C MET C 487 35.33 -4.86 -3.59
N GLN C 488 35.75 -6.05 -3.18
CA GLN C 488 35.04 -7.27 -3.54
C GLN C 488 34.76 -8.21 -2.37
N TYR C 489 35.58 -8.15 -1.33
CA TYR C 489 35.35 -9.04 -0.19
C TYR C 489 34.29 -8.51 0.79
N ALA C 490 33.82 -7.29 0.56
CA ALA C 490 32.80 -6.70 1.41
C ALA C 490 31.45 -7.21 0.95
N SER C 491 31.22 -7.11 -0.36
CA SER C 491 29.98 -7.57 -0.99
C SER C 491 29.22 -8.81 -0.51
N GLU C 492 29.95 -9.89 -0.31
CA GLU C 492 29.42 -11.10 0.30
C GLU C 492 29.04 -11.00 1.78
N SER C 493 29.53 -9.95 2.44
CA SER C 493 29.24 -9.75 3.87
C SER C 493 27.75 -9.76 4.18
N LYS C 494 27.44 -9.71 5.48
CA LYS C 494 26.06 -9.70 5.94
C LYS C 494 25.88 -8.68 7.06
N ASP C 495 26.98 -8.23 7.65
CA ASP C 495 26.92 -7.26 8.73
C ASP C 495 26.73 -5.85 8.17
N THR C 496 25.81 -5.74 7.21
CA THR C 496 25.46 -4.49 6.55
C THR C 496 26.27 -3.28 6.98
N GLU C 497 25.95 -2.75 8.16
CA GLU C 497 26.58 -1.57 8.73
C GLU C 497 28.08 -1.47 8.44
N LEU C 498 28.77 -2.60 8.33
CA LEU C 498 30.20 -2.60 8.06
C LEU C 498 30.47 -1.78 6.81
N ALA C 499 29.42 -1.56 6.02
CA ALA C 499 29.54 -0.76 4.81
C ALA C 499 29.85 0.66 5.26
N GLU C 500 29.09 1.15 6.25
CA GLU C 500 29.32 2.48 6.78
C GLU C 500 30.72 2.50 7.38
N GLU C 501 31.13 1.37 7.94
CA GLU C 501 32.46 1.24 8.52
C GLU C 501 33.46 1.52 7.40
N LEU C 502 33.44 0.67 6.39
CA LEU C 502 34.34 0.80 5.24
C LEU C 502 34.20 2.17 4.61
N LEU C 503 33.00 2.51 4.18
CA LEU C 503 32.74 3.79 3.54
C LEU C 503 33.22 4.98 4.37
N GLN C 504 32.77 5.06 5.61
CA GLN C 504 33.18 6.16 6.48
C GLN C 504 34.68 6.32 6.38
N TRP C 505 35.39 5.19 6.28
CA TRP C 505 36.83 5.18 6.15
C TRP C 505 37.38 5.59 4.79
N PHE C 506 36.74 5.11 3.72
CA PHE C 506 37.01 5.53 2.36
C PHE C 506 37.17 7.05 2.30
N LEU C 507 36.23 7.74 2.93
CA LEU C 507 36.21 9.19 2.97
C LEU C 507 37.46 9.82 3.58
N GLN C 508 37.81 9.40 4.79
CA GLN C 508 38.98 9.96 5.47
C GLN C 508 40.39 9.63 5.01
N GLU C 509 40.52 8.67 4.10
CA GLU C 509 41.78 7.96 3.81
C GLU C 509 41.95 7.61 2.34
N GLU C 510 40.85 7.55 1.59
CA GLU C 510 40.94 7.22 0.17
C GLU C 510 39.96 8.03 -0.69
N LYS C 511 40.09 7.90 -2.01
CA LYS C 511 39.23 8.64 -2.93
C LYS C 511 38.37 7.78 -3.85
N ARG C 512 38.68 6.50 -3.98
CA ARG C 512 37.88 5.65 -4.84
C ARG C 512 36.54 5.40 -4.18
N GLU C 513 36.17 6.32 -3.29
CA GLU C 513 34.90 6.27 -2.57
C GLU C 513 33.80 5.98 -3.57
N CYS C 514 34.00 6.48 -4.79
CA CYS C 514 33.04 6.27 -5.86
C CYS C 514 32.75 4.78 -5.93
N PHE C 515 33.71 4.01 -6.41
CA PHE C 515 33.55 2.57 -6.51
C PHE C 515 33.13 2.03 -5.15
N GLY C 516 33.53 2.73 -4.10
CA GLY C 516 33.17 2.32 -2.75
C GLY C 516 31.68 2.49 -2.58
N ALA C 517 31.25 3.71 -2.28
CA ALA C 517 29.83 4.02 -2.08
C ALA C 517 28.85 3.43 -3.09
N CYS C 518 29.38 2.93 -4.20
CA CYS C 518 28.56 2.32 -5.25
C CYS C 518 28.42 0.81 -5.29
N LEU C 519 29.54 0.08 -5.31
CA LEU C 519 29.46 -1.36 -5.37
C LEU C 519 28.68 -1.77 -4.12
N PHE C 520 28.68 -0.88 -3.14
CA PHE C 520 27.96 -1.08 -1.89
C PHE C 520 26.48 -1.22 -2.25
N THR C 521 25.92 -0.16 -2.80
CA THR C 521 24.53 -0.11 -3.20
C THR C 521 23.67 -0.95 -4.15
N CYS C 522 24.18 -1.19 -5.36
CA CYS C 522 23.74 -2.22 -6.30
C CYS C 522 23.38 -3.64 -5.90
N TYR C 523 24.02 -4.17 -4.87
CA TYR C 523 23.59 -5.39 -4.20
C TYR C 523 22.39 -5.06 -3.33
N ASP C 524 21.20 -5.39 -3.82
CA ASP C 524 19.98 -5.09 -3.07
C ASP C 524 20.14 -3.62 -2.70
N LEU C 525 20.23 -3.34 -1.40
CA LEU C 525 20.31 -1.96 -0.95
C LEU C 525 20.96 -2.49 0.32
N LEU C 526 22.14 -1.96 0.63
CA LEU C 526 22.78 -1.84 1.94
C LEU C 526 23.14 -0.38 2.19
N ARG C 527 23.03 0.44 1.16
CA ARG C 527 23.33 1.86 1.25
C ARG C 527 21.98 2.58 1.26
N PRO C 528 21.38 2.69 2.47
CA PRO C 528 20.08 3.33 2.67
C PRO C 528 20.11 4.85 2.52
N ASP C 529 19.10 5.50 3.09
CA ASP C 529 18.99 6.95 3.07
C ASP C 529 20.08 7.47 3.98
N VAL C 530 20.23 6.82 5.13
CA VAL C 530 21.22 7.18 6.13
C VAL C 530 22.54 7.58 5.51
N VAL C 531 23.03 6.78 4.56
CA VAL C 531 24.31 7.07 3.92
C VAL C 531 24.20 8.10 2.80
N LEU C 532 23.16 8.00 1.98
CA LEU C 532 22.96 8.93 0.88
C LEU C 532 22.95 10.37 1.37
N GLU C 533 22.61 10.55 2.66
CA GLU C 533 22.58 11.87 3.27
C GLU C 533 23.89 12.21 3.94
N THR C 534 24.41 11.27 4.72
CA THR C 534 25.67 11.46 5.42
C THR C 534 26.54 12.36 4.54
N ALA C 535 26.40 12.20 3.23
CA ALA C 535 27.29 12.83 2.27
C ALA C 535 26.89 14.28 2.02
N TRP C 536 25.65 14.62 2.34
CA TRP C 536 25.14 15.96 2.16
C TRP C 536 25.65 16.90 3.26
N ARG C 537 25.32 16.56 4.49
CA ARG C 537 25.82 17.29 5.64
C ARG C 537 27.33 17.06 5.59
N HIS C 538 27.71 15.98 4.93
CA HIS C 538 29.10 15.59 4.77
C HIS C 538 29.54 15.84 3.33
N ASN C 539 30.36 14.93 2.80
CA ASN C 539 30.92 15.06 1.46
C ASN C 539 30.31 15.52 0.13
N ILE C 540 29.06 15.13 -0.11
CA ILE C 540 28.16 15.74 -1.09
C ILE C 540 28.94 15.84 -2.39
N MET C 541 29.17 17.07 -2.85
CA MET C 541 29.81 17.31 -4.14
C MET C 541 30.83 16.21 -4.46
N ASP C 542 30.93 15.46 -5.26
CA ASP C 542 31.58 14.16 -5.35
C ASP C 542 30.63 13.08 -4.82
N PHE C 543 29.44 13.50 -4.43
CA PHE C 543 28.32 12.61 -4.17
C PHE C 543 27.46 12.41 -5.41
N ALA C 544 27.57 13.35 -6.34
CA ALA C 544 26.80 13.28 -7.59
C ALA C 544 27.46 12.33 -8.59
N MET C 545 27.06 11.07 -8.56
CA MET C 545 27.61 10.07 -9.47
C MET C 545 26.52 9.17 -10.04
N PRO C 546 25.73 8.58 -9.15
CA PRO C 546 24.65 7.69 -9.56
C PRO C 546 24.63 7.06 -10.94
N TYR C 547 24.29 5.78 -10.93
CA TYR C 547 24.21 4.96 -12.11
C TYR C 547 23.00 4.34 -11.42
N PHE C 548 23.27 3.80 -10.23
CA PHE C 548 22.69 2.73 -9.45
C PHE C 548 21.47 3.19 -8.65
N ILE C 549 21.61 4.32 -7.95
CA ILE C 549 20.53 4.85 -7.12
C ILE C 549 19.22 4.91 -7.88
N GLN C 550 19.30 5.02 -9.20
CA GLN C 550 18.10 5.08 -10.03
C GLN C 550 17.75 3.69 -10.53
N VAL C 551 18.75 2.81 -10.57
CA VAL C 551 18.53 1.44 -10.99
C VAL C 551 17.50 0.87 -10.02
N MET C 552 17.61 1.31 -8.77
CA MET C 552 16.72 0.88 -7.71
C MET C 552 15.45 1.73 -7.72
N LYS C 553 15.53 2.91 -8.33
CA LYS C 553 14.38 3.81 -8.39
C LYS C 553 13.17 3.36 -9.21
N GLU C 554 13.34 3.20 -10.53
CA GLU C 554 12.25 2.63 -11.30
C GLU C 554 12.14 1.14 -11.03
N TYR C 555 13.11 0.60 -10.30
CA TYR C 555 13.08 -0.80 -9.92
C TYR C 555 11.98 -0.81 -8.89
N LEU C 556 12.04 0.18 -8.01
CA LEU C 556 11.06 0.38 -6.95
C LEU C 556 9.97 1.27 -7.54
N THR C 557 9.82 1.16 -8.85
CA THR C 557 8.82 1.92 -9.60
C THR C 557 8.25 0.95 -10.63
N LYS C 558 8.90 -0.20 -10.79
CA LYS C 558 8.46 -1.23 -11.72
C LYS C 558 7.81 -2.34 -10.92
N VAL C 559 8.41 -2.69 -9.79
CA VAL C 559 7.82 -3.73 -8.94
C VAL C 559 6.49 -3.11 -8.55
N ASP C 560 6.47 -1.78 -8.59
CA ASP C 560 5.29 -0.99 -8.28
C ASP C 560 4.34 -1.09 -9.47
N LYS C 561 4.90 -1.17 -10.67
CA LYS C 561 4.10 -1.35 -11.87
C LYS C 561 3.26 -2.61 -11.76
N LEU C 562 3.93 -3.75 -11.69
CA LEU C 562 3.27 -5.04 -11.60
C LEU C 562 2.34 -5.12 -10.39
N ASP C 563 2.71 -4.45 -9.32
CA ASP C 563 1.92 -4.47 -8.09
C ASP C 563 0.61 -3.75 -8.27
N ALA C 564 0.67 -2.55 -8.82
CA ALA C 564 -0.54 -1.80 -9.13
C ALA C 564 -1.36 -2.65 -10.09
N SER C 565 -0.65 -3.35 -10.96
CA SER C 565 -1.28 -4.23 -11.94
C SER C 565 -2.15 -5.28 -11.29
N GLU C 566 -1.59 -6.01 -10.31
CA GLU C 566 -2.34 -7.06 -9.63
C GLU C 566 -3.39 -6.47 -8.70
N SER C 567 -3.16 -5.25 -8.25
CA SER C 567 -4.14 -4.54 -7.46
C SER C 567 -5.38 -4.41 -8.33
N LEU C 568 -5.18 -3.92 -9.55
CA LEU C 568 -6.28 -3.78 -10.49
C LEU C 568 -6.83 -5.14 -10.87
N ARG C 569 -5.98 -6.15 -10.96
CA ARG C 569 -6.44 -7.51 -11.13
C ARG C 569 -7.62 -7.68 -10.17
N LYS C 570 -7.27 -7.69 -8.88
CA LYS C 570 -8.25 -7.80 -7.82
C LYS C 570 -9.48 -6.93 -8.10
N GLU C 571 -9.27 -5.61 -8.14
CA GLU C 571 -10.37 -4.67 -8.36
C GLU C 571 -11.33 -5.19 -9.44
N GLU C 572 -10.82 -5.29 -10.65
CA GLU C 572 -11.51 -5.85 -11.79
C GLU C 572 -12.32 -7.13 -11.67
N GLU C 573 -11.71 -8.18 -11.14
CA GLU C 573 -12.46 -9.39 -10.84
C GLU C 573 -13.58 -9.16 -9.81
N GLN C 574 -13.23 -8.54 -8.69
CA GLN C 574 -14.21 -8.20 -7.66
C GLN C 574 -15.43 -7.51 -8.27
N ALA C 575 -15.25 -6.25 -8.66
CA ALA C 575 -16.36 -5.50 -9.24
C ALA C 575 -17.19 -6.29 -10.24
N THR C 576 -16.51 -7.11 -11.04
CA THR C 576 -17.19 -8.03 -11.95
C THR C 576 -18.12 -9.09 -11.36
N GLU C 577 -17.53 -10.05 -10.66
CA GLU C 577 -18.29 -11.06 -9.93
C GLU C 577 -19.31 -10.49 -8.96
N THR C 578 -19.18 -9.21 -8.62
CA THR C 578 -20.10 -8.60 -7.68
C THR C 578 -20.53 -7.17 -8.01
N GLN C 579 -21.18 -6.99 -9.15
CA GLN C 579 -21.81 -5.70 -9.46
C GLN C 579 -23.33 -5.69 -9.21
N GLN D 91 -46.89 54.37 98.15
CA GLN D 91 -46.20 55.65 97.92
C GLN D 91 -46.64 56.70 98.94
N ALA D 92 -45.98 56.72 100.10
CA ALA D 92 -46.34 57.69 101.14
C ALA D 92 -45.54 59.00 101.03
N ASP D 93 -44.36 58.97 100.42
CA ASP D 93 -43.52 60.16 100.24
C ASP D 93 -42.60 60.11 98.97
N ARG D 94 -43.25 59.93 97.81
CA ARG D 94 -42.64 59.83 96.48
C ARG D 94 -41.60 60.95 96.35
N LEU D 95 -40.33 60.62 96.61
CA LEU D 95 -39.21 61.54 96.38
C LEU D 95 -37.82 60.87 96.48
N THR D 96 -37.33 60.52 97.66
CA THR D 96 -36.05 59.80 97.69
C THR D 96 -36.47 58.38 97.43
N GLN D 97 -37.82 58.23 97.41
CA GLN D 97 -38.58 56.98 97.21
C GLN D 97 -38.87 56.53 95.78
N GLU D 98 -38.50 57.40 94.84
CA GLU D 98 -38.69 57.25 93.40
C GLU D 98 -37.68 58.11 92.57
N PRO D 99 -37.71 59.46 92.70
CA PRO D 99 -36.76 60.27 91.93
C PRO D 99 -35.22 60.09 92.21
N GLU D 100 -34.86 59.05 92.97
CA GLU D 100 -33.46 58.71 93.28
C GLU D 100 -33.09 57.94 92.01
N SER D 101 -34.13 57.42 91.37
CA SER D 101 -34.00 56.68 90.13
C SER D 101 -33.43 57.60 89.07
N ILE D 102 -33.39 58.91 89.33
CA ILE D 102 -32.83 59.82 88.35
C ILE D 102 -31.31 59.74 88.46
N ARG D 103 -30.83 59.41 89.66
CA ARG D 103 -29.39 59.34 89.90
C ARG D 103 -28.73 58.14 89.25
N LYS D 104 -29.37 56.98 89.35
CA LYS D 104 -28.85 55.80 88.69
C LYS D 104 -28.95 56.13 87.21
N TRP D 105 -30.15 56.57 86.79
CA TRP D 105 -30.44 56.95 85.40
C TRP D 105 -29.56 58.12 84.92
N ARG D 106 -29.24 59.02 85.84
CA ARG D 106 -28.42 60.18 85.53
C ARG D 106 -27.00 59.83 85.08
N GLU D 107 -26.20 59.30 86.01
CA GLU D 107 -24.82 58.94 85.73
C GLU D 107 -24.64 57.80 84.69
N GLU D 108 -25.71 57.08 84.32
CA GLU D 108 -25.60 55.97 83.35
C GLU D 108 -25.71 56.47 81.90
N GLN D 109 -26.30 57.64 81.75
CA GLN D 109 -26.46 58.33 80.48
C GLN D 109 -25.13 58.97 80.07
N ARG D 110 -24.33 59.24 81.09
CA ARG D 110 -23.01 59.78 80.94
C ARG D 110 -22.07 58.58 80.96
N LYS D 111 -22.63 57.39 81.25
CA LYS D 111 -21.86 56.11 81.26
C LYS D 111 -22.18 55.62 79.85
N ARG D 112 -23.03 56.39 79.19
CA ARG D 112 -23.54 56.19 77.80
C ARG D 112 -22.67 56.70 76.62
N LEU D 113 -22.59 58.04 76.57
CA LEU D 113 -21.45 58.81 76.01
C LEU D 113 -20.37 57.78 75.61
N GLN D 114 -19.10 58.19 75.51
CA GLN D 114 -18.03 57.22 75.25
C GLN D 114 -18.08 56.49 73.93
N GLU D 115 -18.19 55.17 74.03
CA GLU D 115 -18.28 54.18 72.96
C GLU D 115 -18.55 54.86 71.64
N LEU D 116 -19.73 55.42 71.53
CA LEU D 116 -20.15 56.12 70.32
C LEU D 116 -19.07 57.08 69.90
N ASP D 117 -18.93 58.17 70.63
CA ASP D 117 -17.91 59.13 70.27
C ASP D 117 -16.54 58.48 70.16
N ALA D 118 -16.22 57.56 71.09
CA ALA D 118 -14.92 56.89 71.04
C ALA D 118 -14.75 56.21 69.69
N ALA D 119 -15.80 55.50 69.28
CA ALA D 119 -15.95 54.78 67.97
C ALA D 119 -15.34 55.31 66.67
N SER D 120 -15.90 56.45 66.21
CA SER D 120 -15.43 57.24 65.03
C SER D 120 -14.06 57.92 65.22
N LYS D 121 -13.84 58.53 66.40
CA LYS D 121 -12.58 59.21 66.75
C LYS D 121 -11.44 58.29 66.37
N VAL D 122 -11.48 57.13 67.04
CA VAL D 122 -10.52 56.07 66.89
C VAL D 122 -10.74 55.39 65.52
N MET D 123 -11.99 55.19 65.11
CA MET D 123 -12.26 54.54 63.84
C MET D 123 -11.66 55.33 62.66
N GLU D 124 -11.54 56.64 62.89
CA GLU D 124 -10.95 57.65 61.99
C GLU D 124 -9.44 57.41 61.78
N GLN D 125 -8.68 57.64 62.84
CA GLN D 125 -7.23 57.45 62.86
C GLN D 125 -6.82 56.05 62.42
N GLU D 126 -7.79 55.16 62.41
CA GLU D 126 -7.55 53.77 62.04
C GLU D 126 -7.73 53.47 60.57
N TRP D 127 -8.98 53.41 60.13
CA TRP D 127 -9.25 53.09 58.74
C TRP D 127 -8.37 53.88 57.78
N ARG D 128 -7.94 55.05 58.21
CA ARG D 128 -7.11 55.88 57.35
C ARG D 128 -5.72 55.27 57.31
N GLU D 129 -5.25 54.80 58.46
CA GLU D 129 -3.95 54.16 58.55
C GLU D 129 -4.01 52.94 57.63
N LYS D 130 -5.24 52.51 57.37
CA LYS D 130 -5.50 51.36 56.50
C LYS D 130 -5.31 51.82 55.07
N ALA D 131 -5.91 52.96 54.76
CA ALA D 131 -5.81 53.54 53.43
C ALA D 131 -4.34 53.67 53.04
N LYS D 132 -3.46 53.91 54.02
CA LYS D 132 -2.02 54.03 53.70
C LYS D 132 -1.43 52.61 53.64
N LYS D 133 -2.04 51.69 54.37
CA LYS D 133 -1.66 50.28 54.39
C LYS D 133 -1.64 49.86 52.92
N ASP D 134 -2.80 49.97 52.30
CA ASP D 134 -2.95 49.61 50.89
C ASP D 134 -2.10 50.51 50.02
N LEU D 135 -2.03 51.80 50.36
CA LEU D 135 -1.26 52.75 49.56
C LEU D 135 0.17 52.25 49.43
N GLU D 136 0.83 51.99 50.56
CA GLU D 136 2.19 51.52 50.49
C GLU D 136 2.24 50.16 49.80
N GLU D 137 1.09 49.50 49.75
CA GLU D 137 0.99 48.19 49.10
C GLU D 137 1.02 48.34 47.58
N TRP D 138 0.79 49.57 47.11
CA TRP D 138 0.80 49.84 45.67
C TRP D 138 2.19 50.30 45.23
N ASN D 139 2.89 51.00 46.11
CA ASN D 139 4.24 51.50 45.81
C ASN D 139 5.32 50.44 45.72
N GLN D 140 5.66 49.84 46.87
CA GLN D 140 6.63 48.76 46.91
C GLN D 140 6.38 47.77 45.77
N ARG D 141 5.18 47.21 45.72
CA ARG D 141 4.81 46.27 44.67
C ARG D 141 5.13 46.81 43.26
N GLN D 142 4.73 48.04 42.93
CA GLN D 142 5.04 48.58 41.61
C GLN D 142 6.54 48.42 41.38
N SER D 143 7.33 49.03 42.25
CA SER D 143 8.81 48.97 42.22
C SER D 143 9.64 47.75 41.78
N GLU D 144 9.56 46.70 42.61
CA GLU D 144 10.18 45.41 42.33
C GLU D 144 9.62 44.70 41.10
N GLN D 145 8.30 44.66 40.93
CA GLN D 145 7.71 44.00 39.77
C GLN D 145 8.14 44.75 38.50
N VAL D 146 7.88 46.05 38.40
CA VAL D 146 8.32 46.79 37.22
C VAL D 146 9.82 46.61 37.14
N GLU D 147 10.43 46.32 38.28
CA GLU D 147 11.87 46.13 38.25
C GLU D 147 12.19 44.78 37.69
N LYS D 148 11.40 43.80 38.09
CA LYS D 148 11.55 42.44 37.62
C LYS D 148 11.22 42.47 36.12
N ASN D 149 10.33 43.41 35.80
CA ASN D 149 9.86 43.68 34.44
C ASN D 149 11.05 43.81 33.47
N LYS D 150 11.80 44.92 33.54
CA LYS D 150 12.97 45.19 32.69
C LYS D 150 14.02 44.04 32.63
N ILE D 151 14.23 43.32 33.74
CA ILE D 151 15.20 42.20 33.81
C ILE D 151 15.10 41.34 32.57
N ASN D 152 13.89 41.12 32.10
CA ASN D 152 13.74 40.36 30.90
C ASN D 152 14.07 41.39 29.82
N ASN D 153 14.45 40.91 28.65
CA ASN D 153 14.86 41.81 27.60
C ASN D 153 16.21 42.25 28.13
N ARG D 154 16.83 41.40 28.96
CA ARG D 154 18.12 41.74 29.56
C ARG D 154 19.21 40.67 29.69
N ILE D 155 18.86 39.40 29.58
CA ILE D 155 19.83 38.31 29.73
C ILE D 155 20.27 37.68 28.41
N ALA D 156 20.65 38.56 27.48
CA ALA D 156 21.03 38.25 26.12
C ALA D 156 19.59 38.47 25.48
N ASP D 157 19.19 39.77 25.41
CA ASP D 157 17.95 40.48 24.85
C ASP D 157 16.68 39.78 24.23
N LYS D 158 15.85 39.18 25.09
CA LYS D 158 14.61 38.47 24.71
C LYS D 158 14.73 37.62 23.44
N ALA D 159 15.88 37.02 23.17
CA ALA D 159 16.04 36.22 21.96
C ALA D 159 16.33 34.74 22.21
N PHE D 160 16.78 34.38 23.42
CA PHE D 160 17.13 33.02 23.83
C PHE D 160 17.43 33.17 25.33
N TYR D 161 16.86 34.22 25.90
CA TYR D 161 16.99 34.47 27.34
C TYR D 161 15.61 34.35 27.99
N GLN D 162 14.80 35.38 27.80
CA GLN D 162 13.43 35.39 28.32
C GLN D 162 12.63 34.28 27.64
N GLN D 163 12.92 34.06 26.36
CA GLN D 163 12.27 33.00 25.60
C GLN D 163 12.60 31.64 26.20
N PRO D 164 13.86 31.45 26.55
CA PRO D 164 14.31 30.21 27.17
C PRO D 164 13.63 30.05 28.53
N ASP D 165 13.49 31.16 29.25
CA ASP D 165 12.81 31.14 30.54
C ASP D 165 11.37 30.67 30.39
N ALA D 166 10.71 31.16 29.34
CA ALA D 166 9.34 30.79 29.06
C ALA D 166 9.24 29.31 28.69
N ASP D 167 10.22 28.84 27.90
CA ASP D 167 10.26 27.44 27.49
C ASP D 167 10.49 26.54 28.70
N ILE D 168 11.15 27.08 29.73
CA ILE D 168 11.41 26.32 30.95
C ILE D 168 10.20 26.34 31.87
N ILE D 169 9.44 27.44 31.83
CA ILE D 169 8.25 27.56 32.67
C ILE D 169 7.00 27.10 31.91
N UNK D 172 5.99 17.65 21.76
CA UNK D 172 7.30 17.98 21.23
C UNK D 172 8.41 17.45 22.12
N UNK D 173 8.53 18.01 23.32
CA UNK D 173 9.56 17.60 24.27
C UNK D 173 10.95 18.02 23.81
N UNK D 174 11.69 17.10 23.22
CA UNK D 174 13.00 17.53 22.81
C UNK D 174 14.02 16.63 22.15
N UNK D 175 13.59 15.73 21.26
CA UNK D 175 12.30 15.89 20.61
C UNK D 175 12.20 17.34 20.23
N UNK D 176 11.50 18.11 21.05
CA UNK D 176 11.45 19.56 20.90
C UNK D 176 12.85 20.16 21.10
N UNK D 177 13.63 19.60 22.02
CA UNK D 177 15.01 20.05 22.22
C UNK D 177 15.78 19.80 20.91
N UNK D 178 15.62 18.61 20.35
CA UNK D 178 16.30 18.25 19.11
C UNK D 178 15.89 19.20 17.99
N UNK D 179 14.64 19.65 18.04
CA UNK D 179 14.13 20.60 17.07
C UNK D 179 14.84 21.95 17.22
N UNK D 180 14.81 22.50 18.43
CA UNK D 180 15.45 23.79 18.70
C UNK D 180 16.97 23.66 18.64
N UNK D 181 17.37 22.41 18.26
CA UNK D 181 18.75 21.79 18.05
C UNK D 181 19.19 21.96 16.56
N UNK D 182 18.34 21.43 15.68
CA UNK D 182 18.38 21.92 14.30
C UNK D 182 18.67 23.37 14.74
N UNK D 183 18.00 23.67 15.84
CA UNK D 183 18.45 24.67 16.81
C UNK D 183 19.06 25.89 16.46
N UNK D 184 20.18 25.99 17.14
CA UNK D 184 21.16 27.02 16.90
C UNK D 184 21.44 27.00 15.39
N UNK D 185 21.94 28.13 14.88
CA UNK D 185 22.10 28.31 13.44
C UNK D 185 22.66 29.68 13.12
N UNK D 186 23.88 29.95 13.58
CA UNK D 186 24.49 31.27 13.35
C UNK D 186 25.26 31.56 12.07
N UNK D 187 26.48 32.08 12.24
CA UNK D 187 27.41 32.31 11.12
C UNK D 187 26.98 31.63 9.82
N UNK D 188 26.64 30.34 9.92
CA UNK D 188 26.14 29.59 8.76
C UNK D 188 25.32 28.38 9.21
N UNK D 189 24.10 28.63 9.65
CA UNK D 189 23.21 27.56 10.11
C UNK D 189 23.67 27.00 11.45
N UNK D 190 24.91 27.29 11.81
CA UNK D 190 25.48 26.82 13.07
C UNK D 190 24.68 25.64 13.63
N UNK D 191 24.95 24.45 13.08
CA UNK D 191 24.26 23.24 13.52
C UNK D 191 24.86 22.00 12.86
N UNK D 192 24.32 21.61 11.71
CA UNK D 192 24.80 20.44 10.99
C UNK D 192 26.32 20.41 10.94
N UNK D 193 26.94 19.76 11.93
CA UNK D 193 28.34 19.64 11.93
C UNK D 193 28.35 18.25 12.60
N UNK D 194 27.66 18.14 13.72
CA UNK D 194 27.73 16.99 14.61
C UNK D 194 26.42 16.74 15.32
N UNK D 195 26.25 17.30 16.52
CA UNK D 195 25.02 17.13 17.28
C UNK D 195 23.79 17.39 16.42
N UNK D 196 23.73 18.59 15.84
CA UNK D 196 22.60 18.97 14.97
C UNK D 196 22.16 17.93 13.96
N UNK D 197 22.99 17.72 12.94
CA UNK D 197 22.73 16.68 11.94
C UNK D 197 22.35 15.36 12.62
N UNK D 198 23.18 14.90 13.54
CA UNK D 198 22.93 13.65 14.28
C UNK D 198 21.51 13.45 14.82
N UNK D 199 21.15 14.28 15.81
CA UNK D 199 19.80 14.27 16.34
C UNK D 199 18.76 14.38 15.22
N UNK D 200 18.94 15.38 14.35
CA UNK D 200 18.03 15.59 13.22
C UNK D 200 17.65 14.33 12.46
N UNK D 201 18.64 13.75 11.78
CA UNK D 201 18.43 12.50 11.05
C UNK D 201 17.85 11.44 11.97
N UNK D 202 18.49 11.23 13.12
CA UNK D 202 18.02 10.23 14.07
C UNK D 202 16.51 10.27 14.22
N UNK D 203 15.99 11.36 14.77
CA UNK D 203 14.56 11.52 14.97
C UNK D 203 13.80 11.35 13.66
N UNK D 204 14.14 12.17 12.66
CA UNK D 204 13.49 12.10 11.36
C UNK D 204 13.18 10.67 10.96
N UNK D 205 14.15 9.78 11.17
CA UNK D 205 13.99 8.36 10.83
C UNK D 205 12.94 8.19 9.68
N ILE E 89 77.45 -83.68 31.82
CA ILE E 89 77.66 -82.25 32.07
C ILE E 89 78.86 -81.73 31.27
N ALA E 90 79.99 -82.38 31.42
CA ALA E 90 80.11 -83.55 32.30
C ALA E 90 81.24 -83.38 33.30
N GLN E 91 82.40 -82.96 32.81
CA GLN E 91 82.57 -82.67 31.39
C GLN E 91 83.94 -83.09 30.89
N ALA E 92 84.08 -83.21 29.56
CA ALA E 92 85.41 -83.58 29.01
C ALA E 92 86.01 -83.56 27.58
N ASP E 93 85.65 -82.51 26.86
CA ASP E 93 85.66 -82.36 25.36
C ASP E 93 86.78 -81.75 24.60
N ARG E 94 86.84 -80.42 24.62
CA ARG E 94 88.01 -79.65 24.10
C ARG E 94 88.41 -79.59 22.61
N LEU E 95 89.26 -80.54 22.17
CA LEU E 95 89.64 -80.65 20.77
C LEU E 95 88.38 -80.61 19.81
N THR E 96 87.15 -80.22 20.27
CA THR E 96 85.93 -80.12 19.38
C THR E 96 85.15 -78.93 19.85
N GLN E 97 85.38 -78.63 21.14
CA GLN E 97 84.80 -77.51 21.93
C GLN E 97 85.48 -76.14 21.82
N GLU E 98 86.69 -76.17 21.27
CA GLU E 98 87.59 -75.04 21.08
C GLU E 98 88.05 -74.87 19.60
N PRO E 99 88.12 -75.97 18.81
CA PRO E 99 88.54 -75.80 17.40
C PRO E 99 87.63 -74.96 16.44
N GLU E 100 86.30 -75.13 16.57
CA GLU E 100 85.31 -74.36 15.80
C GLU E 100 85.12 -73.14 16.71
N SER E 101 85.27 -73.38 18.01
CA SER E 101 85.11 -72.31 19.00
C SER E 101 85.93 -71.08 18.63
N ILE E 102 87.23 -71.28 18.45
CA ILE E 102 88.14 -70.19 18.08
C ILE E 102 87.69 -69.54 16.78
N ARG E 103 87.07 -70.33 15.90
CA ARG E 103 86.59 -69.82 14.62
C ARG E 103 85.63 -68.64 14.74
N LYS E 104 84.43 -68.89 15.24
CA LYS E 104 83.41 -67.85 15.47
C LYS E 104 83.78 -66.49 16.07
N TRP E 105 84.34 -66.52 17.28
CA TRP E 105 84.87 -65.31 17.93
C TRP E 105 85.83 -64.54 17.01
N ARG E 106 86.96 -65.15 16.66
CA ARG E 106 87.96 -64.48 15.83
C ARG E 106 87.39 -64.00 14.51
N GLU E 107 87.00 -64.92 13.63
CA GLU E 107 86.45 -64.56 12.33
C GLU E 107 85.12 -63.82 12.37
N GLU E 108 84.77 -63.29 13.55
CA GLU E 108 83.47 -62.67 13.77
C GLU E 108 83.60 -61.30 14.43
N GLN E 109 84.75 -61.06 15.07
CA GLN E 109 85.00 -59.80 15.74
C GLN E 109 85.65 -58.78 14.81
N ARG E 110 85.94 -59.21 13.59
CA ARG E 110 86.57 -58.36 12.60
C ARG E 110 85.63 -58.39 11.38
N LYS E 111 84.61 -59.25 11.43
CA LYS E 111 83.59 -59.35 10.35
C LYS E 111 82.51 -58.45 10.95
N ARG E 112 82.79 -58.01 12.17
CA ARG E 112 81.96 -57.11 12.94
C ARG E 112 82.57 -55.85 12.33
N LEU E 113 83.20 -55.00 13.13
CA LEU E 113 83.91 -53.88 12.49
C LEU E 113 82.95 -53.39 11.36
N GLN E 114 83.46 -52.66 10.37
CA GLN E 114 82.65 -52.32 9.21
C GLN E 114 81.43 -51.44 9.46
N GLU E 115 80.28 -52.01 9.11
CA GLU E 115 78.94 -51.45 9.25
C GLU E 115 78.94 -50.22 10.11
N LEU E 116 79.23 -50.44 11.40
CA LEU E 116 79.28 -49.36 12.37
C LEU E 116 80.13 -48.25 11.82
N ASP E 117 81.44 -48.45 11.79
CA ASP E 117 82.30 -47.40 11.28
C ASP E 117 81.87 -46.96 9.89
N ALA E 118 81.49 -47.91 9.03
CA ALA E 118 81.07 -47.55 7.67
C ALA E 118 79.92 -46.54 7.75
N ALA E 119 78.95 -46.87 8.61
CA ALA E 119 77.73 -46.06 8.96
C ALA E 119 77.76 -44.54 8.99
N SER E 120 78.51 -43.99 9.98
CA SER E 120 78.78 -42.55 10.19
C SER E 120 79.68 -41.91 9.10
N LYS E 121 80.75 -42.62 8.71
CA LYS E 121 81.71 -42.16 7.68
C LYS E 121 80.90 -41.68 6.49
N VAL E 122 80.14 -42.64 5.96
CA VAL E 122 79.26 -42.46 4.82
C VAL E 122 78.06 -41.62 5.26
N MET E 123 77.52 -41.85 6.45
CA MET E 123 76.36 -41.09 6.91
C MET E 123 76.67 -39.59 7.00
N GLU E 124 77.94 -39.30 7.21
CA GLU E 124 78.58 -37.97 7.26
C GLU E 124 78.50 -37.24 5.90
N GLN E 125 79.26 -37.76 4.95
CA GLN E 125 79.33 -37.23 3.58
C GLN E 125 77.95 -37.13 2.95
N GLU E 126 76.99 -37.84 3.56
CA GLU E 126 75.64 -37.86 3.04
C GLU E 126 74.72 -36.78 3.58
N TRP E 127 74.29 -36.95 4.83
CA TRP E 127 73.39 -35.99 5.43
C TRP E 127 73.82 -34.56 5.18
N ARG E 128 75.12 -34.35 5.03
CA ARG E 128 75.62 -33.01 4.80
C ARG E 128 75.28 -32.59 3.38
N GLU E 129 75.42 -33.53 2.44
CA GLU E 129 75.07 -33.28 1.05
C GLU E 129 73.59 -32.93 1.04
N LYS E 130 72.91 -33.36 2.10
CA LYS E 130 71.48 -33.10 2.26
C LYS E 130 71.31 -31.65 2.69
N ALA E 131 72.11 -31.27 3.68
CA ALA E 131 72.09 -29.92 4.19
C ALA E 131 72.26 -28.92 3.04
N LYS E 132 73.03 -29.30 2.01
CA LYS E 132 73.22 -28.41 0.87
C LYS E 132 72.02 -28.56 -0.08
N LYS E 133 71.41 -29.75 -0.05
CA LYS E 133 70.21 -30.06 -0.83
C LYS E 133 69.23 -28.95 -0.49
N ASP E 134 68.89 -28.87 0.78
CA ASP E 134 67.96 -27.85 1.25
C ASP E 134 68.52 -26.46 1.05
N LEU E 135 69.82 -26.30 1.27
CA LEU E 135 70.46 -25.00 1.13
C LEU E 135 70.17 -24.45 -0.27
N GLU E 136 70.51 -25.22 -1.29
CA GLU E 136 70.27 -24.74 -2.65
C GLU E 136 68.78 -24.58 -2.86
N GLU E 137 68.00 -25.24 -2.02
CA GLU E 137 66.56 -25.11 -2.04
C GLU E 137 66.39 -23.59 -1.88
N TRP E 138 66.72 -23.09 -0.67
CA TRP E 138 66.68 -21.66 -0.30
C TRP E 138 67.06 -20.76 -1.49
N ASN E 139 68.31 -20.86 -1.93
CA ASN E 139 68.90 -20.07 -3.05
C ASN E 139 68.14 -19.78 -4.33
N GLN E 140 67.82 -20.86 -5.05
CA GLN E 140 66.98 -20.81 -6.24
C GLN E 140 65.64 -20.17 -5.91
N ARG E 141 64.88 -20.87 -5.08
CA ARG E 141 63.55 -20.44 -4.70
C ARG E 141 63.48 -18.94 -4.36
N GLN E 142 64.39 -18.42 -3.53
CA GLN E 142 64.36 -16.99 -3.20
C GLN E 142 64.35 -16.23 -4.52
N SER E 143 65.38 -16.43 -5.33
CA SER E 143 65.54 -15.81 -6.67
C SER E 143 64.37 -15.50 -7.61
N GLU E 144 63.80 -16.58 -8.17
CA GLU E 144 62.62 -16.51 -9.02
C GLU E 144 61.37 -15.92 -8.33
N GLN E 145 61.07 -16.34 -7.11
CA GLN E 145 59.90 -15.82 -6.40
C GLN E 145 60.11 -14.32 -6.16
N VAL E 146 61.18 -13.92 -5.48
CA VAL E 146 61.42 -12.49 -5.27
C VAL E 146 61.45 -11.86 -6.65
N GLU E 147 61.76 -12.67 -7.66
CA GLU E 147 61.81 -12.11 -8.99
C GLU E 147 60.41 -11.94 -9.51
N LYS E 148 59.58 -12.93 -9.23
CA LYS E 148 58.19 -12.91 -9.62
C LYS E 148 57.55 -11.77 -8.83
N ASN E 149 58.10 -11.56 -7.64
CA ASN E 149 57.71 -10.51 -6.70
C ASN E 149 57.60 -9.13 -7.41
N LYS E 150 58.74 -8.52 -7.77
CA LYS E 150 58.81 -7.23 -8.47
C LYS E 150 57.91 -7.11 -9.73
N ILE E 151 57.76 -8.21 -10.49
CA ILE E 151 56.94 -8.24 -11.73
C ILE E 151 55.63 -7.51 -11.51
N ASN E 152 55.06 -7.69 -10.33
CA ASN E 152 53.86 -6.97 -10.04
C ASN E 152 54.37 -5.59 -9.67
N ASN E 153 53.51 -4.59 -9.79
CA ASN E 153 53.94 -3.23 -9.54
C ASN E 153 54.76 -2.98 -10.79
N ARG E 154 54.44 -3.70 -11.86
CA ARG E 154 55.20 -3.56 -13.10
C ARG E 154 54.47 -3.57 -14.46
N ILE E 155 53.22 -4.04 -14.49
CA ILE E 155 52.47 -4.11 -15.75
C ILE E 155 51.41 -3.02 -15.91
N ALA E 156 51.87 -1.79 -15.68
CA ALA E 156 51.08 -0.59 -15.67
C ALA E 156 50.78 -0.55 -14.13
N UNK E 170 22.82 -10.48 -10.09
CA UNK E 170 23.74 -9.80 -9.19
C UNK E 170 25.20 -10.08 -9.57
N UNK E 171 25.63 -11.31 -9.34
CA UNK E 171 26.99 -11.70 -9.66
C UNK E 171 27.52 -10.95 -10.89
N UNK E 172 26.80 -11.08 -11.99
CA UNK E 172 27.20 -10.42 -13.23
C UNK E 172 27.44 -8.92 -13.00
N UNK E 173 26.43 -8.24 -12.47
CA UNK E 173 26.52 -6.81 -12.19
C UNK E 173 27.80 -6.49 -11.41
N UNK E 174 27.99 -7.19 -10.29
CA UNK E 174 29.17 -6.98 -9.46
C UNK E 174 30.45 -7.10 -10.27
N UNK E 175 30.63 -8.25 -10.92
CA UNK E 175 31.81 -8.50 -11.74
C UNK E 175 32.06 -7.32 -12.70
N UNK E 176 31.02 -6.93 -13.42
CA UNK E 176 31.12 -5.82 -14.36
C UNK E 176 31.64 -4.56 -13.67
N UNK E 177 30.88 -4.09 -12.69
CA UNK E 177 31.27 -2.88 -11.95
C UNK E 177 32.74 -2.95 -11.53
N UNK E 178 33.16 -4.11 -11.06
CA UNK E 178 34.55 -4.30 -10.64
C UNK E 178 35.51 -4.10 -11.80
N UNK E 179 35.46 -5.00 -12.78
CA UNK E 179 36.32 -4.91 -13.95
C UNK E 179 36.10 -3.60 -14.70
N UNK E 180 35.29 -2.73 -14.12
CA UNK E 180 35.00 -1.44 -14.72
C UNK E 180 35.73 -0.31 -14.01
N UNK E 181 35.51 -0.19 -12.71
CA UNK E 181 36.16 0.85 -11.90
C UNK E 181 36.69 1.97 -12.79
N UNK E 182 37.95 2.35 -12.57
CA UNK E 182 38.58 3.40 -13.36
C UNK E 182 37.69 4.60 -13.71
N UNK E 183 36.47 4.64 -13.19
CA UNK E 183 35.56 5.73 -13.47
C UNK E 183 36.20 7.09 -13.18
N UNK E 184 36.28 7.46 -11.92
CA UNK E 184 36.85 8.76 -11.56
C UNK E 184 38.23 9.01 -12.14
N UNK E 185 39.03 7.96 -12.25
CA UNK E 185 40.38 8.07 -12.79
C UNK E 185 40.45 9.15 -13.85
N UNK E 186 39.35 9.39 -14.55
CA UNK E 186 39.29 10.40 -15.59
C UNK E 186 37.86 10.61 -16.08
N UNK E 187 36.89 10.18 -15.27
CA UNK E 187 35.48 10.31 -15.61
C UNK E 187 35.09 9.38 -16.75
N UNK E 188 35.65 8.17 -16.73
CA UNK E 188 35.37 7.17 -17.76
C UNK E 188 33.87 7.00 -17.98
N UNK E 189 33.09 7.28 -16.94
CA UNK E 189 31.64 7.17 -17.02
C UNK E 189 31.04 8.32 -17.83
N UNK E 190 31.91 9.10 -18.46
CA UNK E 190 31.48 10.25 -19.28
C UNK E 190 31.82 9.89 -20.72
N UNK E 191 33.12 9.70 -20.96
CA UNK E 191 33.63 9.14 -22.23
C UNK E 191 32.71 8.00 -22.69
N UNK E 192 32.38 7.12 -21.75
CA UNK E 192 31.43 6.05 -22.01
C UNK E 192 31.60 4.91 -21.03
N UNK E 193 32.58 4.05 -21.31
CA UNK E 193 32.85 2.90 -20.45
C UNK E 193 32.07 2.98 -19.16
N UNK E 194 32.72 3.41 -18.09
CA UNK E 194 32.09 3.58 -16.74
C UNK E 194 30.62 3.87 -16.53
N UNK E 195 30.22 5.05 -17.00
CA UNK E 195 28.80 5.48 -17.12
C UNK E 195 27.84 4.54 -17.88
N UNK E 196 28.16 4.28 -19.14
CA UNK E 196 27.44 3.29 -19.98
C UNK E 196 27.26 1.88 -19.41
N UNK E 197 28.39 1.17 -19.27
CA UNK E 197 28.41 -0.14 -18.62
C UNK E 197 27.61 -0.17 -17.30
N UNK E 198 28.06 0.62 -16.33
CA UNK E 198 27.36 0.73 -15.04
C UNK E 198 25.84 0.92 -15.06
N UNK E 199 25.42 2.09 -15.56
CA UNK E 199 24.01 2.37 -15.76
C UNK E 199 23.30 1.16 -16.39
N UNK E 200 23.73 0.79 -17.59
CA UNK E 200 23.15 -0.37 -18.30
C UNK E 200 22.96 -1.66 -17.54
N UNK E 201 24.08 -2.31 -17.22
CA UNK E 201 24.07 -3.51 -16.38
C UNK E 201 24.10 -3.11 -14.89
N UNK E 202 23.21 -2.20 -14.51
CA UNK E 202 23.13 -1.83 -13.16
C UNK E 202 21.61 -1.61 -12.89
N UNK E 203 20.95 -1.00 -13.87
CA UNK E 203 19.60 -0.47 -13.71
C UNK E 203 19.42 -0.83 -12.00
N GLN F 91 -51.34 17.49 -118.89
CA GLN F 91 -52.36 17.85 -117.90
C GLN F 91 -53.28 18.95 -118.43
N ALA F 92 -54.33 19.26 -117.69
CA ALA F 92 -55.28 20.29 -118.10
C ALA F 92 -55.61 21.30 -117.00
N ASP F 93 -55.11 21.07 -115.78
CA ASP F 93 -55.34 21.97 -114.65
C ASP F 93 -54.28 21.84 -113.51
N ARG F 94 -53.37 20.87 -113.68
CA ARG F 94 -52.26 20.50 -112.78
C ARG F 94 -51.09 21.48 -112.65
N LEU F 95 -50.91 22.34 -113.65
CA LEU F 95 -49.81 23.31 -113.66
C LEU F 95 -50.25 24.78 -113.54
N THR F 96 -51.53 25.10 -113.40
CA THR F 96 -51.88 26.52 -113.19
C THR F 96 -52.08 26.56 -111.69
N GLN F 97 -52.24 25.33 -111.15
CA GLN F 97 -52.49 25.02 -109.72
C GLN F 97 -51.43 25.42 -108.69
N GLU F 98 -50.19 25.09 -109.03
CA GLU F 98 -48.99 25.29 -108.24
C GLU F 98 -48.17 26.55 -108.68
N PRO F 99 -47.97 26.76 -110.00
CA PRO F 99 -47.21 27.96 -110.42
C PRO F 99 -47.81 29.37 -110.10
N GLU F 100 -48.57 29.48 -109.00
CA GLU F 100 -49.12 30.75 -108.52
C GLU F 100 -49.33 30.53 -107.03
N SER F 101 -48.55 29.56 -106.53
CA SER F 101 -48.66 29.06 -105.17
C SER F 101 -47.45 28.20 -104.86
N ILE F 102 -46.54 28.04 -105.81
CA ILE F 102 -45.34 27.25 -105.54
C ILE F 102 -44.34 28.16 -104.85
N ARG F 103 -44.26 29.40 -105.30
CA ARG F 103 -43.30 30.35 -104.75
C ARG F 103 -43.33 30.43 -103.23
N LYS F 104 -44.30 29.75 -102.63
CA LYS F 104 -44.37 29.69 -101.18
C LYS F 104 -43.11 28.92 -100.80
N TRP F 105 -42.93 27.75 -101.43
CA TRP F 105 -41.76 26.87 -101.20
C TRP F 105 -40.43 27.55 -101.55
N ARG F 106 -40.46 28.41 -102.56
CA ARG F 106 -39.28 29.13 -102.99
C ARG F 106 -38.70 30.07 -101.94
N GLU F 107 -39.45 31.13 -101.62
CA GLU F 107 -39.01 32.13 -100.65
C GLU F 107 -38.87 31.60 -99.19
N GLU F 108 -39.37 30.39 -98.89
CA GLU F 108 -39.29 29.83 -97.52
C GLU F 108 -37.95 29.10 -97.29
N GLN F 109 -37.34 28.69 -98.39
CA GLN F 109 -36.05 28.02 -98.41
C GLN F 109 -34.94 29.05 -98.19
N ARG F 110 -35.26 30.28 -98.54
CA ARG F 110 -34.40 31.43 -98.36
C ARG F 110 -34.84 32.06 -97.04
N LYS F 111 -35.94 31.55 -96.46
CA LYS F 111 -36.46 32.02 -95.15
C LYS F 111 -35.81 30.97 -94.23
N ARG F 112 -35.16 30.02 -94.90
CA ARG F 112 -34.44 28.94 -94.27
C ARG F 112 -33.16 29.74 -94.13
N LEU F 113 -32.06 29.32 -94.75
CA LEU F 113 -30.89 30.19 -94.71
C LEU F 113 -30.84 30.73 -93.25
N GLN F 114 -30.12 31.83 -93.02
CA GLN F 114 -30.16 32.47 -91.70
C GLN F 114 -29.63 31.67 -90.54
N GLU F 115 -30.54 31.43 -89.58
CA GLU F 115 -30.36 30.68 -88.35
C GLU F 115 -29.08 29.89 -88.37
N LEU F 116 -29.05 28.90 -89.27
CA LEU F 116 -27.88 28.05 -89.41
C LEU F 116 -26.65 28.91 -89.54
N ASP F 117 -26.49 29.55 -90.69
CA ASP F 117 -25.32 30.39 -90.86
C ASP F 117 -25.20 31.41 -89.72
N ALA F 118 -26.31 32.01 -89.31
CA ALA F 118 -26.26 33.00 -88.23
C ALA F 118 -25.61 32.37 -87.00
N ALA F 119 -26.08 31.16 -86.67
CA ALA F 119 -25.60 30.28 -85.57
C ALA F 119 -24.14 30.25 -85.15
N SER F 120 -23.29 29.70 -86.04
CA SER F 120 -21.81 29.62 -85.94
C SER F 120 -21.10 30.99 -86.01
N LYS F 121 -21.53 31.85 -86.94
CA LYS F 121 -20.96 33.20 -87.13
C LYS F 121 -20.87 33.86 -85.76
N VAL F 122 -22.06 33.98 -85.17
CA VAL F 122 -22.28 34.57 -83.87
C VAL F 122 -21.76 33.60 -82.80
N MET F 123 -21.98 32.31 -82.97
CA MET F 123 -21.52 31.33 -81.98
C MET F 123 -19.99 31.39 -81.81
N GLU F 124 -19.33 31.79 -82.89
CA GLU F 124 -17.88 32.02 -83.06
C GLU F 124 -17.32 33.17 -82.18
N GLN F 125 -17.79 34.37 -82.50
CA GLN F 125 -17.44 35.61 -81.78
C GLN F 125 -17.82 35.51 -80.31
N GLU F 126 -18.67 34.55 -79.99
CA GLU F 126 -19.14 34.37 -78.62
C GLU F 126 -18.30 33.43 -77.78
N TRP F 127 -18.42 32.13 -78.03
CA TRP F 127 -17.67 31.17 -77.26
C TRP F 127 -16.22 31.57 -77.08
N ARG F 128 -15.69 32.31 -78.03
CA ARG F 128 -14.30 32.72 -77.94
C ARG F 128 -14.18 33.81 -76.88
N GLU F 129 -15.15 34.71 -76.86
CA GLU F 129 -15.19 35.77 -75.86
C GLU F 129 -15.26 35.08 -74.50
N LYS F 130 -15.73 33.84 -74.54
CA LYS F 130 -15.86 33.00 -73.35
C LYS F 130 -14.47 32.52 -72.96
N ALA F 131 -13.75 32.02 -73.96
CA ALA F 131 -12.41 31.54 -73.76
C ALA F 131 -11.57 32.62 -73.09
N LYS F 132 -11.85 33.89 -73.37
CA LYS F 132 -11.08 34.99 -72.74
C LYS F 132 -11.69 35.25 -71.35
N LYS F 133 -12.98 34.95 -71.21
CA LYS F 133 -13.71 35.09 -69.94
C LYS F 133 -12.89 34.30 -68.94
N ASP F 134 -12.73 33.02 -69.21
CA ASP F 134 -11.97 32.14 -68.33
C ASP F 134 -10.51 32.58 -68.29
N LEU F 135 -9.97 32.98 -69.44
CA LEU F 135 -8.57 33.39 -69.50
C LEU F 135 -8.31 34.48 -68.47
N GLU F 136 -9.08 35.55 -68.52
CA GLU F 136 -8.87 36.63 -67.56
C GLU F 136 -9.16 36.12 -66.16
N GLU F 137 -9.88 35.01 -66.09
CA GLU F 137 -10.16 34.35 -64.83
C GLU F 137 -8.74 34.10 -64.31
N TRP F 138 -8.02 33.18 -64.97
CA TRP F 138 -6.63 32.81 -64.68
C TRP F 138 -5.81 34.03 -64.18
N ASN F 139 -5.62 35.00 -65.05
CA ASN F 139 -4.85 36.26 -64.80
C ASN F 139 -4.94 37.05 -63.51
N GLN F 140 -6.15 37.52 -63.23
CA GLN F 140 -6.49 38.18 -61.97
C GLN F 140 -6.21 37.25 -60.80
N ARG F 141 -6.98 36.17 -60.75
CA ARG F 141 -6.89 35.19 -59.69
C ARG F 141 -5.44 34.85 -59.32
N GLN F 142 -4.59 34.52 -60.30
CA GLN F 142 -3.19 34.20 -59.99
C GLN F 142 -2.64 35.36 -59.15
N SER F 143 -2.65 36.55 -59.71
CA SER F 143 -2.19 37.80 -59.04
C SER F 143 -2.33 38.10 -57.55
N GLU F 144 -3.58 38.30 -57.14
CA GLU F 144 -3.96 38.50 -55.75
C GLU F 144 -3.66 37.30 -54.83
N GLN F 145 -3.98 36.08 -55.27
CA GLN F 145 -3.72 34.91 -54.45
C GLN F 145 -2.20 34.76 -54.26
N VAL F 146 -1.43 34.67 -55.36
CA VAL F 146 0.02 34.56 -55.22
C VAL F 146 0.45 35.78 -54.42
N GLU F 147 -0.36 36.84 -54.48
CA GLU F 147 0.01 38.03 -53.74
C GLU F 147 -0.28 37.82 -52.28
N LYS F 148 -1.41 37.19 -52.01
CA LYS F 148 -1.84 36.88 -50.66
C LYS F 148 -0.82 35.87 -50.13
N ASN F 149 -0.31 35.08 -51.09
CA ASN F 149 0.69 34.05 -50.86
C ASN F 149 1.88 34.60 -50.03
N LYS F 150 2.72 35.44 -50.63
CA LYS F 150 3.88 36.07 -49.99
C LYS F 150 3.59 36.75 -48.62
N ILE F 151 2.40 37.38 -48.48
CA ILE F 151 2.00 38.08 -47.24
C ILE F 151 2.35 37.26 -46.02
N ASN F 152 2.18 35.95 -46.14
CA ASN F 152 2.57 35.12 -45.04
C ASN F 152 4.07 35.01 -45.21
N ASN F 153 4.76 34.69 -44.14
CA ASN F 153 6.20 34.65 -44.20
C ASN F 153 6.53 36.14 -44.24
N ARG F 154 5.61 36.94 -43.71
CA ARG F 154 5.79 38.40 -43.73
C ARG F 154 5.40 39.24 -42.51
N ILE F 155 4.60 38.69 -41.59
CA ILE F 155 4.16 39.44 -40.42
C ILE F 155 4.89 39.07 -39.12
N ALA F 156 6.22 39.06 -39.23
CA ALA F 156 7.15 38.66 -38.21
C ALA F 156 7.30 37.15 -38.67
N ASP F 157 7.99 36.96 -39.83
CA ASP F 157 8.44 35.74 -40.63
C ASP F 157 7.99 34.24 -40.37
N LYS F 158 6.66 33.99 -40.44
CA LYS F 158 6.04 32.67 -40.23
C LYS F 158 5.84 32.29 -38.75
N ALA F 159 6.41 33.04 -37.82
CA ALA F 159 6.27 32.70 -36.41
C ALA F 159 5.07 33.35 -35.70
N PHE F 160 4.95 34.69 -35.78
CA PHE F 160 3.89 35.50 -35.17
C PHE F 160 2.85 35.61 -36.29
N TYR F 161 2.96 34.71 -37.26
CA TYR F 161 1.99 34.60 -38.37
C TYR F 161 1.07 33.39 -38.30
N GLN F 162 1.66 32.24 -37.97
CA GLN F 162 0.94 31.03 -37.67
C GLN F 162 0.23 31.22 -36.30
N GLN F 163 0.02 30.11 -35.58
CA GLN F 163 -0.67 30.20 -34.30
C GLN F 163 -1.72 31.31 -34.34
N PRO F 164 -1.30 32.52 -33.99
CA PRO F 164 -2.19 33.72 -34.05
C PRO F 164 -3.15 33.93 -35.22
N ASP F 165 -2.55 34.25 -36.37
CA ASP F 165 -3.24 34.21 -37.66
C ASP F 165 -3.41 32.72 -38.03
N ALA F 166 -2.39 31.91 -37.72
CA ALA F 166 -2.44 30.49 -38.01
C ALA F 166 -3.32 29.76 -36.99
N ASP F 167 -4.57 30.20 -36.89
CA ASP F 167 -5.52 29.61 -35.96
C ASP F 167 -6.64 30.61 -35.62
N ILE F 168 -6.58 31.78 -36.26
CA ILE F 168 -7.58 32.81 -36.03
C ILE F 168 -8.98 32.21 -35.93
N UNK F 170 -5.12 17.43 -24.60
CA UNK F 170 -6.18 18.26 -25.18
C UNK F 170 -6.00 19.72 -24.80
N UNK F 171 -7.11 20.44 -24.71
CA UNK F 171 -7.07 21.86 -24.37
C UNK F 171 -5.93 22.15 -23.41
N UNK F 172 -5.78 21.31 -22.40
CA UNK F 172 -4.71 21.47 -21.41
C UNK F 172 -3.35 21.59 -22.10
N UNK F 173 -2.87 20.49 -22.66
CA UNK F 173 -1.59 20.48 -23.35
C UNK F 173 -1.48 21.64 -24.33
N UNK F 174 -2.60 21.94 -24.99
CA UNK F 174 -2.63 23.04 -25.95
C UNK F 174 -2.19 24.34 -25.30
N UNK F 175 -3.00 24.87 -24.40
CA UNK F 175 -2.68 26.10 -23.70
C UNK F 175 -1.27 26.02 -23.12
N UNK F 176 -0.88 24.82 -22.69
CA UNK F 176 0.45 24.60 -22.15
C UNK F 176 1.52 25.03 -23.16
N UNK F 177 1.67 24.24 -24.21
CA UNK F 177 2.65 24.55 -25.25
C UNK F 177 2.51 25.99 -25.72
N UNK F 178 1.29 26.51 -25.64
CA UNK F 178 1.01 27.89 -26.03
C UNK F 178 1.81 28.86 -25.18
N UNK F 179 1.43 28.99 -23.91
CA UNK F 179 2.13 29.87 -22.99
C UNK F 179 3.59 29.43 -22.87
N UNK F 180 3.91 28.30 -23.51
CA UNK F 180 5.27 27.78 -23.49
C UNK F 180 6.14 28.49 -24.52
N UNK F 181 5.74 28.43 -25.79
CA UNK F 181 6.50 29.09 -26.84
C UNK F 181 6.97 30.46 -26.34
N UNK F 182 8.05 30.46 -25.56
CA UNK F 182 8.53 31.67 -24.93
C UNK F 182 9.79 31.53 -24.07
N UNK F 183 9.97 30.37 -23.44
CA UNK F 183 11.14 30.15 -22.59
C UNK F 183 12.40 30.78 -23.19
N UNK F 184 12.37 31.08 -24.48
CA UNK F 184 13.53 31.67 -25.13
C UNK F 184 14.08 32.92 -24.45
N UNK F 185 13.42 34.05 -24.67
CA UNK F 185 13.84 35.31 -24.08
C UNK F 185 14.67 35.08 -22.81
N UNK F 186 14.20 34.18 -21.96
CA UNK F 186 14.89 33.85 -20.71
C UNK F 186 14.12 32.81 -19.90
N UNK F 187 14.01 31.61 -20.45
CA UNK F 187 13.29 30.53 -19.78
C UNK F 187 11.90 30.97 -19.34
N UNK F 188 11.05 31.29 -20.30
CA UNK F 188 9.70 31.74 -20.01
C UNK F 188 9.08 30.95 -18.85
N UNK F 189 9.46 29.68 -18.75
CA UNK F 189 8.97 28.80 -17.68
C UNK F 189 8.48 29.57 -16.46
N UNK F 190 9.34 30.44 -15.94
CA UNK F 190 8.99 31.28 -14.82
C UNK F 190 7.59 31.86 -14.97
N UNK F 191 7.34 32.53 -16.09
CA UNK F 191 6.04 33.13 -16.36
C UNK F 191 5.07 32.91 -15.20
N UNK F 192 5.45 33.40 -14.03
CA UNK F 192 4.64 33.25 -12.82
C UNK F 192 3.29 32.63 -13.12
N UNK F 193 2.49 33.31 -13.95
CA UNK F 193 1.17 32.82 -14.30
C UNK F 193 1.21 31.47 -15.01
N UNK F 194 1.83 31.45 -16.19
CA UNK F 194 1.92 30.22 -16.98
C UNK F 194 2.78 29.17 -16.30
N UNK F 195 3.18 29.55 -15.05
CA UNK F 195 4.06 28.88 -13.98
C UNK F 195 3.16 28.02 -13.01
N UNK F 196 2.25 28.75 -12.38
CA UNK F 196 1.04 28.10 -11.87
C UNK F 196 0.92 27.12 -13.06
N UNK F 197 1.36 27.68 -14.19
CA UNK F 197 1.96 26.91 -15.28
C UNK F 197 1.68 25.53 -15.36
N UNK F 198 2.77 24.97 -15.84
CA UNK F 198 2.94 23.54 -15.92
C UNK F 198 2.73 23.01 -14.50
N UNK F 199 2.70 23.92 -13.54
CA UNK F 199 2.40 23.53 -12.15
C UNK F 199 1.17 22.65 -12.07
N UNK F 200 0.02 23.22 -12.43
CA UNK F 200 -1.23 22.47 -12.53
C UNK F 200 -1.25 21.75 -13.88
N UNK F 201 -0.47 22.28 -14.83
CA UNK F 201 -0.38 21.65 -16.14
C UNK F 201 0.26 20.27 -16.01
N UNK F 202 0.52 19.86 -14.77
CA UNK F 202 1.09 18.55 -14.53
C UNK F 202 0.64 17.99 -13.18
N UNK F 203 -0.03 18.84 -12.39
CA UNK F 203 -0.46 18.50 -11.01
C UNK F 203 0.85 18.10 -10.15
#